data_2E2W
#
_entry.id   2E2W
#
_entity_poly.entity_id   1
_entity_poly.type   'polypeptide(L)'
_entity_poly.pdbx_seq_one_letter_code
;GSSGSSGKISNIFEDVEFCVMSGTDSQPKPDLENRIAEFGGYIVQNPGPDTYCVIAGSENIRVKNIILSNKHDVVKPAWL
LECFKTKSFVPWQPRFMIHMCPSTKEHFAREYD
;
_entity_poly.pdbx_strand_id   A
#
# COMPACT_ATOMS: atom_id res chain seq x y z
N GLY A 1 -14.27 -12.32 12.31
CA GLY A 1 -15.31 -13.29 12.57
C GLY A 1 -15.80 -13.96 11.31
N SER A 2 -17.03 -14.45 11.34
CA SER A 2 -17.63 -15.12 10.19
C SER A 2 -18.49 -14.15 9.38
N SER A 3 -18.90 -14.60 8.19
CA SER A 3 -19.73 -13.77 7.31
C SER A 3 -20.47 -14.64 6.30
N GLY A 4 -21.42 -14.03 5.60
CA GLY A 4 -22.19 -14.75 4.61
C GLY A 4 -21.84 -14.34 3.20
N SER A 5 -22.71 -13.56 2.56
CA SER A 5 -22.48 -13.10 1.20
C SER A 5 -21.88 -11.71 1.19
N SER A 6 -20.57 -11.63 1.40
CA SER A 6 -19.87 -10.36 1.41
C SER A 6 -20.13 -9.57 0.12
N GLY A 7 -20.16 -8.24 0.24
CA GLY A 7 -20.40 -7.41 -0.91
C GLY A 7 -19.17 -6.63 -1.34
N LYS A 8 -18.09 -7.34 -1.59
CA LYS A 8 -16.84 -6.71 -2.00
C LYS A 8 -16.87 -6.36 -3.50
N ILE A 9 -16.29 -5.22 -3.85
CA ILE A 9 -16.25 -4.78 -5.23
C ILE A 9 -15.40 -5.72 -6.09
N SER A 10 -14.25 -6.11 -5.56
CA SER A 10 -13.35 -7.00 -6.27
C SER A 10 -12.47 -7.77 -5.30
N ASN A 11 -11.66 -8.70 -5.83
CA ASN A 11 -10.78 -9.50 -5.01
C ASN A 11 -9.32 -9.30 -5.42
N ILE A 12 -9.05 -8.21 -6.12
CA ILE A 12 -7.71 -7.90 -6.58
C ILE A 12 -6.72 -7.91 -5.41
N PHE A 13 -7.16 -7.44 -4.26
CA PHE A 13 -6.31 -7.39 -3.08
C PHE A 13 -6.58 -8.60 -2.17
N GLU A 14 -7.12 -9.67 -2.76
CA GLU A 14 -7.42 -10.87 -2.01
C GLU A 14 -6.20 -11.37 -1.25
N ASP A 15 -6.39 -11.76 0.00
CA ASP A 15 -5.31 -12.25 0.83
C ASP A 15 -4.09 -11.33 0.74
N VAL A 16 -4.34 -10.03 0.78
CA VAL A 16 -3.27 -9.05 0.70
C VAL A 16 -3.34 -8.06 1.86
N GLU A 17 -2.29 -8.06 2.68
CA GLU A 17 -2.23 -7.16 3.84
C GLU A 17 -1.87 -5.75 3.41
N PHE A 18 -2.31 -4.77 4.19
CA PHE A 18 -2.04 -3.37 3.89
C PHE A 18 -1.88 -2.56 5.17
N CYS A 19 -0.88 -1.69 5.20
CA CYS A 19 -0.62 -0.85 6.37
C CYS A 19 -0.50 0.62 5.97
N VAL A 20 -1.48 1.41 6.38
CA VAL A 20 -1.49 2.84 6.05
C VAL A 20 -0.99 3.66 7.23
N MET A 21 0.01 4.50 6.98
CA MET A 21 0.58 5.35 8.02
C MET A 21 -0.01 6.74 7.97
N SER A 22 -0.16 7.27 6.75
CA SER A 22 -0.71 8.61 6.56
C SER A 22 -1.23 8.78 5.14
N GLY A 23 -2.23 9.65 4.97
CA GLY A 23 -2.80 9.89 3.66
C GLY A 23 -2.52 11.29 3.17
N THR A 24 -3.40 11.79 2.29
CA THR A 24 -3.24 13.13 1.74
C THR A 24 -4.50 13.97 1.95
N ASP A 25 -4.48 15.19 1.46
CA ASP A 25 -5.62 16.09 1.60
C ASP A 25 -6.87 15.48 0.97
N SER A 26 -6.86 15.35 -0.35
CA SER A 26 -8.00 14.78 -1.06
C SER A 26 -8.52 13.53 -0.36
N GLN A 27 -7.61 12.63 -0.03
CA GLN A 27 -7.96 11.40 0.65
C GLN A 27 -7.21 11.25 1.97
N PRO A 28 -7.97 11.17 3.08
CA PRO A 28 -7.40 11.03 4.42
C PRO A 28 -6.76 9.67 4.64
N LYS A 29 -5.91 9.58 5.65
CA LYS A 29 -5.22 8.33 5.98
C LYS A 29 -6.21 7.17 5.98
N PRO A 30 -7.24 7.26 6.84
CA PRO A 30 -8.27 6.22 6.95
C PRO A 30 -9.17 6.15 5.73
N ASP A 31 -8.71 6.74 4.62
CA ASP A 31 -9.47 6.74 3.38
C ASP A 31 -9.29 5.43 2.63
N LEU A 32 -8.04 5.05 2.39
CA LEU A 32 -7.74 3.82 1.68
C LEU A 32 -8.04 2.60 2.55
N GLU A 33 -7.79 2.73 3.85
CA GLU A 33 -8.04 1.65 4.78
C GLU A 33 -9.41 1.03 4.55
N ASN A 34 -10.42 1.88 4.43
CA ASN A 34 -11.79 1.42 4.21
C ASN A 34 -11.93 0.80 2.82
N ARG A 35 -11.47 1.52 1.80
CA ARG A 35 -11.55 1.04 0.43
C ARG A 35 -10.89 -0.33 0.29
N ILE A 36 -9.57 -0.38 0.51
CA ILE A 36 -8.83 -1.62 0.41
C ILE A 36 -9.67 -2.80 0.89
N ALA A 37 -10.08 -2.76 2.15
CA ALA A 37 -10.89 -3.83 2.72
C ALA A 37 -12.05 -4.20 1.78
N GLU A 38 -12.74 -3.19 1.28
CA GLU A 38 -13.86 -3.41 0.38
C GLU A 38 -13.42 -4.20 -0.85
N PHE A 39 -12.14 -4.09 -1.19
CA PHE A 39 -11.60 -4.78 -2.35
C PHE A 39 -10.99 -6.12 -1.94
N GLY A 40 -11.44 -6.65 -0.81
CA GLY A 40 -10.92 -7.92 -0.33
C GLY A 40 -9.50 -7.81 0.16
N GLY A 41 -9.22 -6.78 0.95
CA GLY A 41 -7.88 -6.58 1.47
C GLY A 41 -7.85 -6.50 2.98
N TYR A 42 -6.68 -6.76 3.57
CA TYR A 42 -6.54 -6.71 5.02
C TYR A 42 -5.80 -5.45 5.45
N ILE A 43 -6.30 -4.82 6.52
CA ILE A 43 -5.69 -3.60 7.03
C ILE A 43 -5.17 -3.80 8.45
N VAL A 44 -3.88 -3.56 8.64
CA VAL A 44 -3.26 -3.72 9.95
C VAL A 44 -2.79 -2.37 10.50
N GLN A 45 -2.12 -2.40 11.64
CA GLN A 45 -1.61 -1.19 12.27
C GLN A 45 -0.11 -1.07 12.10
N ASN A 46 0.61 -2.16 12.40
CA ASN A 46 2.06 -2.17 12.29
C ASN A 46 2.52 -3.23 11.28
N PRO A 47 3.48 -2.87 10.43
CA PRO A 47 4.02 -3.77 9.41
C PRO A 47 4.85 -4.90 10.01
N GLY A 48 4.66 -6.10 9.50
CA GLY A 48 5.40 -7.24 10.00
C GLY A 48 5.85 -8.18 8.90
N PRO A 49 6.12 -9.45 9.26
CA PRO A 49 6.56 -10.46 8.31
C PRO A 49 5.45 -10.87 7.34
N ASP A 50 4.21 -10.64 7.74
CA ASP A 50 3.06 -10.98 6.92
C ASP A 50 2.38 -9.72 6.37
N THR A 51 3.19 -8.78 5.89
CA THR A 51 2.68 -7.54 5.35
C THR A 51 3.18 -7.29 3.94
N TYR A 52 2.27 -6.99 3.03
CA TYR A 52 2.64 -6.74 1.63
C TYR A 52 3.53 -5.52 1.51
N CYS A 53 3.03 -4.37 1.96
CA CYS A 53 3.79 -3.13 1.90
C CYS A 53 3.10 -2.03 2.70
N VAL A 54 3.74 -0.87 2.80
CA VAL A 54 3.19 0.25 3.55
C VAL A 54 2.75 1.37 2.61
N ILE A 55 1.77 2.15 3.04
CA ILE A 55 1.26 3.26 2.24
C ILE A 55 1.41 4.58 2.98
N ALA A 56 2.33 5.42 2.50
CA ALA A 56 2.56 6.72 3.11
C ALA A 56 2.77 7.80 2.04
N GLY A 57 1.92 8.83 2.10
CA GLY A 57 2.03 9.92 1.13
C GLY A 57 3.19 10.84 1.43
N SER A 58 3.65 10.84 2.66
CA SER A 58 4.76 11.70 3.08
C SER A 58 5.58 11.04 4.17
N GLU A 59 6.58 11.75 4.67
CA GLU A 59 7.44 11.25 5.73
C GLU A 59 6.92 11.67 7.10
N ASN A 60 6.70 10.69 7.96
CA ASN A 60 6.20 10.96 9.31
C ASN A 60 7.01 10.21 10.36
N ILE A 61 6.67 10.40 11.62
CA ILE A 61 7.37 9.74 12.71
C ILE A 61 7.37 8.22 12.53
N ARG A 62 6.18 7.62 12.61
CA ARG A 62 6.04 6.18 12.45
C ARG A 62 6.70 5.71 11.15
N VAL A 63 6.26 6.27 10.03
CA VAL A 63 6.80 5.91 8.73
C VAL A 63 8.32 5.82 8.78
N LYS A 64 8.95 6.84 9.33
CA LYS A 64 10.40 6.87 9.44
C LYS A 64 10.94 5.56 10.01
N ASN A 65 10.54 5.25 11.24
CA ASN A 65 10.99 4.02 11.90
C ASN A 65 11.05 2.86 10.90
N ILE A 66 9.98 2.69 10.13
CA ILE A 66 9.91 1.63 9.14
C ILE A 66 11.01 1.78 8.09
N ILE A 67 11.30 3.03 7.74
CA ILE A 67 12.33 3.31 6.75
C ILE A 67 13.72 2.96 7.27
N LEU A 68 14.01 3.40 8.49
CA LEU A 68 15.30 3.13 9.13
C LEU A 68 15.63 1.64 9.06
N SER A 69 14.65 0.81 9.43
CA SER A 69 14.84 -0.63 9.43
C SER A 69 15.23 -1.13 8.04
N ASN A 70 14.81 -0.39 7.01
CA ASN A 70 15.12 -0.75 5.63
C ASN A 70 14.74 -2.20 5.36
N LYS A 71 13.58 -2.61 5.85
CA LYS A 71 13.09 -3.97 5.65
C LYS A 71 11.89 -4.00 4.72
N HIS A 72 10.96 -3.09 4.94
CA HIS A 72 9.75 -3.00 4.12
C HIS A 72 9.90 -1.91 3.06
N ASP A 73 8.86 -1.74 2.25
CA ASP A 73 8.85 -0.73 1.20
C ASP A 73 7.69 0.24 1.38
N VAL A 74 7.96 1.52 1.13
CA VAL A 74 6.93 2.54 1.26
C VAL A 74 6.35 2.91 -0.09
N VAL A 75 5.03 3.14 -0.12
CA VAL A 75 4.35 3.50 -1.36
C VAL A 75 3.36 4.64 -1.13
N LYS A 76 3.15 5.44 -2.15
CA LYS A 76 2.22 6.57 -2.07
C LYS A 76 0.78 6.07 -2.03
N PRO A 77 -0.09 6.84 -1.34
CA PRO A 77 -1.50 6.51 -1.20
C PRO A 77 -2.26 6.67 -2.51
N ALA A 78 -1.62 7.29 -3.49
CA ALA A 78 -2.23 7.51 -4.80
C ALA A 78 -2.33 6.21 -5.59
N TRP A 79 -1.21 5.48 -5.63
CA TRP A 79 -1.16 4.21 -6.36
C TRP A 79 -2.41 3.38 -6.09
N LEU A 80 -2.90 3.45 -4.86
CA LEU A 80 -4.09 2.70 -4.47
C LEU A 80 -5.31 3.15 -5.27
N LEU A 81 -5.42 4.47 -5.46
CA LEU A 81 -6.54 5.03 -6.21
C LEU A 81 -6.61 4.42 -7.61
N GLU A 82 -5.49 4.46 -8.32
CA GLU A 82 -5.44 3.92 -9.67
C GLU A 82 -6.12 2.56 -9.75
N CYS A 83 -6.06 1.82 -8.65
CA CYS A 83 -6.69 0.50 -8.59
C CYS A 83 -8.19 0.61 -8.34
N PHE A 84 -8.58 1.64 -7.60
CA PHE A 84 -10.00 1.86 -7.29
C PHE A 84 -10.73 2.44 -8.49
N LYS A 85 -10.00 3.20 -9.30
CA LYS A 85 -10.59 3.81 -10.49
C LYS A 85 -10.65 2.83 -11.65
N THR A 86 -9.69 1.91 -11.69
CA THR A 86 -9.63 0.91 -12.74
C THR A 86 -10.08 -0.45 -12.23
N LYS A 87 -10.28 -0.55 -10.92
CA LYS A 87 -10.71 -1.80 -10.30
C LYS A 87 -9.81 -2.96 -10.73
N SER A 88 -8.50 -2.71 -10.75
CA SER A 88 -7.54 -3.73 -11.14
C SER A 88 -6.22 -3.54 -10.40
N PHE A 89 -5.38 -4.58 -10.42
CA PHE A 89 -4.08 -4.51 -9.76
C PHE A 89 -3.06 -3.77 -10.61
N VAL A 90 -2.98 -2.45 -10.41
CA VAL A 90 -2.05 -1.63 -11.16
C VAL A 90 -0.61 -1.99 -10.84
N PRO A 91 0.25 -2.03 -11.88
CA PRO A 91 1.66 -2.37 -11.74
C PRO A 91 2.45 -1.28 -11.01
N TRP A 92 3.30 -1.70 -10.08
CA TRP A 92 4.11 -0.75 -9.31
C TRP A 92 4.90 0.16 -10.24
N GLN A 93 5.05 1.41 -9.84
CA GLN A 93 5.79 2.40 -10.62
C GLN A 93 6.83 3.12 -9.77
N PRO A 94 7.85 3.68 -10.44
CA PRO A 94 8.92 4.41 -9.77
C PRO A 94 8.45 5.74 -9.17
N ARG A 95 7.26 6.17 -9.59
CA ARG A 95 6.68 7.42 -9.10
C ARG A 95 5.81 7.17 -7.87
N PHE A 96 5.34 5.94 -7.72
CA PHE A 96 4.49 5.57 -6.60
C PHE A 96 5.33 5.12 -5.41
N MET A 97 6.30 4.24 -5.67
CA MET A 97 7.17 3.73 -4.62
C MET A 97 8.08 4.83 -4.09
N ILE A 98 8.19 4.92 -2.77
CA ILE A 98 9.04 5.93 -2.14
C ILE A 98 10.32 5.31 -1.59
N HIS A 99 10.21 4.08 -1.09
CA HIS A 99 11.36 3.37 -0.54
C HIS A 99 11.23 1.87 -0.78
N MET A 100 12.27 1.29 -1.38
CA MET A 100 12.28 -0.14 -1.67
C MET A 100 13.58 -0.79 -1.21
N CYS A 101 13.47 -1.92 -0.53
CA CYS A 101 14.63 -2.64 -0.03
C CYS A 101 15.74 -2.66 -1.06
N PRO A 102 16.98 -2.93 -0.61
CA PRO A 102 18.15 -2.99 -1.48
C PRO A 102 18.12 -4.20 -2.40
N SER A 103 17.19 -5.12 -2.14
CA SER A 103 17.07 -6.33 -2.94
C SER A 103 16.06 -6.13 -4.07
N THR A 104 15.16 -5.17 -3.89
CA THR A 104 14.15 -4.88 -4.90
C THR A 104 14.53 -3.66 -5.73
N LYS A 105 15.05 -2.64 -5.07
CA LYS A 105 15.46 -1.41 -5.75
C LYS A 105 16.43 -1.74 -6.89
N GLU A 106 17.36 -2.65 -6.64
CA GLU A 106 18.33 -3.04 -7.65
C GLU A 106 17.65 -3.45 -8.94
N HIS A 107 16.56 -4.21 -8.82
CA HIS A 107 15.82 -4.68 -9.98
C HIS A 107 15.31 -3.49 -10.81
N PHE A 108 14.80 -2.48 -10.12
CA PHE A 108 14.28 -1.29 -10.79
C PHE A 108 15.39 -0.53 -11.48
N ALA A 109 16.54 -0.43 -10.81
CA ALA A 109 17.69 0.28 -11.37
C ALA A 109 17.92 -0.12 -12.83
N ARG A 110 17.89 -1.42 -13.10
CA ARG A 110 18.10 -1.93 -14.45
C ARG A 110 17.03 -1.40 -15.40
N GLU A 111 15.78 -1.52 -15.00
CA GLU A 111 14.66 -1.06 -15.82
C GLU A 111 14.91 0.36 -16.33
N TYR A 112 15.37 1.23 -15.43
CA TYR A 112 15.65 2.62 -15.79
C TYR A 112 16.53 2.69 -17.02
N ASP A 113 17.64 1.96 -17.00
CA ASP A 113 18.57 1.95 -18.12
C ASP A 113 17.87 1.51 -19.41
N GLY A 1 -25.78 -16.58 -6.08
CA GLY A 1 -24.38 -16.87 -6.35
C GLY A 1 -23.56 -17.07 -5.08
N SER A 2 -23.00 -18.26 -4.92
CA SER A 2 -22.20 -18.58 -3.74
C SER A 2 -20.78 -18.04 -3.89
N SER A 3 -20.20 -18.23 -5.07
CA SER A 3 -18.85 -17.76 -5.34
C SER A 3 -18.82 -16.25 -5.54
N GLY A 4 -18.26 -15.55 -4.57
CA GLY A 4 -18.18 -14.10 -4.64
C GLY A 4 -19.55 -13.45 -4.76
N SER A 5 -19.63 -12.39 -5.55
CA SER A 5 -20.89 -11.66 -5.73
C SER A 5 -21.62 -11.50 -4.41
N SER A 6 -20.90 -11.02 -3.40
CA SER A 6 -21.49 -10.82 -2.08
C SER A 6 -21.57 -9.33 -1.74
N GLY A 7 -20.40 -8.67 -1.72
CA GLY A 7 -20.36 -7.25 -1.41
C GLY A 7 -19.10 -6.59 -1.92
N LYS A 8 -17.95 -7.18 -1.61
CA LYS A 8 -16.67 -6.64 -2.04
C LYS A 8 -16.69 -6.30 -3.53
N ILE A 9 -16.28 -5.08 -3.85
CA ILE A 9 -16.26 -4.63 -5.24
C ILE A 9 -15.46 -5.60 -6.12
N SER A 10 -14.32 -6.04 -5.60
CA SER A 10 -13.46 -6.97 -6.34
C SER A 10 -12.56 -7.75 -5.39
N ASN A 11 -11.86 -8.74 -5.92
CA ASN A 11 -10.96 -9.56 -5.13
C ASN A 11 -9.54 -9.48 -5.65
N ILE A 12 -9.17 -8.30 -6.15
CA ILE A 12 -7.83 -8.08 -6.69
C ILE A 12 -6.79 -8.09 -5.57
N PHE A 13 -7.22 -7.77 -4.37
CA PHE A 13 -6.33 -7.74 -3.22
C PHE A 13 -6.59 -8.92 -2.29
N GLU A 14 -7.21 -9.97 -2.84
CA GLU A 14 -7.51 -11.16 -2.07
C GLU A 14 -6.24 -11.76 -1.47
N ASP A 15 -6.28 -12.01 -0.15
CA ASP A 15 -5.13 -12.57 0.54
C ASP A 15 -3.94 -11.63 0.50
N VAL A 16 -4.22 -10.33 0.60
CA VAL A 16 -3.17 -9.31 0.57
C VAL A 16 -3.33 -8.33 1.74
N GLU A 17 -2.28 -8.21 2.55
CA GLU A 17 -2.31 -7.30 3.68
C GLU A 17 -1.82 -5.91 3.29
N PHE A 18 -2.21 -4.91 4.08
CA PHE A 18 -1.80 -3.53 3.80
C PHE A 18 -1.56 -2.77 5.10
N CYS A 19 -0.58 -1.88 5.08
CA CYS A 19 -0.24 -1.09 6.26
C CYS A 19 -0.15 0.40 5.91
N VAL A 20 -1.20 1.14 6.26
CA VAL A 20 -1.25 2.57 5.99
C VAL A 20 -0.73 3.38 7.18
N MET A 21 0.16 4.32 6.90
CA MET A 21 0.73 5.16 7.94
C MET A 21 0.09 6.55 7.94
N SER A 22 -0.13 7.08 6.75
CA SER A 22 -0.73 8.41 6.61
C SER A 22 -1.23 8.62 5.19
N GLY A 23 -2.23 9.49 5.05
CA GLY A 23 -2.79 9.78 3.74
C GLY A 23 -2.44 11.17 3.25
N THR A 24 -3.22 11.67 2.30
CA THR A 24 -2.98 13.00 1.74
C THR A 24 -4.09 13.97 2.16
N ASP A 25 -3.99 15.21 1.68
CA ASP A 25 -4.97 16.24 2.01
C ASP A 25 -6.37 15.80 1.57
N SER A 26 -6.52 15.51 0.29
CA SER A 26 -7.81 15.08 -0.26
C SER A 26 -8.25 13.77 0.36
N GLN A 27 -7.33 12.81 0.44
CA GLN A 27 -7.63 11.50 1.01
C GLN A 27 -6.91 11.31 2.34
N PRO A 28 -7.69 11.09 3.41
CA PRO A 28 -7.15 10.89 4.76
C PRO A 28 -6.41 9.56 4.90
N LYS A 29 -5.90 9.29 6.09
CA LYS A 29 -5.18 8.06 6.35
C LYS A 29 -6.11 6.85 6.26
N PRO A 30 -7.17 6.85 7.08
CA PRO A 30 -8.14 5.76 7.10
C PRO A 30 -9.01 5.74 5.84
N ASP A 31 -8.65 6.56 4.87
CA ASP A 31 -9.39 6.63 3.61
C ASP A 31 -9.25 5.33 2.83
N LEU A 32 -8.02 4.83 2.72
CA LEU A 32 -7.75 3.60 1.99
C LEU A 32 -8.15 2.38 2.83
N GLU A 33 -7.83 2.43 4.12
CA GLU A 33 -8.16 1.33 5.02
C GLU A 33 -9.57 0.81 4.74
N ASN A 34 -10.51 1.72 4.54
CA ASN A 34 -11.89 1.36 4.27
C ASN A 34 -12.06 0.82 2.86
N ARG A 35 -11.47 1.53 1.90
CA ARG A 35 -11.54 1.12 0.51
C ARG A 35 -10.88 -0.25 0.29
N ILE A 36 -9.57 -0.30 0.52
CA ILE A 36 -8.82 -1.54 0.36
C ILE A 36 -9.63 -2.73 0.86
N ALA A 37 -10.06 -2.66 2.11
CA ALA A 37 -10.84 -3.74 2.70
C ALA A 37 -12.00 -4.15 1.79
N GLU A 38 -12.72 -3.17 1.27
CA GLU A 38 -13.85 -3.43 0.39
C GLU A 38 -13.40 -4.16 -0.87
N PHE A 39 -12.11 -4.05 -1.18
CA PHE A 39 -11.54 -4.70 -2.35
C PHE A 39 -11.03 -6.10 -2.00
N GLY A 40 -11.41 -6.59 -0.84
CA GLY A 40 -10.98 -7.91 -0.41
C GLY A 40 -9.55 -7.90 0.12
N GLY A 41 -9.18 -6.81 0.79
CA GLY A 41 -7.84 -6.70 1.34
C GLY A 41 -7.84 -6.56 2.85
N TYR A 42 -6.68 -6.78 3.46
CA TYR A 42 -6.55 -6.67 4.91
C TYR A 42 -5.85 -5.37 5.30
N ILE A 43 -6.22 -4.82 6.45
CA ILE A 43 -5.62 -3.59 6.94
C ILE A 43 -5.14 -3.75 8.38
N VAL A 44 -3.92 -3.32 8.64
CA VAL A 44 -3.34 -3.40 9.98
C VAL A 44 -2.82 -2.06 10.45
N GLN A 45 -2.19 -2.03 11.62
CA GLN A 45 -1.64 -0.80 12.17
C GLN A 45 -0.12 -0.77 12.05
N ASN A 46 0.51 -1.89 12.39
CA ASN A 46 1.97 -1.99 12.32
C ASN A 46 2.38 -3.04 11.29
N PRO A 47 3.40 -2.69 10.48
CA PRO A 47 3.92 -3.58 9.44
C PRO A 47 4.66 -4.78 10.02
N GLY A 48 4.33 -5.97 9.52
CA GLY A 48 4.97 -7.18 10.00
C GLY A 48 5.40 -8.11 8.88
N PRO A 49 5.56 -9.40 9.19
CA PRO A 49 5.95 -10.41 8.22
C PRO A 49 4.86 -10.70 7.19
N ASP A 50 3.62 -10.36 7.55
CA ASP A 50 2.48 -10.57 6.66
C ASP A 50 1.95 -9.25 6.12
N THR A 51 2.87 -8.38 5.70
CA THR A 51 2.50 -7.08 5.16
C THR A 51 3.05 -6.90 3.74
N TYR A 52 2.15 -6.54 2.82
CA TYR A 52 2.54 -6.34 1.43
C TYR A 52 3.51 -5.16 1.30
N CYS A 53 3.10 -4.01 1.84
CA CYS A 53 3.92 -2.81 1.79
C CYS A 53 3.33 -1.71 2.65
N VAL A 54 4.05 -0.59 2.76
CA VAL A 54 3.59 0.55 3.56
C VAL A 54 3.05 1.66 2.67
N ILE A 55 1.94 2.25 3.07
CA ILE A 55 1.32 3.33 2.32
C ILE A 55 1.46 4.66 3.05
N ALA A 56 2.29 5.54 2.51
CA ALA A 56 2.51 6.85 3.11
C ALA A 56 2.55 7.94 2.04
N GLY A 57 1.70 8.95 2.20
CA GLY A 57 1.66 10.04 1.25
C GLY A 57 2.80 11.01 1.43
N SER A 58 3.38 11.03 2.62
CA SER A 58 4.49 11.92 2.92
C SER A 58 5.29 11.42 4.12
N GLU A 59 6.60 11.64 4.09
CA GLU A 59 7.46 11.21 5.18
C GLU A 59 6.93 11.68 6.52
N ASN A 60 6.95 10.79 7.51
CA ASN A 60 6.46 11.11 8.85
C ASN A 60 7.21 10.31 9.91
N ILE A 61 7.12 10.75 11.15
CA ILE A 61 7.78 10.07 12.26
C ILE A 61 7.62 8.56 12.15
N ARG A 62 6.38 8.10 12.30
CA ARG A 62 6.08 6.67 12.22
C ARG A 62 6.75 6.05 11.00
N VAL A 63 6.35 6.50 9.82
CA VAL A 63 6.90 5.97 8.57
C VAL A 63 8.41 5.82 8.67
N LYS A 64 9.08 6.86 9.16
CA LYS A 64 10.53 6.85 9.30
C LYS A 64 10.99 5.56 10.00
N ASN A 65 10.50 5.34 11.21
CA ASN A 65 10.86 4.15 11.97
C ASN A 65 10.91 2.91 11.07
N ILE A 66 9.93 2.81 10.17
CA ILE A 66 9.86 1.68 9.25
C ILE A 66 11.00 1.73 8.23
N ILE A 67 11.34 2.94 7.79
CA ILE A 67 12.42 3.12 6.82
C ILE A 67 13.76 2.66 7.40
N LEU A 68 14.07 3.14 8.60
CA LEU A 68 15.32 2.77 9.26
C LEU A 68 15.50 1.25 9.28
N SER A 69 14.51 0.55 9.82
CA SER A 69 14.56 -0.90 9.90
C SER A 69 15.01 -1.51 8.58
N ASN A 70 14.56 -0.90 7.47
CA ASN A 70 14.92 -1.38 6.14
C ASN A 70 14.37 -2.78 5.91
N LYS A 71 13.15 -3.02 6.37
CA LYS A 71 12.50 -4.32 6.20
C LYS A 71 11.38 -4.25 5.17
N HIS A 72 10.65 -3.15 5.18
CA HIS A 72 9.54 -2.96 4.25
C HIS A 72 9.83 -1.78 3.30
N ASP A 73 8.88 -1.50 2.41
CA ASP A 73 9.02 -0.42 1.45
C ASP A 73 7.89 0.59 1.60
N VAL A 74 8.14 1.83 1.16
CA VAL A 74 7.14 2.87 1.24
C VAL A 74 6.49 3.12 -0.12
N VAL A 75 5.16 3.29 -0.12
CA VAL A 75 4.42 3.53 -1.34
C VAL A 75 3.41 4.66 -1.16
N LYS A 76 3.14 5.38 -2.24
CA LYS A 76 2.19 6.49 -2.21
C LYS A 76 0.76 5.98 -2.13
N PRO A 77 -0.10 6.71 -1.42
CA PRO A 77 -1.51 6.36 -1.26
C PRO A 77 -2.30 6.52 -2.55
N ALA A 78 -1.66 7.06 -3.57
CA ALA A 78 -2.30 7.26 -4.87
C ALA A 78 -2.36 5.96 -5.65
N TRP A 79 -1.23 5.26 -5.72
CA TRP A 79 -1.17 3.99 -6.45
C TRP A 79 -2.43 3.18 -6.24
N LEU A 80 -2.99 3.25 -5.04
CA LEU A 80 -4.20 2.52 -4.70
C LEU A 80 -5.39 3.03 -5.52
N LEU A 81 -5.48 4.36 -5.64
CA LEU A 81 -6.57 4.97 -6.39
C LEU A 81 -6.63 4.42 -7.81
N GLU A 82 -5.47 4.22 -8.42
CA GLU A 82 -5.39 3.69 -9.78
C GLU A 82 -6.11 2.36 -9.88
N CYS A 83 -6.28 1.70 -8.74
CA CYS A 83 -6.96 0.40 -8.70
C CYS A 83 -8.44 0.56 -8.41
N PHE A 84 -8.79 1.66 -7.73
CA PHE A 84 -10.18 1.93 -7.38
C PHE A 84 -10.95 2.43 -8.60
N LYS A 85 -10.23 3.04 -9.54
CA LYS A 85 -10.84 3.57 -10.75
C LYS A 85 -10.87 2.52 -11.86
N THR A 86 -9.85 1.67 -11.89
CA THR A 86 -9.74 0.62 -12.89
C THR A 86 -10.17 -0.73 -12.31
N LYS A 87 -10.42 -0.75 -11.01
CA LYS A 87 -10.84 -1.98 -10.35
C LYS A 87 -9.94 -3.14 -10.74
N SER A 88 -8.64 -2.88 -10.83
CA SER A 88 -7.68 -3.91 -11.20
C SER A 88 -6.38 -3.74 -10.42
N PHE A 89 -5.50 -4.73 -10.51
CA PHE A 89 -4.22 -4.70 -9.81
C PHE A 89 -3.19 -3.91 -10.62
N VAL A 90 -3.06 -2.62 -10.30
CA VAL A 90 -2.12 -1.76 -10.99
C VAL A 90 -0.68 -2.11 -10.62
N PRO A 91 0.20 -2.16 -11.63
CA PRO A 91 1.61 -2.49 -11.44
C PRO A 91 2.37 -1.38 -10.71
N TRP A 92 3.44 -1.76 -10.03
CA TRP A 92 4.25 -0.80 -9.28
C TRP A 92 4.97 0.16 -10.24
N GLN A 93 5.09 1.42 -9.83
CA GLN A 93 5.75 2.43 -10.65
C GLN A 93 6.80 3.18 -9.84
N PRO A 94 7.80 3.73 -10.54
CA PRO A 94 8.89 4.48 -9.91
C PRO A 94 8.42 5.82 -9.34
N ARG A 95 7.17 6.17 -9.65
CA ARG A 95 6.60 7.43 -9.16
C ARG A 95 5.73 7.19 -7.93
N PHE A 96 5.29 5.95 -7.75
CA PHE A 96 4.44 5.60 -6.62
C PHE A 96 5.29 5.27 -5.40
N MET A 97 6.40 4.57 -5.64
CA MET A 97 7.30 4.18 -4.55
C MET A 97 8.10 5.38 -4.05
N ILE A 98 8.50 5.34 -2.79
CA ILE A 98 9.28 6.42 -2.19
C ILE A 98 10.56 5.90 -1.57
N HIS A 99 10.53 4.64 -1.14
CA HIS A 99 11.71 4.01 -0.52
C HIS A 99 11.68 2.51 -0.73
N MET A 100 12.78 1.98 -1.25
CA MET A 100 12.89 0.54 -1.51
C MET A 100 14.27 0.03 -1.12
N CYS A 101 14.31 -1.17 -0.52
CA CYS A 101 15.57 -1.77 -0.10
C CYS A 101 16.58 -1.78 -1.24
N PRO A 102 17.86 -1.95 -0.90
CA PRO A 102 18.95 -1.98 -1.88
C PRO A 102 18.93 -3.25 -2.73
N SER A 103 18.22 -4.26 -2.24
CA SER A 103 18.12 -5.53 -2.96
C SER A 103 17.01 -5.47 -4.01
N THR A 104 16.03 -4.61 -3.77
CA THR A 104 14.91 -4.46 -4.69
C THR A 104 15.14 -3.29 -5.64
N LYS A 105 15.76 -2.23 -5.15
CA LYS A 105 16.03 -1.04 -5.95
C LYS A 105 16.87 -1.41 -7.17
N GLU A 106 17.79 -2.35 -7.01
CA GLU A 106 18.65 -2.78 -8.09
C GLU A 106 17.82 -3.29 -9.27
N HIS A 107 16.78 -4.05 -8.96
CA HIS A 107 15.90 -4.59 -9.99
C HIS A 107 15.30 -3.48 -10.84
N PHE A 108 14.96 -2.37 -10.20
CA PHE A 108 14.37 -1.23 -10.90
C PHE A 108 15.42 -0.51 -11.74
N ALA A 109 16.66 -0.50 -11.24
CA ALA A 109 17.75 0.16 -11.96
C ALA A 109 18.07 -0.56 -13.26
N ARG A 110 17.87 -1.87 -13.27
CA ARG A 110 18.13 -2.67 -14.47
C ARG A 110 16.92 -2.67 -15.40
N GLU A 111 15.78 -2.21 -14.89
CA GLU A 111 14.56 -2.16 -15.68
C GLU A 111 14.61 -1.02 -16.70
N TYR A 112 14.95 0.17 -16.23
CA TYR A 112 15.03 1.34 -17.10
C TYR A 112 15.55 0.95 -18.49
N ASP A 113 16.58 0.10 -18.51
CA ASP A 113 17.16 -0.35 -19.77
C ASP A 113 16.07 -0.69 -20.78
N GLY A 1 -17.82 -15.47 13.33
CA GLY A 1 -17.92 -14.57 12.19
C GLY A 1 -18.26 -13.16 12.59
N SER A 2 -17.53 -12.19 12.03
CA SER A 2 -17.77 -10.78 12.34
C SER A 2 -18.52 -10.10 11.21
N SER A 3 -19.11 -8.94 11.51
CA SER A 3 -19.87 -8.19 10.52
C SER A 3 -19.03 -7.93 9.27
N GLY A 4 -19.36 -8.61 8.19
CA GLY A 4 -18.62 -8.45 6.94
C GLY A 4 -19.37 -7.58 5.95
N SER A 5 -18.64 -6.67 5.30
CA SER A 5 -19.24 -5.76 4.33
C SER A 5 -20.30 -6.48 3.50
N SER A 6 -21.31 -5.74 3.06
CA SER A 6 -22.39 -6.30 2.28
C SER A 6 -21.84 -7.12 1.11
N GLY A 7 -20.93 -6.52 0.34
CA GLY A 7 -20.33 -7.20 -0.79
C GLY A 7 -19.13 -6.47 -1.34
N LYS A 8 -18.01 -7.18 -1.48
CA LYS A 8 -16.78 -6.60 -2.00
C LYS A 8 -16.92 -6.29 -3.48
N ILE A 9 -16.30 -5.20 -3.91
CA ILE A 9 -16.35 -4.79 -5.32
C ILE A 9 -15.50 -5.71 -6.18
N SER A 10 -14.34 -6.10 -5.66
CA SER A 10 -13.43 -6.97 -6.39
C SER A 10 -12.57 -7.79 -5.42
N ASN A 11 -11.85 -8.76 -5.96
CA ASN A 11 -10.98 -9.62 -5.15
C ASN A 11 -9.53 -9.53 -5.62
N ILE A 12 -9.13 -8.34 -6.08
CA ILE A 12 -7.77 -8.13 -6.56
C ILE A 12 -6.77 -8.13 -5.41
N PHE A 13 -7.25 -7.75 -4.22
CA PHE A 13 -6.41 -7.70 -3.04
C PHE A 13 -6.73 -8.85 -2.09
N GLU A 14 -7.26 -9.94 -2.63
CA GLU A 14 -7.62 -11.10 -1.84
C GLU A 14 -6.39 -11.72 -1.18
N ASP A 15 -6.46 -11.91 0.12
CA ASP A 15 -5.34 -12.49 0.87
C ASP A 15 -4.13 -11.55 0.86
N VAL A 16 -4.40 -10.26 0.74
CA VAL A 16 -3.33 -9.26 0.71
C VAL A 16 -3.46 -8.30 1.89
N GLU A 17 -2.41 -8.21 2.69
CA GLU A 17 -2.40 -7.32 3.85
C GLU A 17 -1.90 -5.94 3.47
N PHE A 18 -2.41 -4.92 4.17
CA PHE A 18 -2.02 -3.54 3.89
C PHE A 18 -1.79 -2.78 5.20
N CYS A 19 -0.82 -1.87 5.18
CA CYS A 19 -0.51 -1.08 6.37
C CYS A 19 -0.38 0.40 6.01
N VAL A 20 -1.38 1.18 6.37
CA VAL A 20 -1.38 2.61 6.09
C VAL A 20 -0.86 3.41 7.28
N MET A 21 0.06 4.33 7.00
CA MET A 21 0.65 5.16 8.05
C MET A 21 0.04 6.56 8.03
N SER A 22 -0.08 7.13 6.84
CA SER A 22 -0.64 8.47 6.68
C SER A 22 -1.12 8.70 5.25
N GLY A 23 -2.10 9.58 5.09
CA GLY A 23 -2.65 9.88 3.78
C GLY A 23 -2.25 11.25 3.29
N THR A 24 -3.06 11.81 2.39
CA THR A 24 -2.79 13.13 1.84
C THR A 24 -3.88 14.12 2.26
N ASP A 25 -3.77 15.35 1.75
CA ASP A 25 -4.74 16.39 2.06
C ASP A 25 -6.15 15.99 1.61
N SER A 26 -6.29 15.77 0.31
CA SER A 26 -7.58 15.38 -0.26
C SER A 26 -8.08 14.08 0.36
N GLN A 27 -7.20 13.09 0.45
CA GLN A 27 -7.55 11.80 1.02
C GLN A 27 -6.82 11.58 2.34
N PRO A 28 -7.60 11.33 3.41
CA PRO A 28 -7.05 11.09 4.75
C PRO A 28 -6.32 9.76 4.85
N LYS A 29 -5.82 9.46 6.04
CA LYS A 29 -5.10 8.20 6.27
C LYS A 29 -6.04 7.00 6.12
N PRO A 30 -7.09 6.97 6.94
CA PRO A 30 -8.08 5.89 6.93
C PRO A 30 -8.94 5.90 5.66
N ASP A 31 -8.59 6.78 4.73
CA ASP A 31 -9.32 6.90 3.47
C ASP A 31 -9.19 5.62 2.65
N LEU A 32 -7.98 5.11 2.55
CA LEU A 32 -7.72 3.89 1.78
C LEU A 32 -8.15 2.66 2.57
N GLU A 33 -7.83 2.64 3.87
CA GLU A 33 -8.17 1.53 4.73
C GLU A 33 -9.60 1.04 4.45
N ASN A 34 -10.52 1.99 4.30
CA ASN A 34 -11.91 1.67 4.02
C ASN A 34 -12.07 1.05 2.64
N ARG A 35 -11.56 1.73 1.62
CA ARG A 35 -11.63 1.24 0.25
C ARG A 35 -10.95 -0.11 0.12
N ILE A 36 -9.64 -0.15 0.37
CA ILE A 36 -8.89 -1.38 0.28
C ILE A 36 -9.71 -2.58 0.73
N ALA A 37 -10.19 -2.53 1.98
CA ALA A 37 -11.00 -3.61 2.52
C ALA A 37 -12.10 -4.03 1.55
N GLU A 38 -12.81 -3.05 1.02
CA GLU A 38 -13.89 -3.31 0.08
C GLU A 38 -13.39 -4.13 -1.11
N PHE A 39 -12.10 -4.01 -1.40
CA PHE A 39 -11.50 -4.74 -2.51
C PHE A 39 -10.95 -6.09 -2.03
N GLY A 40 -11.47 -6.57 -0.90
CA GLY A 40 -11.02 -7.83 -0.37
C GLY A 40 -9.60 -7.78 0.16
N GLY A 41 -9.24 -6.65 0.79
CA GLY A 41 -7.91 -6.49 1.32
C GLY A 41 -7.91 -6.38 2.84
N TYR A 42 -6.80 -6.78 3.46
CA TYR A 42 -6.68 -6.73 4.91
C TYR A 42 -5.91 -5.49 5.34
N ILE A 43 -6.43 -4.79 6.35
CA ILE A 43 -5.79 -3.59 6.86
C ILE A 43 -5.34 -3.77 8.30
N VAL A 44 -4.04 -3.57 8.54
CA VAL A 44 -3.48 -3.71 9.87
C VAL A 44 -2.99 -2.37 10.41
N GLN A 45 -2.37 -2.39 11.59
CA GLN A 45 -1.86 -1.19 12.21
C GLN A 45 -0.35 -1.09 12.07
N ASN A 46 0.33 -2.20 12.34
CA ASN A 46 1.80 -2.24 12.25
C ASN A 46 2.24 -3.32 11.26
N PRO A 47 3.25 -2.99 10.44
CA PRO A 47 3.79 -3.92 9.44
C PRO A 47 4.56 -5.07 10.07
N GLY A 48 4.35 -6.27 9.56
CA GLY A 48 5.03 -7.44 10.09
C GLY A 48 5.54 -8.36 8.99
N PRO A 49 5.80 -9.63 9.35
CA PRO A 49 6.30 -10.63 8.41
C PRO A 49 5.24 -11.03 7.39
N ASP A 50 3.98 -10.89 7.77
CA ASP A 50 2.88 -11.24 6.87
C ASP A 50 2.23 -9.99 6.29
N THR A 51 3.06 -9.03 5.89
CA THR A 51 2.58 -7.79 5.31
C THR A 51 3.14 -7.57 3.91
N TYR A 52 2.35 -6.94 3.05
CA TYR A 52 2.76 -6.67 1.68
C TYR A 52 3.70 -5.47 1.62
N CYS A 53 3.15 -4.28 1.91
CA CYS A 53 3.94 -3.05 1.90
C CYS A 53 3.23 -1.95 2.68
N VAL A 54 3.98 -0.90 3.01
CA VAL A 54 3.42 0.23 3.75
C VAL A 54 3.00 1.35 2.81
N ILE A 55 1.93 2.06 3.19
CA ILE A 55 1.43 3.16 2.38
C ILE A 55 1.51 4.49 3.15
N ALA A 56 2.37 5.37 2.66
CA ALA A 56 2.55 6.68 3.30
C ALA A 56 2.73 7.78 2.26
N GLY A 57 1.82 8.74 2.26
CA GLY A 57 1.89 9.83 1.30
C GLY A 57 2.72 10.99 1.82
N SER A 58 3.50 10.74 2.86
CA SER A 58 4.35 11.78 3.45
C SER A 58 5.38 11.17 4.40
N GLU A 59 6.27 12.01 4.91
CA GLU A 59 7.30 11.54 5.83
C GLU A 59 6.96 11.93 7.27
N ASN A 60 6.47 10.97 8.03
CA ASN A 60 6.10 11.22 9.43
C ASN A 60 7.02 10.45 10.37
N ILE A 61 6.73 10.52 11.67
CA ILE A 61 7.52 9.84 12.68
C ILE A 61 7.37 8.32 12.55
N ARG A 62 6.14 7.86 12.42
CA ARG A 62 5.86 6.43 12.29
C ARG A 62 6.53 5.87 11.05
N VAL A 63 6.35 6.55 9.93
CA VAL A 63 6.94 6.11 8.66
C VAL A 63 8.43 5.91 8.79
N LYS A 64 9.14 7.00 9.08
CA LYS A 64 10.59 6.95 9.24
C LYS A 64 11.03 5.63 9.85
N ASN A 65 10.62 5.38 11.09
CA ASN A 65 10.96 4.16 11.79
C ASN A 65 10.99 2.97 10.82
N ILE A 66 9.91 2.80 10.08
CA ILE A 66 9.81 1.70 9.12
C ILE A 66 10.89 1.81 8.06
N ILE A 67 11.15 3.04 7.60
CA ILE A 67 12.16 3.27 6.58
C ILE A 67 13.56 2.91 7.10
N LEU A 68 13.92 3.49 8.24
CA LEU A 68 15.23 3.22 8.84
C LEU A 68 15.54 1.73 8.82
N SER A 69 14.68 0.93 9.46
CA SER A 69 14.86 -0.51 9.51
C SER A 69 15.12 -1.08 8.12
N ASN A 70 14.56 -0.44 7.11
CA ASN A 70 14.72 -0.89 5.73
C ASN A 70 14.23 -2.31 5.55
N LYS A 71 13.01 -2.57 6.00
CA LYS A 71 12.42 -3.90 5.90
C LYS A 71 11.31 -3.92 4.84
N HIS A 72 10.43 -2.93 4.90
CA HIS A 72 9.32 -2.83 3.96
C HIS A 72 9.48 -1.61 3.06
N ASP A 73 8.92 -1.68 1.86
CA ASP A 73 9.00 -0.57 0.91
C ASP A 73 7.90 0.45 1.17
N VAL A 74 8.21 1.72 0.95
CA VAL A 74 7.25 2.80 1.15
C VAL A 74 6.57 3.19 -0.15
N VAL A 75 5.27 2.91 -0.25
CA VAL A 75 4.52 3.25 -1.45
C VAL A 75 3.54 4.39 -1.19
N LYS A 76 3.23 5.15 -2.24
CA LYS A 76 2.31 6.28 -2.12
C LYS A 76 0.86 5.79 -2.07
N PRO A 77 0.01 6.53 -1.35
CA PRO A 77 -1.41 6.20 -1.21
C PRO A 77 -2.18 6.42 -2.51
N ALA A 78 -1.50 6.98 -3.51
CA ALA A 78 -2.13 7.23 -4.80
C ALA A 78 -2.28 5.94 -5.60
N TRP A 79 -1.17 5.24 -5.80
CA TRP A 79 -1.18 4.00 -6.55
C TRP A 79 -2.43 3.17 -6.23
N LEU A 80 -2.82 3.18 -4.96
CA LEU A 80 -4.01 2.44 -4.53
C LEU A 80 -5.24 2.89 -5.29
N LEU A 81 -5.39 4.20 -5.45
CA LEU A 81 -6.53 4.76 -6.17
C LEU A 81 -6.64 4.17 -7.58
N GLU A 82 -5.50 4.11 -8.27
CA GLU A 82 -5.46 3.56 -9.63
C GLU A 82 -6.18 2.22 -9.69
N CYS A 83 -6.25 1.53 -8.55
CA CYS A 83 -6.91 0.23 -8.49
C CYS A 83 -8.39 0.39 -8.16
N PHE A 84 -8.73 1.50 -7.49
CA PHE A 84 -10.11 1.76 -7.11
C PHE A 84 -10.89 2.34 -8.29
N LYS A 85 -10.19 3.00 -9.21
CA LYS A 85 -10.81 3.59 -10.38
C LYS A 85 -10.80 2.61 -11.55
N THR A 86 -9.82 1.72 -11.56
CA THR A 86 -9.69 0.73 -12.62
C THR A 86 -10.15 -0.65 -12.16
N LYS A 87 -10.25 -0.83 -10.84
CA LYS A 87 -10.67 -2.10 -10.26
C LYS A 87 -9.78 -3.24 -10.74
N SER A 88 -8.47 -2.99 -10.78
CA SER A 88 -7.51 -3.99 -11.22
C SER A 88 -6.19 -3.84 -10.47
N PHE A 89 -5.37 -4.87 -10.53
CA PHE A 89 -4.07 -4.86 -9.85
C PHE A 89 -3.04 -4.10 -10.68
N VAL A 90 -2.85 -2.82 -10.33
CA VAL A 90 -1.89 -1.98 -11.04
C VAL A 90 -0.46 -2.28 -10.60
N PRO A 91 0.44 -2.38 -11.58
CA PRO A 91 1.86 -2.67 -11.32
C PRO A 91 2.57 -1.51 -10.65
N TRP A 92 3.64 -1.83 -9.93
CA TRP A 92 4.42 -0.80 -9.23
C TRP A 92 5.14 0.10 -10.22
N GLN A 93 5.10 1.41 -9.97
CA GLN A 93 5.76 2.38 -10.84
C GLN A 93 6.85 3.13 -10.09
N PRO A 94 7.85 3.64 -10.83
CA PRO A 94 8.96 4.39 -10.25
C PRO A 94 8.53 5.75 -9.73
N ARG A 95 7.30 6.13 -10.01
CA ARG A 95 6.77 7.41 -9.57
C ARG A 95 5.92 7.25 -8.31
N PHE A 96 5.32 6.07 -8.16
CA PHE A 96 4.48 5.77 -7.00
C PHE A 96 5.33 5.50 -5.77
N MET A 97 6.31 4.61 -5.92
CA MET A 97 7.20 4.26 -4.81
C MET A 97 7.90 5.50 -4.26
N ILE A 98 8.12 5.51 -2.95
CA ILE A 98 8.79 6.64 -2.30
C ILE A 98 10.16 6.24 -1.78
N HIS A 99 10.30 4.97 -1.37
CA HIS A 99 11.56 4.47 -0.86
C HIS A 99 11.62 2.95 -0.96
N MET A 100 12.74 2.44 -1.45
CA MET A 100 12.94 1.00 -1.60
C MET A 100 14.31 0.58 -1.10
N CYS A 101 14.35 -0.46 -0.26
CA CYS A 101 15.60 -0.97 0.28
C CYS A 101 16.63 -1.17 -0.82
N PRO A 102 17.91 -1.20 -0.44
CA PRO A 102 19.02 -1.40 -1.38
C PRO A 102 19.06 -2.80 -1.96
N SER A 103 18.15 -3.66 -1.49
CA SER A 103 18.09 -5.03 -1.97
C SER A 103 17.05 -5.17 -3.07
N THR A 104 16.06 -4.28 -3.07
CA THR A 104 15.00 -4.31 -4.08
C THR A 104 15.32 -3.36 -5.23
N LYS A 105 15.84 -2.19 -4.91
CA LYS A 105 16.20 -1.20 -5.91
C LYS A 105 16.93 -1.85 -7.07
N GLU A 106 17.76 -2.84 -6.77
CA GLU A 106 18.52 -3.54 -7.79
C GLU A 106 17.62 -3.97 -8.95
N HIS A 107 16.47 -4.54 -8.61
CA HIS A 107 15.52 -4.98 -9.62
C HIS A 107 15.07 -3.82 -10.51
N PHE A 108 14.75 -2.71 -9.88
CA PHE A 108 14.31 -1.51 -10.60
C PHE A 108 15.43 -0.97 -11.49
N ALA A 109 16.65 -0.94 -10.95
CA ALA A 109 17.80 -0.43 -11.69
C ALA A 109 17.73 -0.86 -13.15
N ARG A 110 17.42 -2.13 -13.40
CA ARG A 110 17.32 -2.64 -14.75
C ARG A 110 16.21 -1.96 -15.52
N GLU A 111 15.03 -1.87 -14.90
CA GLU A 111 13.88 -1.23 -15.53
C GLU A 111 14.24 0.15 -16.06
N TYR A 112 14.85 0.97 -15.21
CA TYR A 112 15.26 2.32 -15.59
C TYR A 112 15.81 2.34 -17.01
N ASP A 113 16.78 1.45 -17.27
CA ASP A 113 17.40 1.37 -18.58
C ASP A 113 16.38 0.98 -19.65
N GLY A 1 -13.98 -23.94 8.33
CA GLY A 1 -14.22 -22.65 8.97
C GLY A 1 -15.64 -22.15 8.73
N SER A 2 -15.88 -20.88 9.06
CA SER A 2 -17.19 -20.27 8.89
C SER A 2 -17.18 -19.24 7.77
N SER A 3 -18.36 -18.93 7.24
CA SER A 3 -18.48 -17.96 6.16
C SER A 3 -19.60 -16.97 6.44
N GLY A 4 -19.67 -15.91 5.64
CA GLY A 4 -20.70 -14.91 5.81
C GLY A 4 -21.18 -14.33 4.49
N SER A 5 -21.13 -13.00 4.38
CA SER A 5 -21.56 -12.32 3.17
C SER A 5 -21.20 -10.84 3.22
N SER A 6 -20.66 -10.33 2.12
CA SER A 6 -20.28 -8.93 2.04
C SER A 6 -20.39 -8.40 0.61
N GLY A 7 -20.34 -7.08 0.45
CA GLY A 7 -20.44 -6.49 -0.86
C GLY A 7 -19.16 -5.80 -1.29
N LYS A 8 -18.22 -6.58 -1.82
CA LYS A 8 -16.94 -6.04 -2.26
C LYS A 8 -16.98 -5.71 -3.74
N ILE A 9 -16.29 -4.64 -4.14
CA ILE A 9 -16.24 -4.22 -5.53
C ILE A 9 -15.46 -5.22 -6.38
N SER A 10 -14.36 -5.71 -5.83
CA SER A 10 -13.52 -6.68 -6.53
C SER A 10 -12.66 -7.46 -5.55
N ASN A 11 -12.13 -8.60 -6.01
CA ASN A 11 -11.29 -9.44 -5.17
C ASN A 11 -9.85 -9.42 -5.65
N ILE A 12 -9.41 -8.26 -6.13
CA ILE A 12 -8.05 -8.10 -6.62
C ILE A 12 -7.03 -8.18 -5.48
N PHE A 13 -7.41 -7.63 -4.33
CA PHE A 13 -6.53 -7.64 -3.16
C PHE A 13 -6.86 -8.82 -2.26
N GLU A 14 -7.52 -9.83 -2.82
CA GLU A 14 -7.89 -11.02 -2.05
C GLU A 14 -6.66 -11.74 -1.55
N ASP A 15 -6.59 -11.96 -0.23
CA ASP A 15 -5.47 -12.64 0.38
C ASP A 15 -4.24 -11.74 0.42
N VAL A 16 -4.47 -10.44 0.48
CA VAL A 16 -3.38 -9.47 0.51
C VAL A 16 -3.47 -8.57 1.74
N GLU A 17 -2.32 -8.25 2.32
CA GLU A 17 -2.28 -7.40 3.50
C GLU A 17 -1.89 -5.97 3.14
N PHE A 18 -2.39 -5.01 3.91
CA PHE A 18 -2.10 -3.61 3.67
C PHE A 18 -1.90 -2.86 4.98
N CYS A 19 -0.98 -1.89 4.98
CA CYS A 19 -0.70 -1.10 6.17
C CYS A 19 -0.49 0.37 5.81
N VAL A 20 -1.43 1.21 6.21
CA VAL A 20 -1.36 2.63 5.93
C VAL A 20 -0.80 3.40 7.13
N MET A 21 0.08 4.36 6.86
CA MET A 21 0.69 5.16 7.91
C MET A 21 0.12 6.57 7.91
N SER A 22 -0.05 7.14 6.71
CA SER A 22 -0.58 8.49 6.57
C SER A 22 -1.21 8.69 5.19
N GLY A 23 -2.08 9.68 5.09
CA GLY A 23 -2.74 9.96 3.82
C GLY A 23 -2.39 11.32 3.27
N THR A 24 -3.26 11.86 2.43
CA THR A 24 -3.03 13.17 1.83
C THR A 24 -4.07 14.18 2.32
N ASP A 25 -4.02 15.39 1.75
CA ASP A 25 -4.95 16.44 2.13
C ASP A 25 -6.38 16.05 1.78
N SER A 26 -6.63 15.80 0.50
CA SER A 26 -7.96 15.41 0.04
C SER A 26 -8.41 14.10 0.68
N GLN A 27 -7.49 13.13 0.72
CA GLN A 27 -7.78 11.83 1.30
C GLN A 27 -7.01 11.63 2.60
N PRO A 28 -7.74 11.35 3.69
CA PRO A 28 -7.14 11.12 5.00
C PRO A 28 -6.36 9.81 5.07
N LYS A 29 -5.80 9.51 6.24
CA LYS A 29 -5.04 8.30 6.43
C LYS A 29 -5.93 7.06 6.31
N PRO A 30 -6.95 6.99 7.18
CA PRO A 30 -7.89 5.87 7.20
C PRO A 30 -8.80 5.86 5.97
N ASP A 31 -8.50 6.73 5.01
CA ASP A 31 -9.28 6.83 3.78
C ASP A 31 -9.14 5.55 2.94
N LEU A 32 -7.90 5.11 2.76
CA LEU A 32 -7.62 3.91 1.99
C LEU A 32 -8.03 2.66 2.76
N GLU A 33 -7.70 2.64 4.04
CA GLU A 33 -8.04 1.49 4.89
C GLU A 33 -9.45 0.98 4.59
N ASN A 34 -10.39 1.90 4.45
CA ASN A 34 -11.77 1.56 4.17
C ASN A 34 -11.91 1.01 2.76
N ARG A 35 -11.39 1.77 1.79
CA ARG A 35 -11.45 1.37 0.39
C ARG A 35 -10.83 0.00 0.18
N ILE A 36 -9.52 -0.09 0.42
CA ILE A 36 -8.80 -1.35 0.27
C ILE A 36 -9.66 -2.53 0.68
N ALA A 37 -10.08 -2.55 1.95
CA ALA A 37 -10.91 -3.61 2.47
C ALA A 37 -12.06 -3.93 1.52
N GLU A 38 -12.79 -2.90 1.11
CA GLU A 38 -13.92 -3.07 0.20
C GLU A 38 -13.50 -3.87 -1.04
N PHE A 39 -12.21 -3.79 -1.38
CA PHE A 39 -11.69 -4.51 -2.54
C PHE A 39 -11.12 -5.86 -2.13
N GLY A 40 -11.58 -6.37 -0.99
CA GLY A 40 -11.11 -7.66 -0.51
C GLY A 40 -9.65 -7.61 -0.05
N GLY A 41 -9.36 -6.66 0.82
CA GLY A 41 -8.00 -6.53 1.34
C GLY A 41 -7.95 -6.43 2.85
N TYR A 42 -6.82 -6.81 3.43
CA TYR A 42 -6.65 -6.77 4.87
C TYR A 42 -5.89 -5.51 5.30
N ILE A 43 -6.38 -4.86 6.33
CA ILE A 43 -5.73 -3.65 6.85
C ILE A 43 -5.23 -3.85 8.27
N VAL A 44 -3.96 -3.59 8.48
CA VAL A 44 -3.35 -3.74 9.80
C VAL A 44 -2.87 -2.39 10.35
N GLN A 45 -2.24 -2.42 11.51
CA GLN A 45 -1.74 -1.20 12.13
C GLN A 45 -0.22 -1.10 11.99
N ASN A 46 0.47 -2.21 12.26
CA ASN A 46 1.92 -2.24 12.15
C ASN A 46 2.37 -3.28 11.13
N PRO A 47 3.35 -2.91 10.31
CA PRO A 47 3.89 -3.80 9.27
C PRO A 47 4.70 -4.95 9.86
N GLY A 48 4.58 -6.13 9.26
CA GLY A 48 5.31 -7.29 9.73
C GLY A 48 5.79 -8.17 8.61
N PRO A 49 6.14 -9.43 8.94
CA PRO A 49 6.63 -10.40 7.96
C PRO A 49 5.54 -10.87 7.01
N ASP A 50 4.29 -10.77 7.46
CA ASP A 50 3.15 -11.19 6.65
C ASP A 50 2.42 -9.97 6.09
N THR A 51 3.18 -8.99 5.63
CA THR A 51 2.61 -7.76 5.07
C THR A 51 3.05 -7.56 3.62
N TYR A 52 2.26 -6.82 2.87
CA TYR A 52 2.57 -6.54 1.47
C TYR A 52 3.49 -5.34 1.34
N CYS A 53 2.97 -4.18 1.73
CA CYS A 53 3.75 -2.94 1.66
C CYS A 53 3.11 -1.85 2.52
N VAL A 54 3.91 -0.83 2.85
CA VAL A 54 3.42 0.27 3.67
C VAL A 54 3.00 1.46 2.81
N ILE A 55 1.83 2.00 3.10
CA ILE A 55 1.32 3.15 2.36
C ILE A 55 1.53 4.45 3.12
N ALA A 56 2.44 5.28 2.63
CA ALA A 56 2.72 6.55 3.27
C ALA A 56 2.58 7.71 2.28
N GLY A 57 1.66 8.62 2.57
CA GLY A 57 1.43 9.76 1.70
C GLY A 57 2.41 10.89 1.96
N SER A 58 2.83 11.02 3.22
CA SER A 58 3.76 12.08 3.60
C SER A 58 4.91 11.51 4.44
N GLU A 59 5.88 12.37 4.74
CA GLU A 59 7.03 11.95 5.54
C GLU A 59 6.85 12.34 7.00
N ASN A 60 6.70 11.33 7.86
CA ASN A 60 6.52 11.57 9.28
C ASN A 60 7.21 10.49 10.11
N ILE A 61 7.36 10.74 11.41
CA ILE A 61 8.01 9.80 12.30
C ILE A 61 7.55 8.37 12.01
N ARG A 62 6.23 8.16 12.06
CA ARG A 62 5.66 6.83 11.80
C ARG A 62 6.30 6.20 10.57
N VAL A 63 6.09 6.83 9.41
CA VAL A 63 6.64 6.33 8.16
C VAL A 63 8.16 6.18 8.25
N LYS A 64 8.79 7.08 8.99
CA LYS A 64 10.25 7.05 9.16
C LYS A 64 10.68 5.76 9.86
N ASN A 65 10.24 5.59 11.11
CA ASN A 65 10.59 4.41 11.88
C ASN A 65 10.65 3.17 10.99
N ILE A 66 9.65 3.03 10.12
CA ILE A 66 9.59 1.89 9.22
C ILE A 66 10.73 1.94 8.20
N ILE A 67 11.00 3.12 7.66
CA ILE A 67 12.06 3.30 6.68
C ILE A 67 13.43 3.04 7.30
N LEU A 68 13.69 3.70 8.43
CA LEU A 68 14.96 3.55 9.13
C LEU A 68 15.36 2.08 9.22
N SER A 69 14.42 1.24 9.62
CA SER A 69 14.67 -0.19 9.75
C SER A 69 15.24 -0.76 8.47
N ASN A 70 14.70 -0.31 7.33
CA ASN A 70 15.15 -0.77 6.02
C ASN A 70 14.80 -2.25 5.82
N LYS A 71 13.57 -2.61 6.19
CA LYS A 71 13.11 -3.99 6.04
C LYS A 71 12.03 -4.09 4.96
N HIS A 72 11.11 -3.13 4.97
CA HIS A 72 10.02 -3.11 3.99
C HIS A 72 10.15 -1.90 3.07
N ASP A 73 9.33 -1.88 2.02
CA ASP A 73 9.36 -0.78 1.06
C ASP A 73 8.14 0.12 1.24
N VAL A 74 8.35 1.42 1.10
CA VAL A 74 7.26 2.39 1.24
C VAL A 74 6.55 2.63 -0.09
N VAL A 75 5.25 2.88 -0.02
CA VAL A 75 4.46 3.13 -1.22
C VAL A 75 3.51 4.30 -1.02
N LYS A 76 3.24 5.04 -2.09
CA LYS A 76 2.35 6.18 -2.03
C LYS A 76 0.89 5.74 -2.01
N PRO A 77 0.05 6.46 -1.26
CA PRO A 77 -1.38 6.16 -1.15
C PRO A 77 -2.13 6.44 -2.45
N ALA A 78 -1.40 6.86 -3.47
CA ALA A 78 -2.01 7.17 -4.77
C ALA A 78 -2.12 5.92 -5.63
N TRP A 79 -1.06 5.13 -5.66
CA TRP A 79 -1.04 3.90 -6.45
C TRP A 79 -2.28 3.06 -6.19
N LEU A 80 -2.84 3.20 -4.98
CA LEU A 80 -4.04 2.46 -4.61
C LEU A 80 -5.26 2.96 -5.38
N LEU A 81 -5.31 4.27 -5.59
CA LEU A 81 -6.42 4.89 -6.32
C LEU A 81 -6.56 4.30 -7.71
N GLU A 82 -5.43 4.17 -8.41
CA GLU A 82 -5.43 3.62 -9.75
C GLU A 82 -6.23 2.33 -9.82
N CYS A 83 -6.22 1.58 -8.72
CA CYS A 83 -6.95 0.32 -8.66
C CYS A 83 -8.43 0.57 -8.36
N PHE A 84 -8.70 1.60 -7.56
CA PHE A 84 -10.07 1.94 -7.19
C PHE A 84 -10.81 2.55 -8.37
N LYS A 85 -10.06 3.04 -9.35
CA LYS A 85 -10.64 3.64 -10.54
C LYS A 85 -10.73 2.65 -11.68
N THR A 86 -9.75 1.75 -11.75
CA THR A 86 -9.71 0.74 -12.80
C THR A 86 -10.14 -0.62 -12.27
N LYS A 87 -10.38 -0.69 -10.96
CA LYS A 87 -10.80 -1.94 -10.33
C LYS A 87 -9.97 -3.11 -10.82
N SER A 88 -8.66 -2.90 -10.92
CA SER A 88 -7.75 -3.94 -11.38
C SER A 88 -6.45 -3.93 -10.56
N PHE A 89 -5.70 -5.03 -10.63
CA PHE A 89 -4.46 -5.15 -9.89
C PHE A 89 -3.34 -4.37 -10.59
N VAL A 90 -3.04 -3.19 -10.08
CA VAL A 90 -2.00 -2.34 -10.64
C VAL A 90 -0.63 -2.74 -10.12
N PRO A 91 0.36 -2.79 -11.03
CA PRO A 91 1.74 -3.16 -10.68
C PRO A 91 2.43 -2.08 -9.84
N TRP A 92 3.76 -2.17 -9.75
CA TRP A 92 4.53 -1.21 -8.98
C TRP A 92 5.37 -0.34 -9.89
N GLN A 93 5.39 0.96 -9.62
CA GLN A 93 6.16 1.90 -10.42
C GLN A 93 7.14 2.68 -9.56
N PRO A 94 8.20 3.20 -10.18
CA PRO A 94 9.24 3.98 -9.49
C PRO A 94 8.74 5.33 -9.03
N ARG A 95 7.53 5.70 -9.46
CA ARG A 95 6.94 6.97 -9.09
C ARG A 95 5.99 6.80 -7.91
N PHE A 96 5.45 5.60 -7.76
CA PHE A 96 4.53 5.31 -6.66
C PHE A 96 5.28 5.00 -5.37
N MET A 97 6.45 4.38 -5.51
CA MET A 97 7.27 4.03 -4.36
C MET A 97 8.06 5.25 -3.87
N ILE A 98 8.33 5.28 -2.57
CA ILE A 98 9.07 6.38 -1.98
C ILE A 98 10.46 5.93 -1.51
N HIS A 99 10.52 4.71 -0.98
CA HIS A 99 11.79 4.16 -0.50
C HIS A 99 11.98 2.74 -1.01
N MET A 100 12.44 2.62 -2.24
CA MET A 100 12.67 1.31 -2.85
C MET A 100 14.07 0.79 -2.51
N CYS A 101 14.12 -0.25 -1.71
CA CYS A 101 15.39 -0.85 -1.31
C CYS A 101 16.33 -0.97 -2.50
N PRO A 102 17.63 -1.16 -2.22
CA PRO A 102 18.66 -1.30 -3.25
C PRO A 102 18.54 -2.61 -4.02
N SER A 103 17.68 -3.50 -3.52
CA SER A 103 17.48 -4.79 -4.16
C SER A 103 16.34 -4.72 -5.19
N THR A 104 15.42 -3.78 -4.98
CA THR A 104 14.29 -3.60 -5.88
C THR A 104 14.58 -2.53 -6.93
N LYS A 105 15.39 -1.54 -6.55
CA LYS A 105 15.75 -0.46 -7.45
C LYS A 105 16.59 -0.97 -8.61
N GLU A 106 17.70 -1.63 -8.29
CA GLU A 106 18.59 -2.18 -9.31
C GLU A 106 17.79 -2.76 -10.48
N HIS A 107 16.88 -3.67 -10.16
CA HIS A 107 16.04 -4.31 -11.18
C HIS A 107 15.38 -3.26 -12.07
N PHE A 108 14.81 -2.24 -11.44
CA PHE A 108 14.13 -1.18 -12.18
C PHE A 108 15.12 -0.44 -13.08
N ALA A 109 16.32 -0.18 -12.56
CA ALA A 109 17.34 0.52 -13.33
C ALA A 109 17.56 -0.14 -14.69
N ARG A 110 17.64 -1.47 -14.69
CA ARG A 110 17.84 -2.21 -15.93
C ARG A 110 16.54 -2.34 -16.70
N GLU A 111 15.43 -2.43 -15.98
CA GLU A 111 14.12 -2.57 -16.60
C GLU A 111 13.95 -1.57 -17.73
N TYR A 112 14.35 -0.32 -17.47
CA TYR A 112 14.24 0.74 -18.46
C TYR A 112 14.53 0.21 -19.86
N ASP A 113 15.63 -0.53 -20.00
CA ASP A 113 16.01 -1.09 -21.29
C ASP A 113 15.95 -2.62 -21.24
N GLY A 1 -18.28 -11.61 13.53
CA GLY A 1 -17.37 -10.81 12.74
C GLY A 1 -18.06 -9.67 12.03
N SER A 2 -17.56 -9.31 10.85
CA SER A 2 -18.13 -8.22 10.08
C SER A 2 -19.10 -8.75 9.02
N SER A 3 -20.39 -8.50 9.21
CA SER A 3 -21.42 -8.96 8.29
C SER A 3 -22.27 -7.78 7.80
N GLY A 4 -21.97 -7.31 6.59
CA GLY A 4 -22.71 -6.19 6.03
C GLY A 4 -22.78 -6.25 4.52
N SER A 5 -23.00 -5.10 3.89
CA SER A 5 -23.09 -5.03 2.44
C SER A 5 -21.99 -5.85 1.78
N SER A 6 -22.30 -7.09 1.43
CA SER A 6 -21.34 -7.97 0.79
C SER A 6 -21.26 -7.71 -0.71
N GLY A 7 -20.56 -6.66 -1.09
CA GLY A 7 -20.43 -6.31 -2.49
C GLY A 7 -19.04 -5.84 -2.85
N LYS A 8 -18.03 -6.49 -2.29
CA LYS A 8 -16.64 -6.13 -2.54
C LYS A 8 -16.43 -5.82 -4.02
N ILE A 9 -15.93 -4.62 -4.29
CA ILE A 9 -15.68 -4.19 -5.66
C ILE A 9 -14.92 -5.25 -6.44
N SER A 10 -13.88 -5.81 -5.80
CA SER A 10 -13.07 -6.84 -6.44
C SER A 10 -12.20 -7.55 -5.41
N ASN A 11 -11.57 -8.65 -5.82
CA ASN A 11 -10.71 -9.42 -4.94
C ASN A 11 -9.27 -9.44 -5.45
N ILE A 12 -8.82 -8.29 -5.97
CA ILE A 12 -7.47 -8.17 -6.48
C ILE A 12 -6.45 -8.26 -5.36
N PHE A 13 -6.79 -7.72 -4.20
CA PHE A 13 -5.91 -7.74 -3.05
C PHE A 13 -6.12 -9.00 -2.22
N GLU A 14 -6.73 -10.01 -2.84
CA GLU A 14 -6.98 -11.28 -2.16
C GLU A 14 -5.73 -11.81 -1.47
N ASP A 15 -5.84 -12.08 -0.18
CA ASP A 15 -4.71 -12.59 0.60
C ASP A 15 -3.56 -11.59 0.59
N VAL A 16 -3.89 -10.31 0.72
CA VAL A 16 -2.88 -9.26 0.73
C VAL A 16 -3.12 -8.28 1.87
N GLU A 17 -2.12 -8.13 2.74
CA GLU A 17 -2.24 -7.22 3.87
C GLU A 17 -1.72 -5.83 3.50
N PHE A 18 -2.14 -4.84 4.28
CA PHE A 18 -1.72 -3.46 4.04
C PHE A 18 -1.57 -2.70 5.35
N CYS A 19 -0.67 -1.72 5.37
CA CYS A 19 -0.42 -0.92 6.56
C CYS A 19 -0.35 0.57 6.21
N VAL A 20 -1.44 1.28 6.44
CA VAL A 20 -1.49 2.71 6.15
C VAL A 20 -0.96 3.53 7.32
N MET A 21 0.00 4.41 7.03
CA MET A 21 0.60 5.25 8.06
C MET A 21 -0.01 6.64 8.03
N SER A 22 -0.36 7.11 6.84
CA SER A 22 -0.95 8.43 6.68
C SER A 22 -1.51 8.62 5.27
N GLY A 23 -2.40 9.59 5.11
CA GLY A 23 -3.00 9.84 3.81
C GLY A 23 -2.67 11.22 3.29
N THR A 24 -3.47 11.70 2.34
CA THR A 24 -3.27 13.02 1.76
C THR A 24 -4.51 13.90 1.92
N ASP A 25 -4.43 15.12 1.41
CA ASP A 25 -5.56 16.05 1.50
C ASP A 25 -6.80 15.47 0.83
N SER A 26 -6.72 15.27 -0.49
CA SER A 26 -7.84 14.72 -1.24
C SER A 26 -8.41 13.49 -0.55
N GLN A 27 -7.52 12.58 -0.14
CA GLN A 27 -7.93 11.35 0.52
C GLN A 27 -7.26 11.22 1.88
N PRO A 28 -8.08 11.16 2.95
CA PRO A 28 -7.57 11.03 4.32
C PRO A 28 -6.95 9.67 4.59
N LYS A 29 -6.19 9.57 5.68
CA LYS A 29 -5.55 8.32 6.04
C LYS A 29 -6.53 7.16 5.98
N PRO A 30 -7.61 7.26 6.77
CA PRO A 30 -8.65 6.23 6.83
C PRO A 30 -9.47 6.16 5.55
N ASP A 31 -8.95 6.78 4.49
CA ASP A 31 -9.64 6.78 3.20
C ASP A 31 -9.44 5.46 2.47
N LEU A 32 -8.18 5.04 2.38
CA LEU A 32 -7.85 3.78 1.70
C LEU A 32 -8.23 2.58 2.56
N GLU A 33 -8.01 2.69 3.86
CA GLU A 33 -8.34 1.61 4.78
C GLU A 33 -9.70 1.01 4.45
N ASN A 34 -10.67 1.86 4.15
CA ASN A 34 -12.01 1.40 3.81
C ASN A 34 -12.04 0.80 2.41
N ARG A 35 -11.42 1.49 1.46
CA ARG A 35 -11.38 1.02 0.07
C ARG A 35 -10.66 -0.33 -0.01
N ILE A 36 -9.38 -0.33 0.33
CA ILE A 36 -8.58 -1.56 0.29
C ILE A 36 -9.40 -2.77 0.73
N ALA A 37 -9.91 -2.70 1.96
CA ALA A 37 -10.72 -3.79 2.51
C ALA A 37 -11.82 -4.20 1.52
N GLU A 38 -12.51 -3.21 0.98
CA GLU A 38 -13.60 -3.47 0.03
C GLU A 38 -13.07 -4.25 -1.18
N PHE A 39 -11.77 -4.13 -1.44
CA PHE A 39 -11.16 -4.82 -2.58
C PHE A 39 -10.58 -6.15 -2.14
N GLY A 40 -11.00 -6.62 -0.97
CA GLY A 40 -10.51 -7.89 -0.46
C GLY A 40 -9.11 -7.79 0.12
N GLY A 41 -8.86 -6.72 0.88
CA GLY A 41 -7.56 -6.53 1.47
C GLY A 41 -7.63 -6.39 2.98
N TYR A 42 -6.48 -6.50 3.63
CA TYR A 42 -6.42 -6.40 5.09
C TYR A 42 -5.80 -5.06 5.51
N ILE A 43 -6.26 -4.54 6.65
CA ILE A 43 -5.76 -3.27 7.16
C ILE A 43 -5.40 -3.38 8.64
N VAL A 44 -4.13 -3.12 8.96
CA VAL A 44 -3.66 -3.19 10.34
C VAL A 44 -3.12 -1.84 10.79
N GLN A 45 -2.60 -1.80 12.02
CA GLN A 45 -2.05 -0.58 12.59
C GLN A 45 -0.52 -0.57 12.48
N ASN A 46 0.09 -1.68 12.86
CA ASN A 46 1.55 -1.81 12.81
C ASN A 46 1.97 -2.91 11.84
N PRO A 47 2.99 -2.62 11.02
CA PRO A 47 3.51 -3.57 10.04
C PRO A 47 4.24 -4.74 10.70
N GLY A 48 4.13 -5.92 10.09
CA GLY A 48 4.78 -7.10 10.63
C GLY A 48 5.32 -8.02 9.54
N PRO A 49 5.51 -9.30 9.89
CA PRO A 49 6.03 -10.29 8.95
C PRO A 49 5.03 -10.64 7.87
N ASP A 50 3.75 -10.37 8.14
CA ASP A 50 2.69 -10.66 7.18
C ASP A 50 2.16 -9.36 6.55
N THR A 51 3.08 -8.48 6.18
CA THR A 51 2.71 -7.20 5.57
C THR A 51 3.30 -7.07 4.17
N TYR A 52 2.44 -6.75 3.21
CA TYR A 52 2.88 -6.59 1.82
C TYR A 52 3.74 -5.33 1.67
N CYS A 53 3.18 -4.19 2.08
CA CYS A 53 3.88 -2.93 1.98
C CYS A 53 3.24 -1.87 2.88
N VAL A 54 3.90 -0.73 3.03
CA VAL A 54 3.39 0.35 3.86
C VAL A 54 3.00 1.56 3.01
N ILE A 55 1.79 2.06 3.24
CA ILE A 55 1.29 3.21 2.50
C ILE A 55 1.48 4.51 3.30
N ALA A 56 2.28 5.42 2.75
CA ALA A 56 2.55 6.69 3.40
C ALA A 56 2.71 7.81 2.37
N GLY A 57 1.83 8.80 2.44
CA GLY A 57 1.90 9.91 1.51
C GLY A 57 2.85 11.00 1.97
N SER A 58 3.18 10.98 3.27
CA SER A 58 4.08 11.98 3.83
C SER A 58 5.19 11.31 4.64
N GLU A 59 6.29 12.03 4.84
CA GLU A 59 7.42 11.50 5.59
C GLU A 59 7.33 11.91 7.06
N ASN A 60 7.50 10.92 7.94
CA ASN A 60 7.44 11.17 9.39
C ASN A 60 8.19 10.10 10.16
N ILE A 61 8.38 10.33 11.45
CA ILE A 61 9.09 9.38 12.30
C ILE A 61 8.57 7.95 12.08
N ARG A 62 7.27 7.75 12.35
CA ARG A 62 6.66 6.45 12.18
C ARG A 62 7.10 5.79 10.87
N VAL A 63 6.76 6.42 9.75
CA VAL A 63 7.12 5.90 8.44
C VAL A 63 8.62 5.61 8.36
N LYS A 64 9.42 6.49 8.95
CA LYS A 64 10.87 6.32 8.95
C LYS A 64 11.26 4.99 9.59
N ASN A 65 10.87 4.80 10.84
CA ASN A 65 11.19 3.58 11.57
C ASN A 65 11.06 2.36 10.65
N ILE A 66 9.99 2.33 9.86
CA ILE A 66 9.75 1.23 8.94
C ILE A 66 10.79 1.21 7.83
N ILE A 67 11.15 2.38 7.34
CA ILE A 67 12.14 2.51 6.28
C ILE A 67 13.51 2.05 6.74
N LEU A 68 13.89 2.46 7.94
CA LEU A 68 15.18 2.08 8.51
C LEU A 68 15.33 0.56 8.57
N SER A 69 14.32 -0.10 9.12
CA SER A 69 14.34 -1.56 9.24
C SER A 69 14.74 -2.20 7.92
N ASN A 70 14.41 -1.53 6.82
CA ASN A 70 14.73 -2.03 5.49
C ASN A 70 14.04 -3.36 5.23
N LYS A 71 12.76 -3.44 5.58
CA LYS A 71 11.98 -4.65 5.40
C LYS A 71 10.78 -4.40 4.50
N HIS A 72 9.97 -3.39 4.86
CA HIS A 72 8.79 -3.04 4.09
C HIS A 72 9.08 -1.84 3.19
N ASP A 73 8.35 -1.75 2.08
CA ASP A 73 8.51 -0.65 1.14
C ASP A 73 7.47 0.43 1.37
N VAL A 74 7.83 1.67 1.08
CA VAL A 74 6.92 2.80 1.26
C VAL A 74 6.33 3.25 -0.06
N VAL A 75 5.02 3.09 -0.21
CA VAL A 75 4.32 3.48 -1.42
C VAL A 75 3.33 4.61 -1.16
N LYS A 76 3.13 5.47 -2.15
CA LYS A 76 2.20 6.59 -2.02
C LYS A 76 0.76 6.10 -2.03
N PRO A 77 -0.09 6.77 -1.24
CA PRO A 77 -1.51 6.42 -1.14
C PRO A 77 -2.28 6.74 -2.41
N ALA A 78 -1.57 7.26 -3.40
CA ALA A 78 -2.19 7.61 -4.68
C ALA A 78 -2.32 6.40 -5.58
N TRP A 79 -1.30 5.53 -5.56
CA TRP A 79 -1.31 4.32 -6.37
C TRP A 79 -2.54 3.48 -6.09
N LEU A 80 -2.90 3.37 -4.81
CA LEU A 80 -4.05 2.59 -4.41
C LEU A 80 -5.31 3.02 -5.17
N LEU A 81 -5.44 4.33 -5.38
CA LEU A 81 -6.58 4.88 -6.10
C LEU A 81 -6.70 4.26 -7.48
N GLU A 82 -5.57 4.16 -8.18
CA GLU A 82 -5.54 3.58 -9.52
C GLU A 82 -6.27 2.25 -9.55
N CYS A 83 -6.26 1.54 -8.43
CA CYS A 83 -6.91 0.24 -8.33
C CYS A 83 -8.41 0.41 -8.06
N PHE A 84 -8.77 1.56 -7.48
CA PHE A 84 -10.17 1.84 -7.18
C PHE A 84 -10.89 2.43 -8.38
N LYS A 85 -10.12 3.02 -9.28
CA LYS A 85 -10.68 3.63 -10.49
C LYS A 85 -10.66 2.65 -11.65
N THR A 86 -9.63 1.81 -11.70
CA THR A 86 -9.49 0.82 -12.76
C THR A 86 -10.01 -0.55 -12.31
N LYS A 87 -10.04 -0.76 -11.01
CA LYS A 87 -10.51 -2.03 -10.45
C LYS A 87 -9.63 -3.19 -10.91
N SER A 88 -8.34 -2.94 -10.99
CA SER A 88 -7.38 -3.96 -11.42
C SER A 88 -6.15 -3.96 -10.51
N PHE A 89 -5.21 -4.86 -10.81
CA PHE A 89 -3.99 -4.98 -10.04
C PHE A 89 -2.86 -4.20 -10.70
N VAL A 90 -2.77 -2.91 -10.40
CA VAL A 90 -1.73 -2.05 -10.97
C VAL A 90 -0.41 -2.24 -10.22
N PRO A 91 0.67 -2.42 -10.99
CA PRO A 91 2.01 -2.62 -10.43
C PRO A 91 2.57 -1.34 -9.80
N TRP A 92 3.81 -1.41 -9.34
CA TRP A 92 4.45 -0.26 -8.71
C TRP A 92 5.14 0.62 -9.75
N GLN A 93 5.02 1.93 -9.57
CA GLN A 93 5.63 2.89 -10.49
C GLN A 93 6.68 3.73 -9.80
N PRO A 94 7.60 4.30 -10.58
CA PRO A 94 8.68 5.15 -10.06
C PRO A 94 8.16 6.49 -9.54
N ARG A 95 6.89 6.77 -9.81
CA ARG A 95 6.27 8.02 -9.37
C ARG A 95 5.47 7.81 -8.10
N PHE A 96 4.98 6.59 -7.91
CA PHE A 96 4.19 6.25 -6.73
C PHE A 96 5.09 5.84 -5.57
N MET A 97 6.03 4.95 -5.84
CA MET A 97 6.97 4.48 -4.83
C MET A 97 7.82 5.63 -4.29
N ILE A 98 8.17 5.54 -3.01
CA ILE A 98 8.98 6.58 -2.37
C ILE A 98 10.35 6.03 -1.98
N HIS A 99 10.35 4.82 -1.43
CA HIS A 99 11.60 4.19 -1.00
C HIS A 99 11.57 2.69 -1.31
N MET A 100 12.31 2.29 -2.34
CA MET A 100 12.38 0.88 -2.73
C MET A 100 13.63 0.22 -2.19
N CYS A 101 13.47 -0.89 -1.50
CA CYS A 101 14.59 -1.62 -0.93
C CYS A 101 15.70 -1.82 -1.96
N PRO A 102 16.91 -2.11 -1.49
CA PRO A 102 18.07 -2.34 -2.36
C PRO A 102 17.96 -3.63 -3.16
N SER A 103 17.01 -4.48 -2.78
CA SER A 103 16.80 -5.75 -3.46
C SER A 103 15.72 -5.62 -4.53
N THR A 104 14.84 -4.64 -4.36
CA THR A 104 13.75 -4.42 -5.32
C THR A 104 14.10 -3.29 -6.27
N LYS A 105 14.86 -2.32 -5.79
CA LYS A 105 15.26 -1.18 -6.59
C LYS A 105 16.04 -1.63 -7.83
N GLU A 106 16.91 -2.62 -7.65
CA GLU A 106 17.71 -3.14 -8.75
C GLU A 106 16.82 -3.78 -9.81
N HIS A 107 15.76 -4.44 -9.36
CA HIS A 107 14.83 -5.10 -10.28
C HIS A 107 14.20 -4.08 -11.23
N PHE A 108 13.87 -2.91 -10.71
CA PHE A 108 13.26 -1.85 -11.52
C PHE A 108 14.28 -1.27 -12.50
N ALA A 109 15.51 -1.09 -12.03
CA ALA A 109 16.57 -0.54 -12.87
C ALA A 109 16.68 -1.31 -14.18
N ARG A 110 16.68 -2.63 -14.10
CA ARG A 110 16.78 -3.48 -15.28
C ARG A 110 15.47 -3.48 -16.06
N GLU A 111 14.35 -3.54 -15.34
CA GLU A 111 13.04 -3.55 -15.97
C GLU A 111 12.95 -2.50 -17.07
N TYR A 112 13.29 -1.26 -16.71
CA TYR A 112 13.24 -0.16 -17.67
C TYR A 112 13.69 -0.62 -19.06
N ASP A 113 14.82 -1.31 -19.10
CA ASP A 113 15.35 -1.81 -20.37
C ASP A 113 15.36 -3.33 -20.39
N GLY A 1 -15.09 -20.36 9.47
CA GLY A 1 -16.25 -20.19 8.59
C GLY A 1 -16.20 -18.91 7.80
N SER A 2 -17.09 -18.79 6.81
CA SER A 2 -17.14 -17.60 5.98
C SER A 2 -18.18 -16.61 6.49
N SER A 3 -17.91 -15.32 6.28
CA SER A 3 -18.82 -14.28 6.73
C SER A 3 -18.74 -13.05 5.83
N GLY A 4 -19.57 -12.05 6.11
CA GLY A 4 -19.56 -10.84 5.31
C GLY A 4 -20.95 -10.46 4.82
N SER A 5 -21.36 -9.23 5.11
CA SER A 5 -22.68 -8.76 4.71
C SER A 5 -22.55 -7.65 3.66
N SER A 6 -21.32 -7.27 3.36
CA SER A 6 -21.06 -6.21 2.39
C SER A 6 -20.60 -6.80 1.06
N GLY A 7 -21.11 -6.25 -0.03
CA GLY A 7 -20.74 -6.74 -1.35
C GLY A 7 -19.48 -6.09 -1.87
N LYS A 8 -18.33 -6.69 -1.55
CA LYS A 8 -17.05 -6.16 -1.99
C LYS A 8 -17.09 -5.79 -3.47
N ILE A 9 -16.42 -4.69 -3.81
CA ILE A 9 -16.38 -4.22 -5.20
C ILE A 9 -15.58 -5.18 -6.08
N SER A 10 -14.43 -5.61 -5.56
CA SER A 10 -13.57 -6.53 -6.30
C SER A 10 -12.67 -7.31 -5.34
N ASN A 11 -12.16 -8.44 -5.81
CA ASN A 11 -11.29 -9.29 -5.01
C ASN A 11 -9.86 -9.26 -5.53
N ILE A 12 -9.43 -8.10 -6.02
CA ILE A 12 -8.09 -7.94 -6.56
C ILE A 12 -7.05 -7.95 -5.44
N PHE A 13 -7.46 -7.49 -4.25
CA PHE A 13 -6.57 -7.45 -3.11
C PHE A 13 -6.83 -8.64 -2.17
N GLU A 14 -7.51 -9.65 -2.69
CA GLU A 14 -7.83 -10.83 -1.90
C GLU A 14 -6.56 -11.51 -1.40
N ASP A 15 -6.53 -11.83 -0.11
CA ASP A 15 -5.38 -12.48 0.50
C ASP A 15 -4.16 -11.57 0.45
N VAL A 16 -4.40 -10.27 0.43
CA VAL A 16 -3.31 -9.29 0.38
C VAL A 16 -3.36 -8.36 1.59
N GLU A 17 -2.25 -8.28 2.31
CA GLU A 17 -2.16 -7.43 3.49
C GLU A 17 -1.80 -6.00 3.10
N PHE A 18 -2.23 -5.05 3.92
CA PHE A 18 -1.95 -3.64 3.67
C PHE A 18 -1.78 -2.86 4.98
N CYS A 19 -0.80 -1.97 5.01
CA CYS A 19 -0.53 -1.17 6.19
C CYS A 19 -0.36 0.30 5.84
N VAL A 20 -1.29 1.12 6.28
CA VAL A 20 -1.24 2.56 6.00
C VAL A 20 -0.65 3.32 7.18
N MET A 21 0.17 4.32 6.86
CA MET A 21 0.81 5.13 7.90
C MET A 21 0.27 6.56 7.88
N SER A 22 -0.04 7.06 6.69
CA SER A 22 -0.56 8.40 6.53
C SER A 22 -1.11 8.63 5.12
N GLY A 23 -1.99 9.60 4.97
CA GLY A 23 -2.57 9.89 3.68
C GLY A 23 -2.29 11.31 3.22
N THR A 24 -3.10 11.81 2.30
CA THR A 24 -2.93 13.16 1.78
C THR A 24 -4.19 14.00 2.01
N ASP A 25 -4.14 15.25 1.56
CA ASP A 25 -5.27 16.16 1.71
C ASP A 25 -6.54 15.55 1.13
N SER A 26 -6.57 15.42 -0.20
CA SER A 26 -7.73 14.85 -0.89
C SER A 26 -8.20 13.58 -0.19
N GLN A 27 -7.27 12.65 0.03
CA GLN A 27 -7.59 11.38 0.67
C GLN A 27 -6.87 11.27 2.01
N PRO A 28 -7.65 11.20 3.09
CA PRO A 28 -7.11 11.07 4.45
C PRO A 28 -6.47 9.71 4.71
N LYS A 29 -5.85 9.56 5.87
CA LYS A 29 -5.21 8.30 6.23
C LYS A 29 -6.20 7.15 6.18
N PRO A 30 -7.27 7.24 6.98
CA PRO A 30 -8.31 6.22 7.03
C PRO A 30 -9.16 6.17 5.76
N ASP A 31 -8.65 6.81 4.71
CA ASP A 31 -9.35 6.84 3.44
C ASP A 31 -9.20 5.51 2.69
N LEU A 32 -7.96 5.04 2.59
CA LEU A 32 -7.67 3.79 1.91
C LEU A 32 -8.07 2.59 2.77
N GLU A 33 -7.82 2.71 4.08
CA GLU A 33 -8.15 1.64 5.01
C GLU A 33 -9.52 1.05 4.71
N ASN A 34 -10.49 1.93 4.45
CA ASN A 34 -11.86 1.51 4.14
C ASN A 34 -11.93 0.91 2.73
N ARG A 35 -11.55 1.70 1.75
CA ARG A 35 -11.57 1.24 0.36
C ARG A 35 -10.92 -0.13 0.22
N ILE A 36 -9.64 -0.20 0.57
CA ILE A 36 -8.90 -1.45 0.48
C ILE A 36 -9.75 -2.63 0.95
N ALA A 37 -10.19 -2.58 2.20
CA ALA A 37 -11.01 -3.64 2.77
C ALA A 37 -12.18 -3.97 1.85
N GLU A 38 -12.86 -2.95 1.37
CA GLU A 38 -14.01 -3.14 0.48
C GLU A 38 -13.61 -3.93 -0.76
N PHE A 39 -12.31 -3.92 -1.07
CA PHE A 39 -11.80 -4.64 -2.24
C PHE A 39 -11.24 -5.99 -1.82
N GLY A 40 -11.69 -6.50 -0.68
CA GLY A 40 -11.22 -7.78 -0.19
C GLY A 40 -9.79 -7.74 0.28
N GLY A 41 -9.43 -6.67 0.98
CA GLY A 41 -8.06 -6.53 1.47
C GLY A 41 -8.00 -6.45 2.98
N TYR A 42 -6.79 -6.60 3.53
CA TYR A 42 -6.61 -6.54 4.97
C TYR A 42 -5.86 -5.27 5.38
N ILE A 43 -6.28 -4.68 6.48
CA ILE A 43 -5.66 -3.46 6.98
C ILE A 43 -5.12 -3.65 8.41
N VAL A 44 -3.81 -3.55 8.55
CA VAL A 44 -3.17 -3.71 9.86
C VAL A 44 -2.69 -2.37 10.40
N GLN A 45 -2.13 -2.40 11.61
CA GLN A 45 -1.62 -1.19 12.24
C GLN A 45 -0.11 -1.07 12.07
N ASN A 46 0.59 -2.19 12.25
CA ASN A 46 2.05 -2.21 12.12
C ASN A 46 2.48 -3.28 11.11
N PRO A 47 3.47 -2.94 10.28
CA PRO A 47 4.00 -3.85 9.26
C PRO A 47 4.78 -5.00 9.87
N GLY A 48 4.58 -6.20 9.32
CA GLY A 48 5.28 -7.37 9.83
C GLY A 48 5.84 -8.24 8.72
N PRO A 49 6.17 -9.49 9.05
CA PRO A 49 6.73 -10.45 8.10
C PRO A 49 5.69 -10.90 7.06
N ASP A 50 4.42 -10.78 7.42
CA ASP A 50 3.34 -11.17 6.52
C ASP A 50 2.58 -9.95 6.02
N THR A 51 3.32 -8.92 5.63
CA THR A 51 2.72 -7.69 5.13
C THR A 51 3.16 -7.40 3.71
N TYR A 52 2.22 -6.94 2.88
CA TYR A 52 2.52 -6.61 1.50
C TYR A 52 3.46 -5.41 1.39
N CYS A 53 2.96 -4.24 1.75
CA CYS A 53 3.74 -3.02 1.71
C CYS A 53 3.07 -1.90 2.51
N VAL A 54 3.81 -0.82 2.75
CA VAL A 54 3.28 0.31 3.49
C VAL A 54 2.76 1.40 2.55
N ILE A 55 1.81 2.18 3.04
CA ILE A 55 1.22 3.26 2.25
C ILE A 55 1.29 4.58 2.99
N ALA A 56 2.30 5.39 2.67
CA ALA A 56 2.46 6.69 3.31
C ALA A 56 2.76 7.77 2.27
N GLY A 57 1.96 8.83 2.29
CA GLY A 57 2.15 9.92 1.34
C GLY A 57 3.27 10.85 1.76
N SER A 58 3.45 11.00 3.06
CA SER A 58 4.50 11.88 3.59
C SER A 58 5.41 11.11 4.55
N GLU A 59 6.43 11.81 5.06
CA GLU A 59 7.38 11.20 5.97
C GLU A 59 7.11 11.65 7.41
N ASN A 60 6.44 10.81 8.18
CA ASN A 60 6.13 11.12 9.57
C ASN A 60 6.83 10.16 10.52
N ILE A 61 6.87 10.52 11.80
CA ILE A 61 7.51 9.70 12.81
C ILE A 61 7.34 8.21 12.50
N ARG A 62 6.10 7.74 12.55
CA ARG A 62 5.79 6.35 12.27
C ARG A 62 6.55 5.87 11.03
N VAL A 63 6.19 6.44 9.87
CA VAL A 63 6.82 6.07 8.62
C VAL A 63 8.33 5.93 8.78
N LYS A 64 8.94 6.91 9.45
CA LYS A 64 10.38 6.91 9.68
C LYS A 64 10.84 5.56 10.24
N ASN A 65 10.28 5.18 11.38
CA ASN A 65 10.63 3.92 12.02
C ASN A 65 10.75 2.80 10.99
N ILE A 66 9.74 2.67 10.14
CA ILE A 66 9.74 1.65 9.11
C ILE A 66 10.91 1.84 8.14
N ILE A 67 11.23 3.10 7.85
CA ILE A 67 12.32 3.42 6.95
C ILE A 67 13.66 3.00 7.53
N LEU A 68 13.90 3.39 8.78
CA LEU A 68 15.14 3.05 9.46
C LEU A 68 15.43 1.56 9.37
N SER A 69 14.42 0.74 9.68
CA SER A 69 14.57 -0.71 9.63
C SER A 69 15.04 -1.16 8.25
N ASN A 70 14.96 -0.26 7.28
CA ASN A 70 15.38 -0.56 5.92
C ASN A 70 15.06 -2.01 5.55
N LYS A 71 13.85 -2.44 5.90
CA LYS A 71 13.41 -3.80 5.62
C LYS A 71 12.16 -3.80 4.73
N HIS A 72 11.27 -2.84 4.98
CA HIS A 72 10.04 -2.73 4.21
C HIS A 72 10.16 -1.62 3.18
N ASP A 73 9.18 -1.56 2.28
CA ASP A 73 9.17 -0.53 1.23
C ASP A 73 8.00 0.42 1.42
N VAL A 74 8.19 1.67 1.03
CA VAL A 74 7.16 2.69 1.15
C VAL A 74 6.53 3.00 -0.20
N VAL A 75 5.20 3.13 -0.22
CA VAL A 75 4.47 3.42 -1.44
C VAL A 75 3.51 4.58 -1.24
N LYS A 76 3.20 5.28 -2.33
CA LYS A 76 2.29 6.41 -2.28
C LYS A 76 0.84 5.95 -2.21
N PRO A 77 0.00 6.70 -1.49
CA PRO A 77 -1.42 6.39 -1.33
C PRO A 77 -2.21 6.58 -2.62
N ALA A 78 -1.52 7.05 -3.67
CA ALA A 78 -2.15 7.27 -4.96
C ALA A 78 -2.29 5.96 -5.73
N TRP A 79 -1.18 5.24 -5.86
CA TRP A 79 -1.17 3.97 -6.57
C TRP A 79 -2.43 3.16 -6.27
N LEU A 80 -2.92 3.28 -5.04
CA LEU A 80 -4.12 2.56 -4.61
C LEU A 80 -5.32 2.98 -5.46
N LEU A 81 -5.45 4.28 -5.67
CA LEU A 81 -6.57 4.82 -6.46
C LEU A 81 -6.62 4.17 -7.83
N GLU A 82 -5.47 4.10 -8.50
CA GLU A 82 -5.40 3.51 -9.83
C GLU A 82 -6.12 2.16 -9.86
N CYS A 83 -6.22 1.53 -8.70
CA CYS A 83 -6.89 0.24 -8.60
C CYS A 83 -8.39 0.41 -8.36
N PHE A 84 -8.75 1.45 -7.61
CA PHE A 84 -10.14 1.73 -7.30
C PHE A 84 -10.88 2.25 -8.54
N LYS A 85 -10.14 2.91 -9.42
CA LYS A 85 -10.72 3.45 -10.65
C LYS A 85 -10.71 2.42 -11.77
N THR A 86 -9.66 1.59 -11.79
CA THR A 86 -9.53 0.56 -12.81
C THR A 86 -10.07 -0.79 -12.30
N LYS A 87 -10.27 -0.87 -10.99
CA LYS A 87 -10.78 -2.10 -10.38
C LYS A 87 -9.89 -3.29 -10.73
N SER A 88 -8.59 -3.04 -10.80
CA SER A 88 -7.63 -4.10 -11.13
C SER A 88 -6.33 -3.90 -10.36
N PHE A 89 -5.53 -4.97 -10.28
CA PHE A 89 -4.26 -4.91 -9.56
C PHE A 89 -3.22 -4.14 -10.36
N VAL A 90 -3.28 -2.81 -10.26
CA VAL A 90 -2.34 -1.95 -10.97
C VAL A 90 -0.90 -2.31 -10.64
N PRO A 91 -0.03 -2.29 -11.66
CA PRO A 91 1.39 -2.62 -11.49
C PRO A 91 2.14 -1.54 -10.72
N TRP A 92 3.21 -1.94 -10.05
CA TRP A 92 4.02 -1.00 -9.27
C TRP A 92 4.80 -0.07 -10.19
N GLN A 93 4.85 1.21 -9.83
CA GLN A 93 5.56 2.21 -10.62
C GLN A 93 6.72 2.81 -9.82
N PRO A 94 7.74 3.27 -10.54
CA PRO A 94 8.93 3.88 -9.92
C PRO A 94 8.62 5.23 -9.28
N ARG A 95 7.57 5.88 -9.77
CA ARG A 95 7.17 7.18 -9.25
C ARG A 95 6.26 7.03 -8.03
N PHE A 96 5.52 5.93 -7.99
CA PHE A 96 4.61 5.67 -6.88
C PHE A 96 5.38 5.41 -5.59
N MET A 97 6.48 4.68 -5.70
CA MET A 97 7.31 4.36 -4.54
C MET A 97 7.89 5.63 -3.93
N ILE A 98 8.32 5.54 -2.67
CA ILE A 98 8.89 6.69 -1.98
C ILE A 98 10.24 6.33 -1.36
N HIS A 99 10.39 5.07 -0.96
CA HIS A 99 11.63 4.60 -0.35
C HIS A 99 11.69 3.07 -0.37
N MET A 100 12.51 2.53 -1.26
CA MET A 100 12.65 1.08 -1.37
C MET A 100 13.96 0.61 -0.72
N CYS A 101 14.07 -0.68 -0.48
CA CYS A 101 15.26 -1.25 0.14
C CYS A 101 16.33 -1.52 -0.91
N PRO A 102 17.59 -1.66 -0.46
CA PRO A 102 18.73 -1.93 -1.34
C PRO A 102 18.69 -3.33 -1.94
N SER A 103 17.74 -4.14 -1.47
CA SER A 103 17.60 -5.50 -1.96
C SER A 103 16.56 -5.57 -3.07
N THR A 104 15.58 -4.66 -3.02
CA THR A 104 14.52 -4.62 -4.03
C THR A 104 14.91 -3.72 -5.19
N LYS A 105 15.47 -2.56 -4.87
CA LYS A 105 15.88 -1.60 -5.89
C LYS A 105 16.56 -2.30 -7.06
N GLU A 106 17.28 -3.38 -6.76
CA GLU A 106 17.98 -4.15 -7.79
C GLU A 106 17.03 -4.52 -8.93
N HIS A 107 15.89 -5.10 -8.57
CA HIS A 107 14.90 -5.51 -9.57
C HIS A 107 14.51 -4.33 -10.46
N PHE A 108 14.23 -3.19 -9.84
CA PHE A 108 13.85 -1.99 -10.57
C PHE A 108 14.98 -1.54 -11.51
N ALA A 109 16.22 -1.67 -11.03
CA ALA A 109 17.38 -1.27 -11.83
C ALA A 109 17.27 -1.80 -13.25
N ARG A 110 16.84 -3.05 -13.39
CA ARG A 110 16.69 -3.67 -14.70
C ARG A 110 15.72 -2.88 -15.56
N GLU A 111 14.56 -2.56 -15.01
CA GLU A 111 13.54 -1.81 -15.73
C GLU A 111 14.12 -0.52 -16.30
N TYR A 112 14.90 0.18 -15.48
CA TYR A 112 15.51 1.43 -15.90
C TYR A 112 16.36 1.24 -17.16
N ASP A 113 17.12 0.15 -17.19
CA ASP A 113 17.96 -0.16 -18.33
C ASP A 113 17.13 -0.58 -19.53
N GLY A 1 -12.99 -16.25 13.53
CA GLY A 1 -14.37 -16.34 13.11
C GLY A 1 -14.91 -14.99 12.65
N SER A 2 -15.01 -14.82 11.33
CA SER A 2 -15.51 -13.57 10.77
C SER A 2 -16.99 -13.69 10.41
N SER A 3 -17.56 -12.60 9.94
CA SER A 3 -18.98 -12.57 9.57
C SER A 3 -19.36 -11.24 8.93
N GLY A 4 -20.57 -11.17 8.40
CA GLY A 4 -21.02 -9.94 7.76
C GLY A 4 -21.08 -10.06 6.26
N SER A 5 -21.97 -9.30 5.63
CA SER A 5 -22.12 -9.32 4.18
C SER A 5 -21.96 -7.92 3.60
N SER A 6 -21.16 -7.83 2.54
CA SER A 6 -20.91 -6.54 1.88
C SER A 6 -20.68 -6.74 0.38
N GLY A 7 -21.12 -5.75 -0.40
CA GLY A 7 -20.95 -5.83 -1.84
C GLY A 7 -19.57 -5.40 -2.29
N LYS A 8 -18.58 -6.24 -2.04
CA LYS A 8 -17.20 -5.94 -2.42
C LYS A 8 -17.11 -5.62 -3.90
N ILE A 9 -16.34 -4.59 -4.23
CA ILE A 9 -16.17 -4.18 -5.62
C ILE A 9 -15.35 -5.20 -6.40
N SER A 10 -14.38 -5.81 -5.72
CA SER A 10 -13.53 -6.82 -6.35
C SER A 10 -12.67 -7.53 -5.31
N ASN A 11 -12.00 -8.59 -5.73
CA ASN A 11 -11.14 -9.35 -4.84
C ASN A 11 -9.72 -9.43 -5.37
N ILE A 12 -9.23 -8.28 -5.87
CA ILE A 12 -7.87 -8.21 -6.41
C ILE A 12 -6.84 -8.28 -5.29
N PHE A 13 -7.25 -7.91 -4.09
CA PHE A 13 -6.35 -7.93 -2.93
C PHE A 13 -6.58 -9.19 -2.09
N GLU A 14 -7.30 -10.15 -2.65
CA GLU A 14 -7.59 -11.40 -1.96
C GLU A 14 -6.31 -12.00 -1.37
N ASP A 15 -6.32 -12.19 -0.05
CA ASP A 15 -5.16 -12.76 0.64
C ASP A 15 -3.99 -11.79 0.62
N VAL A 16 -4.28 -10.51 0.78
CA VAL A 16 -3.24 -9.48 0.78
C VAL A 16 -3.41 -8.53 1.95
N GLU A 17 -2.30 -8.22 2.62
CA GLU A 17 -2.32 -7.32 3.77
C GLU A 17 -1.88 -5.91 3.37
N PHE A 18 -2.28 -4.92 4.17
CA PHE A 18 -1.94 -3.54 3.90
C PHE A 18 -1.80 -2.75 5.20
N CYS A 19 -0.81 -1.87 5.25
CA CYS A 19 -0.57 -1.05 6.44
C CYS A 19 -0.30 0.40 6.05
N VAL A 20 -1.35 1.22 6.08
CA VAL A 20 -1.23 2.63 5.74
C VAL A 20 -0.87 3.46 6.96
N MET A 21 0.29 4.11 6.92
CA MET A 21 0.75 4.95 8.02
C MET A 21 0.08 6.32 7.98
N SER A 22 0.09 6.94 6.81
CA SER A 22 -0.50 8.26 6.64
C SER A 22 -0.94 8.48 5.19
N GLY A 23 -1.79 9.48 4.97
CA GLY A 23 -2.26 9.77 3.64
C GLY A 23 -1.92 11.18 3.20
N THR A 24 -2.88 11.86 2.59
CA THR A 24 -2.68 13.23 2.12
C THR A 24 -3.88 14.11 2.45
N ASP A 25 -3.62 15.40 2.63
CA ASP A 25 -4.68 16.36 2.96
C ASP A 25 -5.99 15.97 2.26
N SER A 26 -5.91 15.69 0.97
CA SER A 26 -7.09 15.31 0.20
C SER A 26 -7.73 14.04 0.77
N GLN A 27 -6.94 12.98 0.87
CA GLN A 27 -7.44 11.72 1.42
C GLN A 27 -6.73 11.35 2.70
N PRO A 28 -7.50 11.20 3.79
CA PRO A 28 -6.96 10.85 5.11
C PRO A 28 -6.44 9.42 5.16
N LYS A 29 -5.60 9.14 6.15
CA LYS A 29 -5.03 7.81 6.32
C LYS A 29 -6.10 6.73 6.16
N PRO A 30 -7.13 6.79 7.01
CA PRO A 30 -8.24 5.84 6.99
C PRO A 30 -9.11 6.00 5.75
N ASP A 31 -8.60 6.71 4.76
CA ASP A 31 -9.34 6.94 3.52
C ASP A 31 -9.25 5.72 2.61
N LEU A 32 -8.03 5.26 2.36
CA LEU A 32 -7.80 4.10 1.51
C LEU A 32 -8.20 2.80 2.21
N GLU A 33 -7.97 2.76 3.52
CA GLU A 33 -8.30 1.59 4.33
C GLU A 33 -9.69 1.06 3.95
N ASN A 34 -10.66 1.96 3.88
CA ASN A 34 -12.03 1.58 3.54
C ASN A 34 -12.09 0.92 2.16
N ARG A 35 -11.33 1.48 1.22
CA ARG A 35 -11.30 0.95 -0.14
C ARG A 35 -10.58 -0.40 -0.18
N ILE A 36 -9.33 -0.41 0.24
CA ILE A 36 -8.53 -1.63 0.25
C ILE A 36 -9.35 -2.80 0.78
N ALA A 37 -10.00 -2.61 1.91
CA ALA A 37 -10.82 -3.66 2.52
C ALA A 37 -11.95 -4.08 1.58
N GLU A 38 -12.55 -3.09 0.92
CA GLU A 38 -13.65 -3.36 -0.01
C GLU A 38 -13.17 -4.19 -1.19
N PHE A 39 -11.88 -4.10 -1.49
CA PHE A 39 -11.29 -4.84 -2.60
C PHE A 39 -10.79 -6.20 -2.14
N GLY A 40 -11.08 -6.55 -0.90
CA GLY A 40 -10.65 -7.83 -0.36
C GLY A 40 -9.26 -7.75 0.24
N GLY A 41 -8.92 -6.62 0.83
CA GLY A 41 -7.60 -6.45 1.43
C GLY A 41 -7.67 -6.28 2.94
N TYR A 42 -6.54 -6.48 3.60
CA TYR A 42 -6.47 -6.35 5.04
C TYR A 42 -5.71 -5.09 5.44
N ILE A 43 -6.29 -4.32 6.36
CA ILE A 43 -5.67 -3.08 6.83
C ILE A 43 -5.26 -3.19 8.29
N VAL A 44 -3.95 -3.29 8.53
CA VAL A 44 -3.43 -3.40 9.89
C VAL A 44 -2.87 -2.06 10.37
N GLN A 45 -2.46 -2.03 11.63
CA GLN A 45 -1.90 -0.81 12.22
C GLN A 45 -0.38 -0.78 12.08
N ASN A 46 0.25 -1.92 12.38
CA ASN A 46 1.70 -2.03 12.29
C ASN A 46 2.11 -3.14 11.34
N PRO A 47 3.13 -2.86 10.51
CA PRO A 47 3.64 -3.82 9.53
C PRO A 47 4.36 -4.99 10.18
N GLY A 48 4.25 -6.17 9.58
CA GLY A 48 4.90 -7.34 10.11
C GLY A 48 5.38 -8.29 9.03
N PRO A 49 5.56 -9.57 9.39
CA PRO A 49 6.02 -10.60 8.45
C PRO A 49 4.97 -10.94 7.39
N ASP A 50 3.73 -10.55 7.67
CA ASP A 50 2.63 -10.81 6.74
C ASP A 50 2.10 -9.52 6.14
N THR A 51 3.01 -8.65 5.70
CA THR A 51 2.63 -7.37 5.11
C THR A 51 3.21 -7.22 3.70
N TYR A 52 2.37 -6.80 2.77
CA TYR A 52 2.80 -6.61 1.39
C TYR A 52 3.65 -5.36 1.24
N CYS A 53 3.09 -4.23 1.69
CA CYS A 53 3.81 -2.96 1.61
C CYS A 53 3.16 -1.92 2.53
N VAL A 54 3.78 -0.75 2.62
CA VAL A 54 3.28 0.33 3.47
C VAL A 54 2.77 1.49 2.63
N ILE A 55 1.78 2.21 3.16
CA ILE A 55 1.21 3.35 2.46
C ILE A 55 1.41 4.63 3.26
N ALA A 56 2.18 5.56 2.70
CA ALA A 56 2.43 6.84 3.37
C ALA A 56 2.50 7.98 2.35
N GLY A 57 1.59 8.93 2.49
CA GLY A 57 1.55 10.06 1.58
C GLY A 57 2.68 11.04 1.83
N SER A 58 3.09 11.15 3.09
CA SER A 58 4.16 12.06 3.47
C SER A 58 5.17 11.37 4.38
N GLU A 59 6.27 12.05 4.67
CA GLU A 59 7.32 11.50 5.52
C GLU A 59 7.10 11.94 6.97
N ASN A 60 6.39 11.11 7.74
CA ASN A 60 6.12 11.42 9.14
C ASN A 60 7.02 10.59 10.06
N ILE A 61 6.89 10.81 11.36
CA ILE A 61 7.68 10.10 12.34
C ILE A 61 7.53 8.59 12.17
N ARG A 62 6.32 8.09 12.39
CA ARG A 62 6.04 6.67 12.26
C ARG A 62 6.72 6.09 11.02
N VAL A 63 6.40 6.66 9.86
CA VAL A 63 6.97 6.20 8.59
C VAL A 63 8.48 6.01 8.72
N LYS A 64 9.16 7.01 9.26
CA LYS A 64 10.61 6.96 9.44
C LYS A 64 11.03 5.62 10.07
N ASN A 65 10.45 5.32 11.23
CA ASN A 65 10.77 4.08 11.93
C ASN A 65 10.80 2.90 10.95
N ILE A 66 9.74 2.76 10.18
CA ILE A 66 9.64 1.67 9.21
C ILE A 66 10.75 1.77 8.17
N ILE A 67 11.14 2.99 7.83
CA ILE A 67 12.18 3.23 6.85
C ILE A 67 13.54 2.77 7.37
N LEU A 68 13.89 3.22 8.57
CA LEU A 68 15.16 2.85 9.18
C LEU A 68 15.37 1.33 9.13
N SER A 69 14.45 0.59 9.75
CA SER A 69 14.54 -0.86 9.77
C SER A 69 15.03 -1.40 8.43
N ASN A 70 14.49 -0.84 7.35
CA ASN A 70 14.87 -1.26 6.00
C ASN A 70 14.42 -2.70 5.74
N LYS A 71 13.15 -2.97 5.98
CA LYS A 71 12.60 -4.30 5.77
C LYS A 71 11.48 -4.27 4.72
N HIS A 72 10.74 -3.18 4.70
CA HIS A 72 9.64 -3.02 3.74
C HIS A 72 9.82 -1.76 2.91
N ASP A 73 8.94 -1.57 1.93
CA ASP A 73 9.00 -0.41 1.06
C ASP A 73 7.84 0.54 1.32
N VAL A 74 8.01 1.80 0.93
CA VAL A 74 6.98 2.80 1.13
C VAL A 74 6.30 3.16 -0.19
N VAL A 75 4.99 2.91 -0.26
CA VAL A 75 4.23 3.20 -1.46
C VAL A 75 3.29 4.39 -1.25
N LYS A 76 3.10 5.18 -2.29
CA LYS A 76 2.22 6.34 -2.21
C LYS A 76 0.76 5.92 -2.14
N PRO A 77 -0.06 6.76 -1.48
CA PRO A 77 -1.50 6.49 -1.31
C PRO A 77 -2.26 6.62 -2.63
N ALA A 78 -1.54 6.96 -3.69
CA ALA A 78 -2.16 7.11 -5.00
C ALA A 78 -2.26 5.78 -5.73
N TRP A 79 -1.16 5.01 -5.71
CA TRP A 79 -1.13 3.71 -6.36
C TRP A 79 -2.40 2.91 -6.04
N LEU A 80 -2.98 3.18 -4.88
CA LEU A 80 -4.19 2.48 -4.46
C LEU A 80 -5.40 2.97 -5.24
N LEU A 81 -5.42 4.26 -5.55
CA LEU A 81 -6.52 4.85 -6.31
C LEU A 81 -6.62 4.23 -7.69
N GLU A 82 -5.50 4.14 -8.38
CA GLU A 82 -5.47 3.56 -9.73
C GLU A 82 -6.22 2.24 -9.76
N CYS A 83 -6.21 1.53 -8.64
CA CYS A 83 -6.89 0.24 -8.54
C CYS A 83 -8.38 0.43 -8.24
N PHE A 84 -8.70 1.51 -7.56
CA PHE A 84 -10.09 1.81 -7.20
C PHE A 84 -10.85 2.36 -8.40
N LYS A 85 -10.11 2.89 -9.38
CA LYS A 85 -10.72 3.45 -10.58
C LYS A 85 -10.67 2.44 -11.73
N THR A 86 -9.69 1.55 -11.68
CA THR A 86 -9.54 0.53 -12.72
C THR A 86 -9.99 -0.84 -12.21
N LYS A 87 -10.21 -0.94 -10.91
CA LYS A 87 -10.64 -2.20 -10.30
C LYS A 87 -9.78 -3.36 -10.78
N SER A 88 -8.46 -3.15 -10.79
CA SER A 88 -7.53 -4.18 -11.22
C SER A 88 -6.15 -3.96 -10.60
N PHE A 89 -5.53 -5.05 -10.16
CA PHE A 89 -4.21 -4.97 -9.55
C PHE A 89 -3.26 -4.15 -10.41
N VAL A 90 -3.03 -2.90 -10.01
CA VAL A 90 -2.15 -2.01 -10.75
C VAL A 90 -0.68 -2.32 -10.43
N PRO A 91 0.16 -2.33 -11.48
CA PRO A 91 1.59 -2.61 -11.34
C PRO A 91 2.33 -1.48 -10.64
N TRP A 92 3.47 -1.81 -10.03
CA TRP A 92 4.27 -0.82 -9.32
C TRP A 92 5.05 0.06 -10.29
N GLN A 93 5.11 1.35 -10.00
CA GLN A 93 5.81 2.29 -10.84
C GLN A 93 6.79 3.13 -10.03
N PRO A 94 7.81 3.68 -10.71
CA PRO A 94 8.83 4.53 -10.07
C PRO A 94 8.27 5.86 -9.61
N ARG A 95 7.03 6.14 -9.97
CA ARG A 95 6.38 7.39 -9.59
C ARG A 95 5.48 7.20 -8.38
N PHE A 96 5.20 5.94 -8.05
CA PHE A 96 4.35 5.62 -6.91
C PHE A 96 5.19 5.28 -5.69
N MET A 97 6.34 4.67 -5.92
CA MET A 97 7.24 4.30 -4.83
C MET A 97 8.01 5.50 -4.32
N ILE A 98 8.14 5.60 -3.00
CA ILE A 98 8.86 6.71 -2.38
C ILE A 98 10.23 6.27 -1.88
N HIS A 99 10.30 5.06 -1.34
CA HIS A 99 11.56 4.52 -0.84
C HIS A 99 11.57 2.99 -0.93
N MET A 100 12.62 2.46 -1.55
CA MET A 100 12.75 1.02 -1.70
C MET A 100 14.11 0.54 -1.21
N CYS A 101 14.10 -0.49 -0.36
CA CYS A 101 15.33 -1.04 0.19
C CYS A 101 16.40 -1.19 -0.90
N PRO A 102 17.66 -1.27 -0.47
CA PRO A 102 18.80 -1.42 -1.39
C PRO A 102 18.83 -2.79 -2.04
N SER A 103 17.96 -3.68 -1.59
CA SER A 103 17.90 -5.03 -2.14
C SER A 103 16.83 -5.12 -3.23
N THR A 104 15.94 -4.15 -3.26
CA THR A 104 14.87 -4.12 -4.24
C THR A 104 15.23 -3.20 -5.42
N LYS A 105 15.88 -2.09 -5.11
CA LYS A 105 16.28 -1.13 -6.13
C LYS A 105 17.06 -1.82 -7.25
N GLU A 106 17.77 -2.89 -6.90
CA GLU A 106 18.56 -3.64 -7.87
C GLU A 106 17.66 -4.16 -9.00
N HIS A 107 16.51 -4.70 -8.64
CA HIS A 107 15.57 -5.23 -9.61
C HIS A 107 15.12 -4.14 -10.58
N PHE A 108 14.72 -3.00 -10.04
CA PHE A 108 14.26 -1.88 -10.87
C PHE A 108 15.38 -1.39 -11.79
N ALA A 109 16.58 -1.24 -11.23
CA ALA A 109 17.72 -0.79 -12.00
C ALA A 109 17.70 -1.37 -13.42
N ARG A 110 17.42 -2.67 -13.51
CA ARG A 110 17.37 -3.35 -14.80
C ARG A 110 16.38 -2.66 -15.74
N GLU A 111 15.22 -2.31 -15.21
CA GLU A 111 14.19 -1.64 -16.00
C GLU A 111 14.66 -0.28 -16.47
N TYR A 112 15.21 0.51 -15.55
CA TYR A 112 15.70 1.84 -15.87
C TYR A 112 16.41 1.85 -17.21
N ASP A 113 17.25 0.84 -17.44
CA ASP A 113 17.99 0.73 -18.69
C ASP A 113 17.13 0.11 -19.78
N GLY A 1 -25.47 -16.22 15.15
CA GLY A 1 -24.67 -15.22 15.82
C GLY A 1 -24.99 -13.81 15.37
N SER A 2 -23.94 -13.04 15.08
CA SER A 2 -24.11 -11.66 14.63
C SER A 2 -24.24 -11.60 13.11
N SER A 3 -25.46 -11.44 12.63
CA SER A 3 -25.71 -11.37 11.20
C SER A 3 -24.80 -10.33 10.53
N GLY A 4 -24.51 -10.55 9.26
CA GLY A 4 -23.64 -9.62 8.53
C GLY A 4 -23.43 -10.05 7.09
N SER A 5 -23.58 -9.10 6.17
CA SER A 5 -23.40 -9.38 4.75
C SER A 5 -22.16 -8.67 4.21
N SER A 6 -21.60 -9.23 3.14
CA SER A 6 -20.40 -8.66 2.52
C SER A 6 -20.59 -8.49 1.02
N GLY A 7 -19.77 -7.64 0.41
CA GLY A 7 -19.86 -7.41 -1.02
C GLY A 7 -18.66 -6.65 -1.56
N LYS A 8 -17.56 -7.38 -1.77
CA LYS A 8 -16.34 -6.77 -2.29
C LYS A 8 -16.49 -6.42 -3.77
N ILE A 9 -16.06 -5.22 -4.14
CA ILE A 9 -16.15 -4.76 -5.51
C ILE A 9 -15.19 -5.53 -6.41
N SER A 10 -14.00 -5.81 -5.89
CA SER A 10 -12.99 -6.54 -6.65
C SER A 10 -12.00 -7.23 -5.71
N ASN A 11 -11.87 -8.54 -5.86
CA ASN A 11 -10.95 -9.32 -5.02
C ASN A 11 -9.56 -9.33 -5.61
N ILE A 12 -9.03 -8.14 -5.90
CA ILE A 12 -7.69 -8.02 -6.47
C ILE A 12 -6.62 -8.06 -5.39
N PHE A 13 -6.97 -7.55 -4.21
CA PHE A 13 -6.04 -7.54 -3.08
C PHE A 13 -6.25 -8.74 -2.18
N GLU A 14 -7.03 -9.71 -2.66
CA GLU A 14 -7.31 -10.92 -1.90
C GLU A 14 -6.03 -11.54 -1.37
N ASP A 15 -5.97 -11.73 -0.06
CA ASP A 15 -4.80 -12.32 0.58
C ASP A 15 -3.63 -11.33 0.58
N VAL A 16 -3.95 -10.05 0.70
CA VAL A 16 -2.93 -9.01 0.72
C VAL A 16 -3.12 -8.07 1.90
N GLU A 17 -2.01 -7.75 2.58
CA GLU A 17 -2.06 -6.87 3.74
C GLU A 17 -1.72 -5.44 3.33
N PHE A 18 -2.18 -4.48 4.13
CA PHE A 18 -1.94 -3.07 3.86
C PHE A 18 -1.81 -2.27 5.16
N CYS A 19 -0.78 -1.44 5.24
CA CYS A 19 -0.54 -0.62 6.43
C CYS A 19 -0.45 0.85 6.06
N VAL A 20 -1.54 1.58 6.28
CA VAL A 20 -1.59 3.00 5.97
C VAL A 20 -1.02 3.83 7.12
N MET A 21 0.02 4.61 6.83
CA MET A 21 0.65 5.45 7.84
C MET A 21 0.13 6.88 7.76
N SER A 22 -0.18 7.33 6.54
CA SER A 22 -0.68 8.68 6.34
C SER A 22 -1.26 8.83 4.93
N GLY A 23 -2.29 9.67 4.82
CA GLY A 23 -2.92 9.89 3.53
C GLY A 23 -2.70 11.29 3.00
N THR A 24 -3.60 11.75 2.15
CA THR A 24 -3.50 13.08 1.57
C THR A 24 -4.75 13.90 1.83
N ASP A 25 -4.68 15.20 1.56
CA ASP A 25 -5.81 16.09 1.77
C ASP A 25 -7.09 15.49 1.18
N SER A 26 -7.03 15.13 -0.10
CA SER A 26 -8.18 14.56 -0.78
C SER A 26 -8.69 13.32 -0.05
N GLN A 27 -7.78 12.40 0.25
CA GLN A 27 -8.13 11.17 0.96
C GLN A 27 -7.34 11.05 2.25
N PRO A 28 -8.05 10.99 3.38
CA PRO A 28 -7.44 10.86 4.71
C PRO A 28 -6.80 9.48 4.92
N LYS A 29 -5.94 9.39 5.93
CA LYS A 29 -5.26 8.14 6.23
C LYS A 29 -6.25 6.98 6.27
N PRO A 30 -7.26 7.08 7.15
CA PRO A 30 -8.29 6.05 7.28
C PRO A 30 -9.22 5.99 6.08
N ASP A 31 -8.77 6.57 4.96
CA ASP A 31 -9.57 6.58 3.73
C ASP A 31 -9.40 5.27 2.98
N LEU A 32 -8.16 4.91 2.68
CA LEU A 32 -7.87 3.68 1.96
C LEU A 32 -8.20 2.45 2.81
N GLU A 33 -7.95 2.56 4.11
CA GLU A 33 -8.22 1.47 5.03
C GLU A 33 -9.59 0.86 4.77
N ASN A 34 -10.59 1.70 4.59
CA ASN A 34 -11.95 1.26 4.32
C ASN A 34 -12.06 0.67 2.91
N ARG A 35 -11.57 1.41 1.94
CA ARG A 35 -11.61 0.97 0.55
C ARG A 35 -10.92 -0.38 0.39
N ILE A 36 -9.61 -0.40 0.60
CA ILE A 36 -8.84 -1.63 0.47
C ILE A 36 -9.66 -2.84 0.91
N ALA A 37 -10.14 -2.81 2.16
CA ALA A 37 -10.94 -3.90 2.69
C ALA A 37 -12.03 -4.32 1.70
N GLU A 38 -12.76 -3.33 1.18
CA GLU A 38 -13.83 -3.61 0.24
C GLU A 38 -13.28 -4.28 -1.03
N PHE A 39 -12.00 -4.06 -1.29
CA PHE A 39 -11.36 -4.65 -2.47
C PHE A 39 -10.73 -5.99 -2.12
N GLY A 40 -11.18 -6.59 -1.03
CA GLY A 40 -10.65 -7.88 -0.60
C GLY A 40 -9.23 -7.78 -0.08
N GLY A 41 -9.01 -6.82 0.82
CA GLY A 41 -7.69 -6.64 1.40
C GLY A 41 -7.71 -6.55 2.90
N TYR A 42 -6.54 -6.62 3.52
CA TYR A 42 -6.44 -6.57 4.97
C TYR A 42 -5.79 -5.25 5.42
N ILE A 43 -6.28 -4.69 6.52
CA ILE A 43 -5.76 -3.44 7.05
C ILE A 43 -5.23 -3.62 8.47
N VAL A 44 -3.97 -3.26 8.67
CA VAL A 44 -3.34 -3.37 9.98
C VAL A 44 -2.83 -2.02 10.48
N GLN A 45 -2.18 -2.02 11.63
CA GLN A 45 -1.66 -0.80 12.22
C GLN A 45 -0.14 -0.75 12.11
N ASN A 46 0.51 -1.84 12.51
CA ASN A 46 1.96 -1.92 12.47
C ASN A 46 2.41 -3.02 11.49
N PRO A 47 3.39 -2.68 10.64
CA PRO A 47 3.94 -3.62 9.65
C PRO A 47 4.74 -4.74 10.29
N GLY A 48 4.46 -5.98 9.87
CA GLY A 48 5.16 -7.12 10.42
C GLY A 48 5.49 -8.15 9.35
N PRO A 49 5.71 -9.40 9.79
CA PRO A 49 6.05 -10.50 8.89
C PRO A 49 4.86 -10.92 8.02
N ASP A 50 3.66 -10.55 8.45
CA ASP A 50 2.45 -10.88 7.71
C ASP A 50 1.87 -9.64 7.04
N THR A 51 2.75 -8.83 6.44
CA THR A 51 2.32 -7.61 5.78
C THR A 51 2.92 -7.51 4.38
N TYR A 52 2.28 -6.73 3.52
CA TYR A 52 2.75 -6.55 2.15
C TYR A 52 3.68 -5.35 2.04
N CYS A 53 3.14 -4.17 2.30
CA CYS A 53 3.91 -2.94 2.24
C CYS A 53 3.24 -1.82 3.03
N VAL A 54 3.93 -0.69 3.16
CA VAL A 54 3.39 0.45 3.89
C VAL A 54 3.02 1.58 2.95
N ILE A 55 1.92 2.27 3.26
CA ILE A 55 1.45 3.37 2.42
C ILE A 55 1.52 4.69 3.19
N ALA A 56 2.37 5.60 2.72
CA ALA A 56 2.53 6.91 3.35
C ALA A 56 2.79 7.99 2.31
N GLY A 57 1.88 8.96 2.23
CA GLY A 57 2.03 10.04 1.28
C GLY A 57 3.38 10.73 1.39
N SER A 58 3.88 10.86 2.61
CA SER A 58 5.16 11.50 2.86
C SER A 58 5.95 10.77 3.93
N GLU A 59 7.24 11.09 4.04
CA GLU A 59 8.10 10.46 5.03
C GLU A 59 7.89 11.07 6.41
N ASN A 60 7.02 10.46 7.20
CA ASN A 60 6.72 10.96 8.54
C ASN A 60 7.41 10.09 9.59
N ILE A 61 7.51 10.62 10.81
CA ILE A 61 8.14 9.89 11.91
C ILE A 61 7.87 8.40 11.81
N ARG A 62 6.60 8.03 11.98
CA ARG A 62 6.19 6.63 11.91
C ARG A 62 6.84 5.93 10.71
N VAL A 63 6.53 6.43 9.52
CA VAL A 63 7.08 5.86 8.29
C VAL A 63 8.58 5.58 8.43
N LYS A 64 9.29 6.54 9.00
CA LYS A 64 10.73 6.41 9.21
C LYS A 64 11.07 5.07 9.87
N ASN A 65 10.48 4.84 11.05
CA ASN A 65 10.72 3.61 11.79
C ASN A 65 10.69 2.40 10.86
N ILE A 66 9.72 2.39 9.94
CA ILE A 66 9.58 1.29 9.00
C ILE A 66 10.72 1.29 7.98
N ILE A 67 11.06 2.48 7.49
CA ILE A 67 12.13 2.61 6.51
C ILE A 67 13.45 2.05 7.06
N LEU A 68 13.81 2.47 8.26
CA LEU A 68 15.04 2.01 8.90
C LEU A 68 15.19 0.50 8.75
N SER A 69 14.27 -0.24 9.39
CA SER A 69 14.31 -1.70 9.34
C SER A 69 14.64 -2.19 7.93
N ASN A 70 14.21 -1.43 6.93
CA ASN A 70 14.47 -1.78 5.53
C ASN A 70 13.92 -3.17 5.22
N LYS A 71 12.70 -3.45 5.67
CA LYS A 71 12.05 -4.73 5.44
C LYS A 71 10.92 -4.60 4.43
N HIS A 72 10.16 -3.51 4.55
CA HIS A 72 9.03 -3.27 3.67
C HIS A 72 9.35 -2.14 2.69
N ASP A 73 8.35 -1.76 1.89
CA ASP A 73 8.53 -0.69 0.92
C ASP A 73 7.49 0.41 1.11
N VAL A 74 7.93 1.66 1.01
CA VAL A 74 7.03 2.79 1.18
C VAL A 74 6.42 3.22 -0.15
N VAL A 75 5.10 3.35 -0.18
CA VAL A 75 4.40 3.75 -1.39
C VAL A 75 3.38 4.84 -1.10
N LYS A 76 3.11 5.68 -2.10
CA LYS A 76 2.15 6.77 -1.95
C LYS A 76 0.72 6.24 -1.97
N PRO A 77 -0.18 6.94 -1.27
CA PRO A 77 -1.60 6.56 -1.20
C PRO A 77 -2.32 6.76 -2.51
N ALA A 78 -1.61 7.31 -3.50
CA ALA A 78 -2.19 7.55 -4.82
C ALA A 78 -2.29 6.26 -5.62
N TRP A 79 -1.18 5.53 -5.70
CA TRP A 79 -1.15 4.28 -6.45
C TRP A 79 -2.41 3.46 -6.19
N LEU A 80 -2.88 3.47 -4.95
CA LEU A 80 -4.08 2.72 -4.57
C LEU A 80 -5.26 3.15 -5.45
N LEU A 81 -5.37 4.44 -5.70
CA LEU A 81 -6.45 4.97 -6.52
C LEU A 81 -6.50 4.28 -7.88
N GLU A 82 -5.36 4.25 -8.56
CA GLU A 82 -5.27 3.62 -9.87
C GLU A 82 -6.00 2.28 -9.88
N CYS A 83 -6.09 1.65 -8.71
CA CYS A 83 -6.76 0.37 -8.58
C CYS A 83 -8.27 0.54 -8.40
N PHE A 84 -8.64 1.59 -7.68
CA PHE A 84 -10.06 1.87 -7.44
C PHE A 84 -10.74 2.35 -8.71
N LYS A 85 -9.95 2.84 -9.65
CA LYS A 85 -10.48 3.33 -10.92
C LYS A 85 -10.42 2.25 -11.99
N THR A 86 -9.38 1.43 -11.94
CA THR A 86 -9.20 0.36 -12.91
C THR A 86 -9.58 -0.99 -12.30
N LYS A 87 -10.01 -0.97 -11.05
CA LYS A 87 -10.40 -2.19 -10.36
C LYS A 87 -9.50 -3.35 -10.73
N SER A 88 -8.19 -3.08 -10.76
CA SER A 88 -7.21 -4.10 -11.11
C SER A 88 -5.93 -3.92 -10.30
N PHE A 89 -5.10 -4.95 -10.27
CA PHE A 89 -3.85 -4.92 -9.53
C PHE A 89 -2.79 -4.14 -10.30
N VAL A 90 -2.66 -2.86 -9.99
CA VAL A 90 -1.68 -1.99 -10.66
C VAL A 90 -0.29 -2.20 -10.07
N PRO A 91 0.72 -2.28 -10.96
CA PRO A 91 2.11 -2.46 -10.55
C PRO A 91 2.69 -1.23 -9.86
N TRP A 92 3.96 -1.31 -9.49
CA TRP A 92 4.63 -0.20 -8.82
C TRP A 92 5.18 0.79 -9.84
N GLN A 93 5.13 2.08 -9.49
CA GLN A 93 5.64 3.13 -10.37
C GLN A 93 6.64 4.01 -9.65
N PRO A 94 7.52 4.66 -10.42
CA PRO A 94 8.55 5.54 -9.88
C PRO A 94 7.96 6.83 -9.31
N ARG A 95 6.68 7.06 -9.58
CA ARG A 95 6.01 8.26 -9.09
C ARG A 95 5.18 7.94 -7.85
N PHE A 96 4.93 6.66 -7.62
CA PHE A 96 4.16 6.24 -6.46
C PHE A 96 5.07 5.74 -5.34
N MET A 97 6.13 5.04 -5.72
CA MET A 97 7.09 4.51 -4.75
C MET A 97 7.95 5.63 -4.18
N ILE A 98 8.22 5.56 -2.87
CA ILE A 98 9.04 6.56 -2.21
C ILE A 98 10.37 5.98 -1.75
N HIS A 99 10.33 4.73 -1.30
CA HIS A 99 11.54 4.05 -0.84
C HIS A 99 11.48 2.56 -1.15
N MET A 100 12.55 2.04 -1.73
CA MET A 100 12.63 0.63 -2.09
C MET A 100 13.99 0.04 -1.73
N CYS A 101 13.99 -1.15 -1.14
CA CYS A 101 15.22 -1.81 -0.76
C CYS A 101 16.27 -1.71 -1.86
N PRO A 102 17.55 -1.91 -1.49
CA PRO A 102 18.66 -1.84 -2.43
C PRO A 102 18.66 -3.01 -3.42
N SER A 103 17.81 -3.99 -3.17
CA SER A 103 17.71 -5.16 -4.03
C SER A 103 16.60 -4.98 -5.07
N THR A 104 15.64 -4.13 -4.76
CA THR A 104 14.53 -3.86 -5.65
C THR A 104 14.74 -2.58 -6.44
N LYS A 105 15.38 -1.61 -5.80
CA LYS A 105 15.65 -0.32 -6.44
C LYS A 105 16.60 -0.49 -7.63
N GLU A 106 17.65 -1.29 -7.43
CA GLU A 106 18.63 -1.54 -8.48
C GLU A 106 17.94 -1.90 -9.79
N HIS A 107 16.92 -2.75 -9.70
CA HIS A 107 16.17 -3.17 -10.89
C HIS A 107 15.54 -1.97 -11.59
N PHE A 108 15.20 -0.95 -10.82
CA PHE A 108 14.60 0.25 -11.37
C PHE A 108 15.64 1.13 -12.04
N ALA A 109 16.79 1.28 -11.38
CA ALA A 109 17.88 2.10 -11.92
C ALA A 109 18.34 1.59 -13.28
N ARG A 110 18.15 0.29 -13.50
CA ARG A 110 18.56 -0.33 -14.77
C ARG A 110 17.45 -0.20 -15.80
N GLU A 111 16.20 -0.20 -15.34
CA GLU A 111 15.05 -0.08 -16.22
C GLU A 111 15.14 1.19 -17.07
N TYR A 112 15.40 2.32 -16.41
CA TYR A 112 15.51 3.60 -17.09
C TYR A 112 16.16 3.43 -18.46
N ASP A 113 17.33 2.80 -18.48
CA ASP A 113 18.05 2.57 -19.73
C ASP A 113 17.17 1.88 -20.75
N GLY A 1 -16.95 -10.50 16.47
CA GLY A 1 -16.81 -11.11 15.17
C GLY A 1 -17.49 -10.33 14.07
N SER A 2 -16.84 -10.24 12.91
CA SER A 2 -17.39 -9.51 11.78
C SER A 2 -16.54 -9.72 10.53
N SER A 3 -17.19 -9.71 9.38
CA SER A 3 -16.50 -9.89 8.11
C SER A 3 -15.90 -8.59 7.61
N GLY A 4 -16.70 -7.53 7.64
CA GLY A 4 -16.24 -6.23 7.19
C GLY A 4 -17.17 -5.59 6.18
N SER A 5 -16.69 -5.36 4.97
CA SER A 5 -17.48 -4.75 3.92
C SER A 5 -18.36 -5.79 3.23
N SER A 6 -19.64 -5.48 3.08
CA SER A 6 -20.58 -6.39 2.45
C SER A 6 -20.59 -6.18 0.93
N GLY A 7 -20.31 -7.25 0.18
CA GLY A 7 -20.29 -7.16 -1.26
C GLY A 7 -19.11 -6.37 -1.78
N LYS A 8 -17.91 -6.95 -1.68
CA LYS A 8 -16.70 -6.30 -2.14
C LYS A 8 -16.80 -5.94 -3.62
N ILE A 9 -16.22 -4.80 -3.99
CA ILE A 9 -16.24 -4.34 -5.38
C ILE A 9 -15.41 -5.26 -6.27
N SER A 10 -14.29 -5.75 -5.73
CA SER A 10 -13.41 -6.63 -6.48
C SER A 10 -12.43 -7.34 -5.54
N ASN A 11 -12.04 -8.55 -5.91
CA ASN A 11 -11.11 -9.34 -5.11
C ASN A 11 -9.71 -9.30 -5.70
N ILE A 12 -9.24 -8.10 -6.04
CA ILE A 12 -7.92 -7.92 -6.61
C ILE A 12 -6.84 -8.00 -5.54
N PHE A 13 -7.22 -7.66 -4.31
CA PHE A 13 -6.28 -7.69 -3.19
C PHE A 13 -6.54 -8.89 -2.29
N GLU A 14 -7.31 -9.84 -2.79
CA GLU A 14 -7.64 -11.04 -2.03
C GLU A 14 -6.38 -11.70 -1.47
N ASP A 15 -6.33 -11.85 -0.15
CA ASP A 15 -5.19 -12.45 0.50
C ASP A 15 -3.99 -11.51 0.49
N VAL A 16 -4.27 -10.21 0.55
CA VAL A 16 -3.22 -9.20 0.55
C VAL A 16 -3.37 -8.24 1.71
N GLU A 17 -2.32 -8.10 2.51
CA GLU A 17 -2.34 -7.21 3.66
C GLU A 17 -1.82 -5.82 3.29
N PHE A 18 -2.22 -4.81 4.06
CA PHE A 18 -1.80 -3.44 3.81
C PHE A 18 -1.59 -2.69 5.12
N CYS A 19 -0.60 -1.81 5.14
CA CYS A 19 -0.30 -1.02 6.33
C CYS A 19 -0.17 0.47 5.99
N VAL A 20 -1.22 1.22 6.26
CA VAL A 20 -1.23 2.66 5.98
C VAL A 20 -0.68 3.44 7.16
N MET A 21 0.17 4.43 6.88
CA MET A 21 0.75 5.26 7.92
C MET A 21 0.18 6.67 7.87
N SER A 22 -0.12 7.14 6.65
CA SER A 22 -0.66 8.48 6.48
C SER A 22 -1.18 8.67 5.04
N GLY A 23 -1.97 9.71 4.85
CA GLY A 23 -2.52 9.98 3.52
C GLY A 23 -2.34 11.42 3.11
N THR A 24 -3.25 11.92 2.29
CA THR A 24 -3.18 13.30 1.81
C THR A 24 -4.51 14.02 2.01
N ASP A 25 -4.47 15.35 1.99
CA ASP A 25 -5.67 16.15 2.17
C ASP A 25 -6.87 15.49 1.50
N SER A 26 -6.84 15.40 0.18
CA SER A 26 -7.93 14.79 -0.57
C SER A 26 -8.36 13.47 0.06
N GLN A 27 -7.39 12.58 0.26
CA GLN A 27 -7.67 11.28 0.86
C GLN A 27 -6.95 11.13 2.19
N PRO A 28 -7.73 11.15 3.29
CA PRO A 28 -7.19 11.03 4.65
C PRO A 28 -6.67 9.62 4.93
N LYS A 29 -5.88 9.50 5.98
CA LYS A 29 -5.31 8.21 6.37
C LYS A 29 -6.37 7.11 6.33
N PRO A 30 -7.43 7.30 7.14
CA PRO A 30 -8.54 6.34 7.22
C PRO A 30 -9.37 6.31 5.95
N ASP A 31 -8.82 6.84 4.86
CA ASP A 31 -9.51 6.87 3.59
C ASP A 31 -9.31 5.56 2.82
N LEU A 32 -8.06 5.24 2.54
CA LEU A 32 -7.73 4.01 1.81
C LEU A 32 -8.10 2.78 2.63
N GLU A 33 -7.82 2.82 3.93
CA GLU A 33 -8.13 1.71 4.82
C GLU A 33 -9.48 1.11 4.48
N ASN A 34 -10.47 1.96 4.27
CA ASN A 34 -11.82 1.51 3.93
C ASN A 34 -11.85 0.88 2.55
N ARG A 35 -11.38 1.62 1.56
CA ARG A 35 -11.36 1.13 0.18
C ARG A 35 -10.73 -0.26 0.10
N ILE A 36 -9.44 -0.33 0.42
CA ILE A 36 -8.72 -1.61 0.40
C ILE A 36 -9.62 -2.76 0.85
N ALA A 37 -10.10 -2.67 2.09
CA ALA A 37 -10.97 -3.70 2.65
C ALA A 37 -12.09 -4.05 1.68
N GLU A 38 -12.70 -3.04 1.09
CA GLU A 38 -13.79 -3.24 0.14
C GLU A 38 -13.31 -4.04 -1.07
N PHE A 39 -12.03 -3.91 -1.39
CA PHE A 39 -11.45 -4.62 -2.52
C PHE A 39 -10.86 -5.96 -2.08
N GLY A 40 -11.34 -6.47 -0.95
CA GLY A 40 -10.85 -7.74 -0.45
C GLY A 40 -9.43 -7.65 0.06
N GLY A 41 -9.15 -6.64 0.87
CA GLY A 41 -7.81 -6.46 1.41
C GLY A 41 -7.80 -6.35 2.91
N TYR A 42 -6.65 -6.63 3.52
CA TYR A 42 -6.52 -6.56 4.97
C TYR A 42 -5.78 -5.29 5.39
N ILE A 43 -6.26 -4.68 6.48
CA ILE A 43 -5.64 -3.46 6.98
C ILE A 43 -5.17 -3.63 8.42
N VAL A 44 -3.89 -3.37 8.67
CA VAL A 44 -3.32 -3.50 10.00
C VAL A 44 -2.81 -2.16 10.51
N GLN A 45 -2.21 -2.16 11.69
CA GLN A 45 -1.68 -0.95 12.30
C GLN A 45 -0.17 -0.88 12.14
N ASN A 46 0.49 -2.02 12.33
CA ASN A 46 1.94 -2.09 12.22
C ASN A 46 2.36 -3.15 11.20
N PRO A 47 3.38 -2.82 10.39
CA PRO A 47 3.90 -3.73 9.35
C PRO A 47 4.62 -4.92 9.95
N GLY A 48 4.49 -6.08 9.30
CA GLY A 48 5.14 -7.28 9.78
C GLY A 48 5.54 -8.21 8.65
N PRO A 49 5.74 -9.49 8.99
CA PRO A 49 6.13 -10.51 8.01
C PRO A 49 5.00 -10.84 7.03
N ASP A 50 3.78 -10.58 7.45
CA ASP A 50 2.60 -10.84 6.61
C ASP A 50 2.06 -9.55 6.01
N THR A 51 2.97 -8.68 5.56
CA THR A 51 2.56 -7.41 4.97
C THR A 51 3.06 -7.29 3.53
N TYR A 52 2.25 -6.69 2.68
CA TYR A 52 2.60 -6.51 1.27
C TYR A 52 3.44 -5.25 1.08
N CYS A 53 2.93 -4.13 1.61
CA CYS A 53 3.63 -2.86 1.49
C CYS A 53 2.99 -1.81 2.38
N VAL A 54 3.80 -0.89 2.90
CA VAL A 54 3.31 0.17 3.78
C VAL A 54 3.01 1.43 2.99
N ILE A 55 1.75 1.84 2.99
CA ILE A 55 1.33 3.03 2.27
C ILE A 55 1.51 4.29 3.13
N ALA A 56 2.05 5.33 2.53
CA ALA A 56 2.27 6.59 3.25
C ALA A 56 2.24 7.78 2.29
N GLY A 57 1.39 8.76 2.58
CA GLY A 57 1.29 9.94 1.74
C GLY A 57 2.34 10.97 2.07
N SER A 58 2.79 10.99 3.31
CA SER A 58 3.80 11.94 3.75
C SER A 58 4.74 11.31 4.78
N GLU A 59 6.01 11.67 4.71
CA GLU A 59 7.02 11.14 5.63
C GLU A 59 6.66 11.50 7.07
N ASN A 60 5.93 10.62 7.74
CA ASN A 60 5.53 10.84 9.12
C ASN A 60 6.43 10.07 10.08
N ILE A 61 6.45 10.50 11.34
CA ILE A 61 7.27 9.85 12.36
C ILE A 61 7.28 8.34 12.17
N ARG A 62 6.11 7.72 12.33
CA ARG A 62 5.99 6.28 12.18
C ARG A 62 6.77 5.79 10.97
N VAL A 63 6.45 6.34 9.80
CA VAL A 63 7.12 5.95 8.56
C VAL A 63 8.63 5.86 8.76
N LYS A 64 9.25 7.00 9.09
CA LYS A 64 10.69 7.04 9.32
C LYS A 64 11.19 5.75 9.95
N ASN A 65 10.64 5.41 11.12
CA ASN A 65 11.03 4.20 11.83
C ASN A 65 11.12 3.02 10.87
N ILE A 66 10.11 2.87 10.01
CA ILE A 66 10.07 1.79 9.04
C ILE A 66 11.15 1.97 7.98
N ILE A 67 11.46 3.22 7.67
CA ILE A 67 12.49 3.53 6.67
C ILE A 67 13.88 3.16 7.17
N LEU A 68 14.21 3.62 8.37
CA LEU A 68 15.51 3.32 8.96
C LEU A 68 15.87 1.85 8.81
N SER A 69 15.05 0.99 9.42
CA SER A 69 15.28 -0.45 9.36
C SER A 69 15.72 -0.87 7.96
N ASN A 70 15.13 -0.25 6.95
CA ASN A 70 15.46 -0.55 5.56
C ASN A 70 15.12 -2.02 5.23
N LYS A 71 14.03 -2.50 5.79
CA LYS A 71 13.60 -3.87 5.56
C LYS A 71 12.28 -3.91 4.80
N HIS A 72 11.40 -2.96 5.10
CA HIS A 72 10.10 -2.87 4.44
C HIS A 72 10.13 -1.86 3.30
N ASP A 73 9.00 -1.72 2.62
CA ASP A 73 8.90 -0.78 1.51
C ASP A 73 7.74 0.18 1.70
N VAL A 74 7.94 1.44 1.33
CA VAL A 74 6.91 2.45 1.46
C VAL A 74 6.35 2.85 0.10
N VAL A 75 5.02 2.79 -0.03
CA VAL A 75 4.36 3.13 -1.28
C VAL A 75 3.45 4.34 -1.10
N LYS A 76 3.20 5.06 -2.18
CA LYS A 76 2.33 6.24 -2.15
C LYS A 76 0.87 5.83 -2.10
N PRO A 77 0.05 6.67 -1.45
CA PRO A 77 -1.39 6.42 -1.32
C PRO A 77 -2.14 6.58 -2.64
N ALA A 78 -1.42 7.06 -3.66
CA ALA A 78 -2.00 7.25 -4.98
C ALA A 78 -2.09 5.94 -5.74
N TRP A 79 -1.02 5.15 -5.67
CA TRP A 79 -0.98 3.86 -6.36
C TRP A 79 -2.26 3.07 -6.12
N LEU A 80 -2.87 3.28 -4.97
CA LEU A 80 -4.11 2.59 -4.62
C LEU A 80 -5.28 3.12 -5.45
N LEU A 81 -5.39 4.44 -5.51
CA LEU A 81 -6.47 5.08 -6.28
C LEU A 81 -6.59 4.45 -7.66
N GLU A 82 -5.48 4.38 -8.39
CA GLU A 82 -5.47 3.81 -9.72
C GLU A 82 -6.27 2.51 -9.77
N CYS A 83 -6.15 1.70 -8.72
CA CYS A 83 -6.85 0.44 -8.64
C CYS A 83 -8.33 0.67 -8.29
N PHE A 84 -8.60 1.75 -7.57
CA PHE A 84 -9.96 2.07 -7.16
C PHE A 84 -10.74 2.66 -8.34
N LYS A 85 -10.03 3.28 -9.27
CA LYS A 85 -10.66 3.89 -10.44
C LYS A 85 -10.73 2.89 -11.59
N THR A 86 -9.82 1.91 -11.59
CA THR A 86 -9.78 0.90 -12.63
C THR A 86 -10.26 -0.44 -12.11
N LYS A 87 -10.35 -0.56 -10.79
CA LYS A 87 -10.80 -1.79 -10.16
C LYS A 87 -9.97 -2.98 -10.62
N SER A 88 -8.66 -2.75 -10.78
CA SER A 88 -7.75 -3.80 -11.23
C SER A 88 -6.42 -3.70 -10.50
N PHE A 89 -5.70 -4.83 -10.42
CA PHE A 89 -4.41 -4.86 -9.76
C PHE A 89 -3.36 -4.13 -10.58
N VAL A 90 -3.03 -2.93 -10.12
CA VAL A 90 -2.03 -2.11 -10.81
C VAL A 90 -0.61 -2.49 -10.38
N PRO A 91 0.32 -2.55 -11.34
CA PRO A 91 1.71 -2.90 -11.09
C PRO A 91 2.45 -1.80 -10.32
N TRP A 92 3.59 -2.15 -9.75
CA TRP A 92 4.40 -1.19 -8.99
C TRP A 92 5.23 -0.33 -9.92
N GLN A 93 5.26 0.97 -9.63
CA GLN A 93 6.02 1.91 -10.45
C GLN A 93 7.04 2.67 -9.60
N PRO A 94 8.11 3.14 -10.25
CA PRO A 94 9.18 3.89 -9.58
C PRO A 94 8.73 5.26 -9.11
N ARG A 95 7.53 5.66 -9.53
CA ARG A 95 6.99 6.96 -9.16
C ARG A 95 6.01 6.82 -8.00
N PHE A 96 5.52 5.61 -7.78
CA PHE A 96 4.59 5.34 -6.69
C PHE A 96 5.32 4.98 -5.41
N MET A 97 6.45 4.30 -5.56
CA MET A 97 7.26 3.89 -4.40
C MET A 97 8.11 5.05 -3.91
N ILE A 98 8.31 5.10 -2.59
CA ILE A 98 9.12 6.16 -1.98
C ILE A 98 10.41 5.60 -1.41
N HIS A 99 10.32 4.45 -0.76
CA HIS A 99 11.49 3.81 -0.17
C HIS A 99 11.51 2.32 -0.48
N MET A 100 11.83 1.99 -1.72
CA MET A 100 11.89 0.59 -2.16
C MET A 100 12.79 -0.22 -1.24
N CYS A 101 13.00 -1.49 -1.58
CA CYS A 101 13.84 -2.37 -0.79
C CYS A 101 15.07 -2.82 -1.58
N PRO A 102 16.08 -3.31 -0.86
CA PRO A 102 17.33 -3.78 -1.48
C PRO A 102 17.13 -5.08 -2.27
N SER A 103 15.95 -5.68 -2.13
CA SER A 103 15.64 -6.91 -2.84
C SER A 103 14.88 -6.63 -4.13
N THR A 104 14.21 -5.48 -4.17
CA THR A 104 13.44 -5.08 -5.34
C THR A 104 14.21 -4.09 -6.20
N LYS A 105 14.66 -3.00 -5.57
CA LYS A 105 15.42 -1.97 -6.26
C LYS A 105 16.41 -2.58 -7.23
N GLU A 106 16.96 -3.74 -6.87
CA GLU A 106 17.92 -4.42 -7.72
C GLU A 106 17.25 -4.96 -8.99
N HIS A 107 16.07 -5.53 -8.82
CA HIS A 107 15.31 -6.09 -9.95
C HIS A 107 15.04 -5.01 -11.00
N PHE A 108 14.63 -3.83 -10.53
CA PHE A 108 14.33 -2.73 -11.42
C PHE A 108 15.58 -2.28 -12.18
N ALA A 109 16.68 -2.11 -11.44
CA ALA A 109 17.94 -1.69 -12.04
C ALA A 109 18.21 -2.44 -13.33
N ARG A 110 18.16 -3.76 -13.26
CA ARG A 110 18.41 -4.60 -14.44
C ARG A 110 17.36 -4.35 -15.51
N GLU A 111 16.09 -4.32 -15.09
CA GLU A 111 14.99 -4.11 -16.02
C GLU A 111 15.25 -2.88 -16.90
N TYR A 112 15.64 -1.78 -16.26
CA TYR A 112 15.92 -0.54 -16.99
C TYR A 112 17.01 -0.77 -18.04
N ASP A 113 18.08 -1.44 -17.64
CA ASP A 113 19.18 -1.73 -18.55
C ASP A 113 19.15 -3.18 -19.01
N GLY A 1 -16.97 -23.13 6.33
CA GLY A 1 -18.33 -22.65 6.22
C GLY A 1 -18.42 -21.28 5.57
N SER A 2 -19.63 -20.76 5.44
CA SER A 2 -19.83 -19.45 4.83
C SER A 2 -21.19 -18.87 5.22
N SER A 3 -21.16 -17.67 5.80
CA SER A 3 -22.38 -17.02 6.24
C SER A 3 -22.24 -15.50 6.15
N GLY A 4 -23.33 -14.83 5.78
CA GLY A 4 -23.31 -13.38 5.66
C GLY A 4 -23.22 -12.91 4.22
N SER A 5 -23.56 -11.65 3.98
CA SER A 5 -23.52 -11.10 2.64
C SER A 5 -22.19 -10.38 2.39
N SER A 6 -21.80 -10.30 1.12
CA SER A 6 -20.55 -9.64 0.74
C SER A 6 -20.82 -8.47 -0.19
N GLY A 7 -20.11 -7.37 0.05
CA GLY A 7 -20.28 -6.18 -0.77
C GLY A 7 -18.96 -5.59 -1.22
N LYS A 8 -18.05 -6.45 -1.65
CA LYS A 8 -16.74 -6.00 -2.11
C LYS A 8 -16.79 -5.56 -3.57
N ILE A 9 -16.10 -4.47 -3.88
CA ILE A 9 -16.07 -3.95 -5.24
C ILE A 9 -15.26 -4.86 -6.16
N SER A 10 -14.13 -5.36 -5.66
CA SER A 10 -13.27 -6.24 -6.44
C SER A 10 -12.26 -6.94 -5.53
N ASN A 11 -12.14 -8.26 -5.69
CA ASN A 11 -11.21 -9.04 -4.89
C ASN A 11 -9.82 -9.03 -5.51
N ILE A 12 -9.43 -7.88 -6.06
CA ILE A 12 -8.13 -7.74 -6.68
C ILE A 12 -7.00 -7.94 -5.66
N PHE A 13 -7.22 -7.44 -4.46
CA PHE A 13 -6.23 -7.56 -3.39
C PHE A 13 -6.49 -8.81 -2.55
N GLU A 14 -7.14 -9.81 -3.15
CA GLU A 14 -7.45 -11.04 -2.46
C GLU A 14 -6.19 -11.66 -1.84
N ASP A 15 -6.22 -11.88 -0.54
CA ASP A 15 -5.09 -12.48 0.17
C ASP A 15 -3.88 -11.54 0.13
N VAL A 16 -4.14 -10.25 0.27
CA VAL A 16 -3.08 -9.24 0.25
C VAL A 16 -3.17 -8.32 1.46
N GLU A 17 -2.09 -8.27 2.24
CA GLU A 17 -2.05 -7.42 3.42
C GLU A 17 -1.73 -5.98 3.05
N PHE A 18 -2.13 -5.05 3.92
CA PHE A 18 -1.89 -3.63 3.68
C PHE A 18 -1.63 -2.90 5.00
N CYS A 19 -0.68 -1.97 4.96
CA CYS A 19 -0.33 -1.20 6.15
C CYS A 19 -0.29 0.30 5.83
N VAL A 20 -1.33 1.01 6.26
CA VAL A 20 -1.42 2.44 6.03
C VAL A 20 -0.83 3.23 7.19
N MET A 21 -0.03 4.24 6.88
CA MET A 21 0.58 5.08 7.91
C MET A 21 0.03 6.49 7.87
N SER A 22 -0.21 6.99 6.66
CA SER A 22 -0.74 8.35 6.49
C SER A 22 -1.27 8.54 5.08
N GLY A 23 -2.11 9.56 4.90
CA GLY A 23 -2.69 9.83 3.60
C GLY A 23 -2.37 11.24 3.11
N THR A 24 -3.27 11.79 2.30
CA THR A 24 -3.09 13.14 1.77
C THR A 24 -4.29 14.02 2.09
N ASP A 25 -4.18 15.30 1.72
CA ASP A 25 -5.26 16.24 1.97
C ASP A 25 -6.59 15.73 1.41
N SER A 26 -6.62 15.47 0.11
CA SER A 26 -7.83 14.98 -0.55
C SER A 26 -8.33 13.70 0.14
N GLN A 27 -7.45 12.72 0.28
CA GLN A 27 -7.81 11.47 0.93
C GLN A 27 -7.09 11.31 2.26
N PRO A 28 -7.87 11.21 3.35
CA PRO A 28 -7.33 11.05 4.70
C PRO A 28 -6.70 9.68 4.92
N LYS A 29 -5.84 9.59 5.93
CA LYS A 29 -5.17 8.34 6.25
C LYS A 29 -6.14 7.16 6.22
N PRO A 30 -7.19 7.25 7.05
CA PRO A 30 -8.22 6.19 7.13
C PRO A 30 -9.09 6.15 5.88
N ASP A 31 -8.60 6.75 4.80
CA ASP A 31 -9.34 6.77 3.55
C ASP A 31 -9.14 5.47 2.76
N LEU A 32 -7.88 5.12 2.55
CA LEU A 32 -7.54 3.89 1.82
C LEU A 32 -7.88 2.66 2.65
N GLU A 33 -7.56 2.71 3.94
CA GLU A 33 -7.82 1.60 4.83
C GLU A 33 -9.19 0.98 4.56
N ASN A 34 -10.20 1.84 4.38
CA ASN A 34 -11.55 1.39 4.11
C ASN A 34 -11.66 0.85 2.69
N ARG A 35 -11.22 1.65 1.72
CA ARG A 35 -11.29 1.25 0.32
C ARG A 35 -10.61 -0.10 0.11
N ILE A 36 -9.31 -0.17 0.41
CA ILE A 36 -8.55 -1.40 0.25
C ILE A 36 -9.37 -2.61 0.71
N ALA A 37 -9.76 -2.60 1.98
CA ALA A 37 -10.55 -3.69 2.54
C ALA A 37 -11.70 -4.06 1.63
N GLU A 38 -12.48 -3.05 1.23
CA GLU A 38 -13.63 -3.28 0.35
C GLU A 38 -13.21 -4.01 -0.92
N PHE A 39 -11.93 -3.90 -1.26
CA PHE A 39 -11.39 -4.55 -2.45
C PHE A 39 -10.73 -5.88 -2.10
N GLY A 40 -11.18 -6.48 -1.01
CA GLY A 40 -10.62 -7.75 -0.58
C GLY A 40 -9.19 -7.61 -0.08
N GLY A 41 -8.96 -6.65 0.80
CA GLY A 41 -7.63 -6.43 1.33
C GLY A 41 -7.60 -6.41 2.85
N TYR A 42 -6.44 -6.70 3.43
CA TYR A 42 -6.30 -6.71 4.88
C TYR A 42 -5.51 -5.50 5.36
N ILE A 43 -6.04 -4.83 6.38
CA ILE A 43 -5.39 -3.65 6.93
C ILE A 43 -4.95 -3.89 8.38
N VAL A 44 -3.68 -3.65 8.65
CA VAL A 44 -3.14 -3.84 9.99
C VAL A 44 -2.68 -2.52 10.60
N GLN A 45 -2.08 -2.58 11.78
CA GLN A 45 -1.60 -1.38 12.46
C GLN A 45 -0.09 -1.23 12.28
N ASN A 46 0.64 -2.31 12.52
CA ASN A 46 2.09 -2.28 12.39
C ASN A 46 2.56 -3.31 11.35
N PRO A 47 3.52 -2.90 10.52
CA PRO A 47 4.08 -3.76 9.47
C PRO A 47 4.91 -4.90 10.04
N GLY A 48 4.61 -6.12 9.62
CA GLY A 48 5.35 -7.28 10.10
C GLY A 48 5.70 -8.24 8.99
N PRO A 49 5.90 -9.52 9.35
CA PRO A 49 6.24 -10.58 8.39
C PRO A 49 5.09 -10.92 7.46
N ASP A 50 3.86 -10.70 7.94
CA ASP A 50 2.66 -10.98 7.16
C ASP A 50 2.13 -9.71 6.52
N THR A 51 3.03 -8.85 6.06
CA THR A 51 2.64 -7.59 5.43
C THR A 51 3.26 -7.46 4.04
N TYR A 52 2.50 -6.93 3.10
CA TYR A 52 2.96 -6.75 1.74
C TYR A 52 3.82 -5.50 1.62
N CYS A 53 3.20 -4.34 1.85
CA CYS A 53 3.91 -3.07 1.77
C CYS A 53 3.30 -2.05 2.74
N VAL A 54 3.89 -0.85 2.78
CA VAL A 54 3.41 0.20 3.65
C VAL A 54 3.06 1.46 2.85
N ILE A 55 1.82 1.93 3.02
CA ILE A 55 1.36 3.13 2.32
C ILE A 55 1.58 4.37 3.18
N ALA A 56 2.31 5.33 2.61
CA ALA A 56 2.59 6.58 3.31
C ALA A 56 2.67 7.75 2.34
N GLY A 57 1.76 8.71 2.50
CA GLY A 57 1.74 9.87 1.62
C GLY A 57 3.00 10.70 1.73
N SER A 58 3.55 10.79 2.94
CA SER A 58 4.77 11.57 3.17
C SER A 58 5.62 10.92 4.25
N GLU A 59 6.80 11.49 4.49
CA GLU A 59 7.71 10.96 5.50
C GLU A 59 7.36 11.51 6.89
N ASN A 60 6.44 10.83 7.56
CA ASN A 60 6.01 11.25 8.89
C ASN A 60 6.83 10.53 9.97
N ILE A 61 6.58 10.88 11.22
CA ILE A 61 7.28 10.27 12.34
C ILE A 61 7.23 8.75 12.26
N ARG A 62 6.03 8.19 12.37
CA ARG A 62 5.84 6.75 12.31
C ARG A 62 6.56 6.16 11.09
N VAL A 63 6.19 6.63 9.90
CA VAL A 63 6.80 6.15 8.68
C VAL A 63 8.31 6.11 8.78
N LYS A 64 8.89 7.18 9.33
CA LYS A 64 10.33 7.26 9.51
C LYS A 64 10.88 6.02 10.20
N ASN A 65 10.29 5.67 11.34
CA ASN A 65 10.72 4.50 12.09
C ASN A 65 10.86 3.29 11.19
N ILE A 66 9.83 3.04 10.38
CA ILE A 66 9.84 1.91 9.46
C ILE A 66 10.96 2.05 8.43
N ILE A 67 11.17 3.26 7.94
CA ILE A 67 12.22 3.52 6.96
C ILE A 67 13.59 3.10 7.49
N LEU A 68 13.84 3.43 8.75
CA LEU A 68 15.12 3.08 9.38
C LEU A 68 15.34 1.58 9.36
N SER A 69 14.39 0.83 9.91
CA SER A 69 14.49 -0.62 9.96
C SER A 69 14.89 -1.18 8.60
N ASN A 70 14.31 -0.62 7.54
CA ASN A 70 14.61 -1.07 6.18
C ASN A 70 14.15 -2.51 5.97
N LYS A 71 12.94 -2.81 6.43
CA LYS A 71 12.39 -4.16 6.29
C LYS A 71 11.22 -4.16 5.31
N HIS A 72 10.38 -3.13 5.39
CA HIS A 72 9.22 -3.02 4.51
C HIS A 72 9.46 -1.95 3.45
N ASP A 73 8.53 -1.86 2.49
CA ASP A 73 8.63 -0.88 1.42
C ASP A 73 7.60 0.24 1.60
N VAL A 74 7.94 1.43 1.14
CA VAL A 74 7.05 2.58 1.24
C VAL A 74 6.46 2.94 -0.11
N VAL A 75 5.12 2.89 -0.21
CA VAL A 75 4.43 3.21 -1.45
C VAL A 75 3.46 4.36 -1.25
N LYS A 76 3.27 5.15 -2.29
CA LYS A 76 2.36 6.30 -2.23
C LYS A 76 0.91 5.84 -2.14
N PRO A 77 0.08 6.63 -1.44
CA PRO A 77 -1.34 6.32 -1.26
C PRO A 77 -2.13 6.46 -2.56
N ALA A 78 -1.52 7.11 -3.55
CA ALA A 78 -2.18 7.31 -4.84
C ALA A 78 -2.31 6.00 -5.59
N TRP A 79 -1.20 5.30 -5.76
CA TRP A 79 -1.19 4.02 -6.46
C TRP A 79 -2.49 3.25 -6.20
N LEU A 80 -2.92 3.24 -4.95
CA LEU A 80 -4.14 2.53 -4.58
C LEU A 80 -5.33 3.04 -5.39
N LEU A 81 -5.45 4.36 -5.50
CA LEU A 81 -6.53 4.97 -6.26
C LEU A 81 -6.67 4.34 -7.63
N GLU A 82 -5.57 4.33 -8.39
CA GLU A 82 -5.57 3.76 -9.73
C GLU A 82 -6.33 2.44 -9.76
N CYS A 83 -6.22 1.68 -8.68
CA CYS A 83 -6.89 0.39 -8.57
C CYS A 83 -8.36 0.58 -8.20
N PHE A 84 -8.64 1.62 -7.43
CA PHE A 84 -10.02 1.91 -7.01
C PHE A 84 -10.82 2.49 -8.16
N LYS A 85 -10.14 3.17 -9.08
CA LYS A 85 -10.80 3.78 -10.23
C LYS A 85 -10.94 2.77 -11.37
N THR A 86 -9.93 1.91 -11.51
CA THR A 86 -9.94 0.91 -12.56
C THR A 86 -10.47 -0.42 -12.05
N LYS A 87 -10.42 -0.60 -10.74
CA LYS A 87 -10.90 -1.84 -10.12
C LYS A 87 -10.10 -3.04 -10.60
N SER A 88 -8.78 -2.86 -10.72
CA SER A 88 -7.90 -3.93 -11.17
C SER A 88 -6.52 -3.80 -10.53
N PHE A 89 -5.81 -4.92 -10.45
CA PHE A 89 -4.47 -4.93 -9.86
C PHE A 89 -3.49 -4.13 -10.73
N VAL A 90 -3.25 -2.88 -10.34
CA VAL A 90 -2.34 -2.02 -11.07
C VAL A 90 -0.89 -2.39 -10.79
N PRO A 91 -0.07 -2.41 -11.84
CA PRO A 91 1.36 -2.74 -11.73
C PRO A 91 2.15 -1.65 -11.02
N TRP A 92 3.07 -2.07 -10.16
CA TRP A 92 3.90 -1.12 -9.42
C TRP A 92 4.66 -0.20 -10.35
N GLN A 93 4.71 1.09 -10.01
CA GLN A 93 5.41 2.07 -10.83
C GLN A 93 6.53 2.74 -10.04
N PRO A 94 7.55 3.23 -10.76
CA PRO A 94 8.70 3.90 -10.16
C PRO A 94 8.35 5.26 -9.57
N ARG A 95 7.18 5.77 -9.96
CA ARG A 95 6.72 7.07 -9.47
C ARG A 95 5.90 6.90 -8.20
N PHE A 96 5.37 5.69 -7.99
CA PHE A 96 4.56 5.41 -6.81
C PHE A 96 5.43 5.09 -5.60
N MET A 97 6.58 4.47 -5.86
CA MET A 97 7.50 4.11 -4.79
C MET A 97 8.13 5.36 -4.18
N ILE A 98 8.45 5.28 -2.89
CA ILE A 98 9.06 6.40 -2.18
C ILE A 98 10.41 6.02 -1.59
N HIS A 99 10.49 4.82 -1.02
CA HIS A 99 11.72 4.34 -0.42
C HIS A 99 11.99 2.89 -0.83
N MET A 100 12.44 2.70 -2.06
CA MET A 100 12.75 1.36 -2.57
C MET A 100 13.87 0.72 -1.77
N CYS A 101 13.69 -0.55 -1.42
CA CYS A 101 14.70 -1.29 -0.66
C CYS A 101 15.99 -1.44 -1.45
N PRO A 102 17.08 -1.78 -0.77
CA PRO A 102 18.39 -1.97 -1.40
C PRO A 102 18.44 -3.21 -2.28
N SER A 103 17.42 -4.05 -2.16
CA SER A 103 17.35 -5.29 -2.93
C SER A 103 16.49 -5.08 -4.19
N THR A 104 15.56 -4.14 -4.12
CA THR A 104 14.69 -3.84 -5.24
C THR A 104 15.24 -2.71 -6.10
N LYS A 105 15.48 -1.56 -5.46
CA LYS A 105 16.01 -0.41 -6.16
C LYS A 105 16.96 -0.82 -7.27
N GLU A 106 17.69 -1.91 -7.04
CA GLU A 106 18.65 -2.42 -8.03
C GLU A 106 17.93 -2.81 -9.32
N HIS A 107 16.89 -3.63 -9.19
CA HIS A 107 16.13 -4.07 -10.35
C HIS A 107 15.57 -2.88 -11.13
N PHE A 108 14.92 -1.97 -10.41
CA PHE A 108 14.34 -0.78 -11.03
C PHE A 108 15.41 0.05 -11.73
N ALA A 109 16.56 0.18 -11.08
CA ALA A 109 17.67 0.95 -11.65
C ALA A 109 18.15 0.33 -12.95
N ARG A 110 18.20 -0.99 -13.00
CA ARG A 110 18.64 -1.70 -14.19
C ARG A 110 17.66 -1.49 -15.34
N GLU A 111 16.37 -1.65 -15.04
CA GLU A 111 15.33 -1.48 -16.05
C GLU A 111 15.56 -0.22 -16.87
N TYR A 112 15.67 0.91 -16.19
CA TYR A 112 15.89 2.19 -16.85
C TYR A 112 16.92 2.06 -17.97
N ASP A 113 18.00 1.33 -17.68
CA ASP A 113 19.06 1.12 -18.66
C ASP A 113 18.74 -0.06 -19.57
N GLY A 1 -12.13 -4.87 12.13
CA GLY A 1 -11.88 -4.97 10.70
C GLY A 1 -12.28 -6.31 10.12
N SER A 2 -12.46 -6.36 8.81
CA SER A 2 -12.85 -7.60 8.14
C SER A 2 -14.20 -8.08 8.65
N SER A 3 -15.12 -7.15 8.87
CA SER A 3 -16.45 -7.48 9.37
C SER A 3 -17.46 -6.41 8.97
N GLY A 4 -18.74 -6.76 9.03
CA GLY A 4 -19.79 -5.82 8.68
C GLY A 4 -19.60 -5.25 7.29
N SER A 5 -19.45 -6.13 6.30
CA SER A 5 -19.26 -5.71 4.92
C SER A 5 -19.95 -6.67 3.96
N SER A 6 -20.97 -6.17 3.27
CA SER A 6 -21.71 -7.00 2.31
C SER A 6 -21.76 -6.33 0.94
N GLY A 7 -20.88 -6.75 0.05
CA GLY A 7 -20.84 -6.19 -1.28
C GLY A 7 -19.49 -5.59 -1.62
N LYS A 8 -18.54 -6.45 -1.96
CA LYS A 8 -17.19 -6.01 -2.30
C LYS A 8 -17.08 -5.71 -3.79
N ILE A 9 -16.29 -4.70 -4.14
CA ILE A 9 -16.10 -4.32 -5.53
C ILE A 9 -15.35 -5.40 -6.30
N SER A 10 -14.28 -5.93 -5.69
CA SER A 10 -13.47 -6.96 -6.31
C SER A 10 -12.62 -7.68 -5.27
N ASN A 11 -11.84 -8.65 -5.73
CA ASN A 11 -10.97 -9.42 -4.84
C ASN A 11 -9.52 -9.34 -5.30
N ILE A 12 -9.17 -8.24 -5.96
CA ILE A 12 -7.82 -8.03 -6.44
C ILE A 12 -6.81 -8.12 -5.29
N PHE A 13 -7.19 -7.60 -4.14
CA PHE A 13 -6.32 -7.62 -2.96
C PHE A 13 -6.66 -8.79 -2.06
N GLU A 14 -7.33 -9.80 -2.62
CA GLU A 14 -7.71 -10.98 -1.87
C GLU A 14 -6.49 -11.65 -1.25
N ASP A 15 -6.58 -11.96 0.04
CA ASP A 15 -5.49 -12.60 0.75
C ASP A 15 -4.25 -11.72 0.76
N VAL A 16 -4.46 -10.41 0.86
CA VAL A 16 -3.36 -9.45 0.88
C VAL A 16 -3.48 -8.50 2.05
N GLU A 17 -2.35 -8.24 2.73
CA GLU A 17 -2.33 -7.35 3.88
C GLU A 17 -1.87 -5.96 3.47
N PHE A 18 -2.32 -4.95 4.20
CA PHE A 18 -1.95 -3.57 3.92
C PHE A 18 -1.83 -2.76 5.21
N CYS A 19 -0.80 -1.93 5.29
CA CYS A 19 -0.56 -1.11 6.47
C CYS A 19 -0.43 0.36 6.08
N VAL A 20 -1.45 1.15 6.42
CA VAL A 20 -1.45 2.57 6.10
C VAL A 20 -0.92 3.39 7.27
N MET A 21 -0.07 4.36 6.96
CA MET A 21 0.53 5.21 7.98
C MET A 21 -0.16 6.57 8.02
N SER A 22 -0.46 7.12 6.84
CA SER A 22 -1.11 8.41 6.73
C SER A 22 -1.55 8.68 5.30
N GLY A 23 -2.60 9.48 5.14
CA GLY A 23 -3.10 9.81 3.82
C GLY A 23 -2.73 11.22 3.39
N THR A 24 -3.56 11.81 2.53
CA THR A 24 -3.31 13.17 2.05
C THR A 24 -4.55 14.04 2.23
N ASP A 25 -4.41 15.32 1.89
CA ASP A 25 -5.52 16.26 2.00
C ASP A 25 -6.76 15.74 1.29
N SER A 26 -6.58 15.25 0.07
CA SER A 26 -7.68 14.72 -0.72
C SER A 26 -8.29 13.49 -0.04
N GLN A 27 -7.44 12.50 0.25
CA GLN A 27 -7.90 11.28 0.89
C GLN A 27 -7.33 11.16 2.29
N PRO A 28 -8.22 11.05 3.30
CA PRO A 28 -7.82 10.92 4.70
C PRO A 28 -7.17 9.58 5.00
N LYS A 29 -6.46 9.50 6.12
CA LYS A 29 -5.80 8.27 6.53
C LYS A 29 -6.73 7.07 6.38
N PRO A 30 -7.88 7.12 7.06
CA PRO A 30 -8.87 6.04 7.02
C PRO A 30 -9.58 5.97 5.67
N ASP A 31 -8.98 6.59 4.66
CA ASP A 31 -9.55 6.58 3.32
C ASP A 31 -9.18 5.31 2.57
N LEU A 32 -7.89 4.99 2.57
CA LEU A 32 -7.39 3.81 1.89
C LEU A 32 -7.71 2.55 2.69
N GLU A 33 -7.83 2.70 4.00
CA GLU A 33 -8.14 1.58 4.87
C GLU A 33 -9.54 1.03 4.58
N ASN A 34 -10.49 1.94 4.42
CA ASN A 34 -11.88 1.55 4.16
C ASN A 34 -12.00 0.93 2.76
N ARG A 35 -11.57 1.68 1.75
CA ARG A 35 -11.63 1.21 0.36
C ARG A 35 -10.96 -0.16 0.23
N ILE A 36 -9.65 -0.19 0.45
CA ILE A 36 -8.89 -1.43 0.36
C ILE A 36 -9.71 -2.62 0.82
N ALA A 37 -10.18 -2.55 2.08
CA ALA A 37 -10.98 -3.62 2.64
C ALA A 37 -12.11 -4.03 1.69
N GLU A 38 -12.76 -3.05 1.10
CA GLU A 38 -13.85 -3.32 0.16
C GLU A 38 -13.37 -4.14 -1.02
N PHE A 39 -12.07 -4.03 -1.31
CA PHE A 39 -11.48 -4.77 -2.43
C PHE A 39 -10.92 -6.11 -1.96
N GLY A 40 -11.38 -6.56 -0.80
CA GLY A 40 -10.91 -7.84 -0.26
C GLY A 40 -9.49 -7.75 0.25
N GLY A 41 -9.17 -6.66 0.94
CA GLY A 41 -7.83 -6.50 1.47
C GLY A 41 -7.82 -6.34 2.98
N TYR A 42 -6.71 -6.72 3.60
CA TYR A 42 -6.58 -6.64 5.05
C TYR A 42 -5.84 -5.36 5.46
N ILE A 43 -6.36 -4.68 6.47
CA ILE A 43 -5.76 -3.45 6.96
C ILE A 43 -5.22 -3.62 8.38
N VAL A 44 -3.95 -3.29 8.57
CA VAL A 44 -3.33 -3.41 9.89
C VAL A 44 -2.85 -2.04 10.39
N GLN A 45 -2.24 -2.03 11.57
CA GLN A 45 -1.74 -0.80 12.17
C GLN A 45 -0.23 -0.71 12.04
N ASN A 46 0.44 -1.84 12.19
CA ASN A 46 1.90 -1.89 12.09
C ASN A 46 2.35 -2.99 11.13
N PRO A 47 3.38 -2.69 10.33
CA PRO A 47 3.93 -3.63 9.35
C PRO A 47 4.65 -4.79 10.02
N GLY A 48 4.32 -6.01 9.60
CA GLY A 48 4.95 -7.19 10.15
C GLY A 48 5.47 -8.13 9.10
N PRO A 49 5.66 -9.41 9.47
CA PRO A 49 6.15 -10.44 8.56
C PRO A 49 5.13 -10.81 7.48
N ASP A 50 3.86 -10.68 7.82
CA ASP A 50 2.77 -10.98 6.89
C ASP A 50 2.20 -9.72 6.28
N THR A 51 3.07 -8.76 5.96
CA THR A 51 2.64 -7.50 5.38
C THR A 51 3.19 -7.33 3.97
N TYR A 52 2.39 -6.72 3.10
CA TYR A 52 2.78 -6.51 1.71
C TYR A 52 3.69 -5.29 1.60
N CYS A 53 3.20 -4.14 2.06
CA CYS A 53 3.97 -2.91 2.00
C CYS A 53 3.33 -1.83 2.88
N VAL A 54 3.99 -0.69 2.99
CA VAL A 54 3.49 0.42 3.79
C VAL A 54 3.12 1.62 2.92
N ILE A 55 1.92 2.13 3.12
CA ILE A 55 1.45 3.27 2.35
C ILE A 55 1.62 4.58 3.13
N ALA A 56 2.43 5.48 2.58
CA ALA A 56 2.67 6.76 3.22
C ALA A 56 2.86 7.87 2.19
N GLY A 57 1.95 8.84 2.19
CA GLY A 57 2.04 9.94 1.25
C GLY A 57 3.18 10.89 1.56
N SER A 58 3.48 11.05 2.85
CA SER A 58 4.55 11.94 3.28
C SER A 58 5.55 11.19 4.16
N GLU A 59 6.58 11.91 4.61
CA GLU A 59 7.61 11.31 5.46
C GLU A 59 7.47 11.80 6.89
N ASN A 60 6.79 11.00 7.71
CA ASN A 60 6.58 11.34 9.11
C ASN A 60 7.35 10.40 10.03
N ILE A 61 7.45 10.76 11.30
CA ILE A 61 8.15 9.93 12.28
C ILE A 61 7.86 8.45 12.06
N ARG A 62 6.60 8.06 12.25
CA ARG A 62 6.20 6.67 12.07
C ARG A 62 6.81 6.08 10.80
N VAL A 63 6.50 6.69 9.67
CA VAL A 63 7.03 6.22 8.38
C VAL A 63 8.52 5.91 8.48
N LYS A 64 9.25 6.76 9.18
CA LYS A 64 10.69 6.59 9.36
C LYS A 64 10.99 5.21 9.93
N ASN A 65 10.47 4.93 11.12
CA ASN A 65 10.69 3.64 11.77
C ASN A 65 10.63 2.51 10.77
N ILE A 66 9.60 2.52 9.92
CA ILE A 66 9.43 1.48 8.91
C ILE A 66 10.57 1.51 7.91
N ILE A 67 11.05 2.70 7.58
CA ILE A 67 12.14 2.87 6.64
C ILE A 67 13.46 2.38 7.23
N LEU A 68 13.80 2.90 8.41
CA LEU A 68 15.04 2.52 9.08
C LEU A 68 15.25 1.01 9.03
N SER A 69 14.21 0.25 9.37
CA SER A 69 14.28 -1.20 9.36
C SER A 69 14.80 -1.71 8.02
N ASN A 70 14.42 -1.02 6.95
CA ASN A 70 14.85 -1.41 5.61
C ASN A 70 14.43 -2.84 5.28
N LYS A 71 13.14 -3.12 5.48
CA LYS A 71 12.61 -4.46 5.21
C LYS A 71 11.44 -4.38 4.24
N HIS A 72 10.63 -3.34 4.38
CA HIS A 72 9.46 -3.15 3.51
C HIS A 72 9.68 -1.97 2.56
N ASP A 73 8.71 -1.74 1.68
CA ASP A 73 8.80 -0.64 0.73
C ASP A 73 7.73 0.41 1.03
N VAL A 74 8.10 1.68 0.82
CA VAL A 74 7.17 2.78 1.07
C VAL A 74 6.52 3.25 -0.23
N VAL A 75 5.21 3.08 -0.32
CA VAL A 75 4.47 3.49 -1.51
C VAL A 75 3.48 4.60 -1.18
N LYS A 76 3.21 5.45 -2.17
CA LYS A 76 2.28 6.57 -1.98
C LYS A 76 0.84 6.08 -2.02
N PRO A 77 -0.05 6.80 -1.32
CA PRO A 77 -1.48 6.46 -1.26
C PRO A 77 -2.18 6.71 -2.59
N ALA A 78 -1.44 7.24 -3.56
CA ALA A 78 -2.00 7.54 -4.87
C ALA A 78 -2.09 6.28 -5.72
N TRP A 79 -0.99 5.51 -5.75
CA TRP A 79 -0.94 4.29 -6.52
C TRP A 79 -2.18 3.43 -6.28
N LEU A 80 -2.66 3.43 -5.04
CA LEU A 80 -3.83 2.66 -4.68
C LEU A 80 -5.04 3.08 -5.51
N LEU A 81 -5.19 4.39 -5.69
CA LEU A 81 -6.30 4.93 -6.47
C LEU A 81 -6.41 4.25 -7.82
N GLU A 82 -5.29 4.23 -8.56
CA GLU A 82 -5.26 3.62 -9.88
C GLU A 82 -5.99 2.27 -9.86
N CYS A 83 -5.95 1.59 -8.72
CA CYS A 83 -6.61 0.30 -8.58
C CYS A 83 -8.09 0.48 -8.27
N PHE A 84 -8.42 1.52 -7.53
CA PHE A 84 -9.80 1.79 -7.15
C PHE A 84 -10.60 2.29 -8.37
N LYS A 85 -9.89 2.83 -9.35
CA LYS A 85 -10.52 3.35 -10.55
C LYS A 85 -10.54 2.29 -11.65
N THR A 86 -9.50 1.47 -11.69
CA THR A 86 -9.38 0.42 -12.69
C THR A 86 -9.75 -0.94 -12.10
N LYS A 87 -10.08 -0.94 -10.81
CA LYS A 87 -10.45 -2.19 -10.13
C LYS A 87 -9.55 -3.34 -10.57
N SER A 88 -8.25 -3.05 -10.70
CA SER A 88 -7.29 -4.07 -11.11
C SER A 88 -5.96 -3.88 -10.39
N PHE A 89 -5.19 -4.95 -10.28
CA PHE A 89 -3.90 -4.91 -9.61
C PHE A 89 -2.89 -4.14 -10.45
N VAL A 90 -2.61 -2.90 -10.05
CA VAL A 90 -1.65 -2.07 -10.77
C VAL A 90 -0.24 -2.25 -10.21
N PRO A 91 0.73 -2.37 -11.13
CA PRO A 91 2.14 -2.55 -10.76
C PRO A 91 2.75 -1.30 -10.13
N TRP A 92 3.87 -1.47 -9.45
CA TRP A 92 4.55 -0.35 -8.80
C TRP A 92 5.21 0.56 -9.84
N GLN A 93 5.20 1.86 -9.57
CA GLN A 93 5.80 2.83 -10.47
C GLN A 93 6.82 3.71 -9.74
N PRO A 94 7.76 4.29 -10.51
CA PRO A 94 8.80 5.15 -9.96
C PRO A 94 8.25 6.48 -9.45
N ARG A 95 6.98 6.73 -9.73
CA ARG A 95 6.33 7.97 -9.29
C ARG A 95 5.50 7.73 -8.02
N PHE A 96 5.16 6.47 -7.77
CA PHE A 96 4.38 6.12 -6.59
C PHE A 96 5.29 5.66 -5.45
N MET A 97 6.30 4.87 -5.80
CA MET A 97 7.24 4.35 -4.80
C MET A 97 8.15 5.47 -4.30
N ILE A 98 8.46 5.43 -3.01
CA ILE A 98 9.33 6.44 -2.41
C ILE A 98 10.66 5.83 -1.97
N HIS A 99 10.60 4.63 -1.42
CA HIS A 99 11.79 3.93 -0.96
C HIS A 99 11.63 2.42 -1.09
N MET A 100 12.63 1.78 -1.70
CA MET A 100 12.60 0.33 -1.89
C MET A 100 13.90 -0.31 -1.43
N CYS A 101 13.79 -1.41 -0.70
CA CYS A 101 14.96 -2.12 -0.19
C CYS A 101 16.07 -2.15 -1.23
N PRO A 102 17.30 -2.41 -0.78
CA PRO A 102 18.47 -2.48 -1.66
C PRO A 102 18.45 -3.71 -2.57
N SER A 103 17.51 -4.62 -2.30
CA SER A 103 17.38 -5.84 -3.09
C SER A 103 16.33 -5.67 -4.17
N THR A 104 15.35 -4.82 -3.92
CA THR A 104 14.28 -4.57 -4.88
C THR A 104 14.62 -3.40 -5.78
N LYS A 105 15.24 -2.36 -5.20
CA LYS A 105 15.62 -1.18 -5.97
C LYS A 105 16.52 -1.55 -7.14
N GLU A 106 17.50 -2.42 -6.87
CA GLU A 106 18.42 -2.85 -7.91
C GLU A 106 17.67 -3.34 -9.15
N HIS A 107 16.59 -4.07 -8.93
CA HIS A 107 15.78 -4.61 -10.02
C HIS A 107 15.29 -3.48 -10.92
N PHE A 108 14.73 -2.44 -10.31
CA PHE A 108 14.21 -1.30 -11.06
C PHE A 108 15.32 -0.62 -11.85
N ALA A 109 16.48 -0.45 -11.20
CA ALA A 109 17.63 0.18 -11.85
C ALA A 109 17.90 -0.44 -13.22
N ARG A 110 17.57 -1.72 -13.36
CA ARG A 110 17.78 -2.42 -14.61
C ARG A 110 16.85 -1.89 -15.70
N GLU A 111 15.62 -1.57 -15.32
CA GLU A 111 14.64 -1.06 -16.27
C GLU A 111 14.94 0.40 -16.64
N TYR A 112 15.30 1.19 -15.64
CA TYR A 112 15.61 2.60 -15.85
C TYR A 112 16.41 2.79 -17.14
N ASP A 113 17.51 2.04 -17.26
CA ASP A 113 18.36 2.13 -18.45
C ASP A 113 18.49 0.76 -19.10
N GLY A 1 -9.81 -6.14 12.07
CA GLY A 1 -10.25 -5.03 12.89
C GLY A 1 -11.67 -4.60 12.56
N SER A 2 -11.87 -3.28 12.48
CA SER A 2 -13.18 -2.73 12.18
C SER A 2 -13.42 -2.70 10.66
N SER A 3 -14.59 -3.18 10.24
CA SER A 3 -14.93 -3.22 8.83
C SER A 3 -16.43 -3.38 8.65
N GLY A 4 -17.04 -2.47 7.87
CA GLY A 4 -18.46 -2.53 7.63
C GLY A 4 -18.80 -2.36 6.16
N SER A 5 -18.19 -3.17 5.32
CA SER A 5 -18.42 -3.10 3.88
C SER A 5 -18.77 -4.48 3.32
N SER A 6 -19.85 -4.54 2.53
CA SER A 6 -20.30 -5.80 1.94
C SER A 6 -20.06 -5.80 0.44
N GLY A 7 -20.29 -6.95 -0.19
CA GLY A 7 -20.10 -7.07 -1.62
C GLY A 7 -18.83 -6.40 -2.09
N LYS A 8 -17.70 -7.10 -1.92
CA LYS A 8 -16.41 -6.56 -2.33
C LYS A 8 -16.39 -6.29 -3.83
N ILE A 9 -15.98 -5.07 -4.20
CA ILE A 9 -15.91 -4.69 -5.60
C ILE A 9 -15.07 -5.67 -6.40
N SER A 10 -13.92 -6.04 -5.85
CA SER A 10 -13.01 -6.98 -6.51
C SER A 10 -12.09 -7.64 -5.49
N ASN A 11 -11.66 -8.86 -5.80
CA ASN A 11 -10.77 -9.61 -4.92
C ASN A 11 -9.33 -9.54 -5.41
N ILE A 12 -8.95 -8.40 -5.97
CA ILE A 12 -7.61 -8.21 -6.49
C ILE A 12 -6.58 -8.30 -5.36
N PHE A 13 -6.96 -7.87 -4.16
CA PHE A 13 -6.08 -7.91 -3.01
C PHE A 13 -6.34 -9.15 -2.16
N GLU A 14 -6.98 -10.15 -2.76
CA GLU A 14 -7.29 -11.38 -2.05
C GLU A 14 -6.05 -11.95 -1.37
N ASP A 15 -6.15 -12.20 -0.07
CA ASP A 15 -5.04 -12.75 0.69
C ASP A 15 -3.84 -11.79 0.67
N VAL A 16 -4.13 -10.50 0.78
CA VAL A 16 -3.08 -9.49 0.77
C VAL A 16 -3.27 -8.49 1.91
N GLU A 17 -2.28 -8.38 2.78
CA GLU A 17 -2.34 -7.47 3.91
C GLU A 17 -1.85 -6.09 3.52
N PHE A 18 -2.26 -5.07 4.27
CA PHE A 18 -1.86 -3.70 4.00
C PHE A 18 -1.68 -2.92 5.31
N CYS A 19 -0.92 -1.83 5.23
CA CYS A 19 -0.67 -0.99 6.40
C CYS A 19 -0.47 0.47 6.00
N VAL A 20 -1.40 1.32 6.41
CA VAL A 20 -1.33 2.74 6.09
C VAL A 20 -0.80 3.54 7.27
N MET A 21 0.14 4.43 7.01
CA MET A 21 0.73 5.27 8.06
C MET A 21 0.16 6.68 8.00
N SER A 22 0.01 7.21 6.79
CA SER A 22 -0.52 8.56 6.61
C SER A 22 -0.98 8.77 5.17
N GLY A 23 -2.02 9.58 4.99
CA GLY A 23 -2.54 9.85 3.66
C GLY A 23 -2.17 11.23 3.18
N THR A 24 -2.84 11.68 2.12
CA THR A 24 -2.57 13.00 1.55
C THR A 24 -3.69 13.98 1.90
N ASP A 25 -3.52 15.24 1.48
CA ASP A 25 -4.52 16.27 1.74
C ASP A 25 -5.87 15.87 1.17
N SER A 26 -5.91 15.53 -0.11
CA SER A 26 -7.14 15.13 -0.78
C SER A 26 -7.68 13.83 -0.18
N GLN A 27 -6.79 12.88 0.07
CA GLN A 27 -7.18 11.60 0.62
C GLN A 27 -6.52 11.38 1.98
N PRO A 28 -7.35 11.24 3.03
CA PRO A 28 -6.87 11.02 4.40
C PRO A 28 -6.25 9.64 4.57
N LYS A 29 -5.70 9.40 5.76
CA LYS A 29 -5.07 8.12 6.06
C LYS A 29 -6.10 6.99 6.03
N PRO A 30 -7.14 7.12 6.86
CA PRO A 30 -8.21 6.12 6.95
C PRO A 30 -9.08 6.09 5.69
N ASP A 31 -8.56 6.66 4.60
CA ASP A 31 -9.28 6.70 3.34
C ASP A 31 -9.14 5.38 2.59
N LEU A 32 -7.89 4.97 2.38
CA LEU A 32 -7.60 3.73 1.66
C LEU A 32 -7.93 2.52 2.53
N GLU A 33 -7.70 2.64 3.83
CA GLU A 33 -7.98 1.55 4.76
C GLU A 33 -9.34 0.93 4.49
N ASN A 34 -10.34 1.79 4.29
CA ASN A 34 -11.70 1.32 4.01
C ASN A 34 -11.79 0.70 2.62
N ARG A 35 -11.34 1.45 1.61
CA ARG A 35 -11.38 0.98 0.24
C ARG A 35 -10.69 -0.38 0.11
N ILE A 36 -9.39 -0.41 0.40
CA ILE A 36 -8.63 -1.65 0.32
C ILE A 36 -9.45 -2.84 0.79
N ALA A 37 -9.94 -2.77 2.02
CA ALA A 37 -10.75 -3.85 2.58
C ALA A 37 -11.87 -4.25 1.63
N GLU A 38 -12.51 -3.25 1.01
CA GLU A 38 -13.60 -3.51 0.08
C GLU A 38 -13.11 -4.31 -1.12
N PHE A 39 -11.81 -4.22 -1.39
CA PHE A 39 -11.22 -4.94 -2.52
C PHE A 39 -10.63 -6.27 -2.06
N GLY A 40 -11.12 -6.77 -0.93
CA GLY A 40 -10.62 -8.03 -0.41
C GLY A 40 -9.21 -7.92 0.14
N GLY A 41 -8.97 -6.90 0.96
CA GLY A 41 -7.65 -6.71 1.53
C GLY A 41 -7.69 -6.58 3.05
N TYR A 42 -6.58 -6.89 3.69
CA TYR A 42 -6.49 -6.80 5.14
C TYR A 42 -5.77 -5.53 5.58
N ILE A 43 -6.30 -4.87 6.60
CA ILE A 43 -5.70 -3.64 7.11
C ILE A 43 -5.28 -3.80 8.56
N VAL A 44 -4.03 -3.43 8.86
CA VAL A 44 -3.50 -3.53 10.21
C VAL A 44 -3.01 -2.19 10.71
N GLN A 45 -2.43 -2.17 11.91
CA GLN A 45 -1.91 -0.94 12.50
C GLN A 45 -0.40 -0.87 12.35
N ASN A 46 0.28 -1.97 12.63
CA ASN A 46 1.73 -2.03 12.53
C ASN A 46 2.16 -3.13 11.56
N PRO A 47 3.17 -2.82 10.73
CA PRO A 47 3.71 -3.77 9.74
C PRO A 47 4.47 -4.92 10.40
N GLY A 48 4.29 -6.12 9.85
CA GLY A 48 4.97 -7.28 10.39
C GLY A 48 5.40 -8.25 9.31
N PRO A 49 5.59 -9.53 9.69
CA PRO A 49 6.01 -10.58 8.76
C PRO A 49 4.92 -10.94 7.76
N ASP A 50 3.68 -10.58 8.08
CA ASP A 50 2.55 -10.86 7.20
C ASP A 50 1.99 -9.56 6.61
N THR A 51 2.89 -8.70 6.13
CA THR A 51 2.49 -7.43 5.54
C THR A 51 2.98 -7.30 4.11
N TYR A 52 2.21 -6.62 3.27
CA TYR A 52 2.58 -6.43 1.87
C TYR A 52 3.49 -5.22 1.72
N CYS A 53 3.01 -4.05 2.15
CA CYS A 53 3.78 -2.83 2.06
C CYS A 53 3.10 -1.69 2.82
N VAL A 54 3.85 -0.63 3.09
CA VAL A 54 3.32 0.52 3.81
C VAL A 54 2.83 1.60 2.85
N ILE A 55 1.76 2.29 3.23
CA ILE A 55 1.21 3.34 2.40
C ILE A 55 1.29 4.70 3.11
N ALA A 56 2.30 5.48 2.78
CA ALA A 56 2.48 6.79 3.39
C ALA A 56 2.71 7.87 2.32
N GLY A 57 1.79 8.81 2.22
CA GLY A 57 1.90 9.86 1.24
C GLY A 57 3.01 10.84 1.56
N SER A 58 3.28 11.02 2.86
CA SER A 58 4.32 11.93 3.31
C SER A 58 5.24 11.26 4.32
N GLU A 59 6.50 11.67 4.34
CA GLU A 59 7.48 11.11 5.25
C GLU A 59 7.21 11.57 6.69
N ASN A 60 6.45 10.77 7.42
CA ASN A 60 6.12 11.09 8.80
C ASN A 60 6.89 10.20 9.77
N ILE A 61 6.82 10.53 11.06
CA ILE A 61 7.51 9.76 12.09
C ILE A 61 7.29 8.26 11.88
N ARG A 62 6.05 7.82 11.99
CA ARG A 62 5.71 6.42 11.81
C ARG A 62 6.48 5.81 10.63
N VAL A 63 6.26 6.37 9.45
CA VAL A 63 6.93 5.90 8.24
C VAL A 63 8.43 5.71 8.48
N LYS A 64 9.06 6.74 9.03
CA LYS A 64 10.49 6.71 9.32
C LYS A 64 10.88 5.38 9.96
N ASN A 65 10.27 5.07 11.10
CA ASN A 65 10.55 3.83 11.81
C ASN A 65 10.63 2.65 10.85
N ILE A 66 9.63 2.53 9.99
CA ILE A 66 9.59 1.45 9.01
C ILE A 66 10.76 1.53 8.04
N ILE A 67 11.10 2.76 7.64
CA ILE A 67 12.20 2.98 6.72
C ILE A 67 13.51 2.41 7.27
N LEU A 68 13.78 2.70 8.55
CA LEU A 68 14.99 2.20 9.19
C LEU A 68 15.13 0.70 9.01
N SER A 69 14.15 -0.05 9.49
CA SER A 69 14.17 -1.50 9.38
C SER A 69 14.45 -1.94 7.95
N ASN A 70 14.04 -1.11 6.99
CA ASN A 70 14.24 -1.41 5.58
C ASN A 70 13.75 -2.81 5.24
N LYS A 71 12.53 -3.12 5.67
CA LYS A 71 11.94 -4.43 5.41
C LYS A 71 10.80 -4.33 4.41
N HIS A 72 10.04 -3.23 4.49
CA HIS A 72 8.92 -3.01 3.59
C HIS A 72 9.21 -1.87 2.63
N ASP A 73 8.32 -1.65 1.67
CA ASP A 73 8.48 -0.59 0.69
C ASP A 73 7.46 0.52 0.91
N VAL A 74 7.92 1.77 0.90
CA VAL A 74 7.05 2.92 1.10
C VAL A 74 6.42 3.37 -0.21
N VAL A 75 5.10 3.32 -0.28
CA VAL A 75 4.38 3.72 -1.48
C VAL A 75 3.34 4.80 -1.16
N LYS A 76 3.09 5.68 -2.13
CA LYS A 76 2.12 6.75 -1.96
C LYS A 76 0.70 6.21 -1.96
N PRO A 77 -0.21 6.94 -1.31
CA PRO A 77 -1.63 6.55 -1.23
C PRO A 77 -2.34 6.68 -2.56
N ALA A 78 -1.79 7.50 -3.46
CA ALA A 78 -2.37 7.70 -4.78
C ALA A 78 -2.42 6.40 -5.56
N TRP A 79 -1.26 5.78 -5.75
CA TRP A 79 -1.18 4.52 -6.49
C TRP A 79 -2.41 3.66 -6.24
N LEU A 80 -2.83 3.58 -4.97
CA LEU A 80 -3.99 2.79 -4.61
C LEU A 80 -5.22 3.21 -5.42
N LEU A 81 -5.44 4.51 -5.48
CA LEU A 81 -6.58 5.05 -6.23
C LEU A 81 -6.72 4.37 -7.59
N GLU A 82 -5.64 4.39 -8.36
CA GLU A 82 -5.63 3.77 -9.68
C GLU A 82 -6.36 2.43 -9.65
N CYS A 83 -6.14 1.66 -8.59
CA CYS A 83 -6.77 0.35 -8.44
C CYS A 83 -8.25 0.50 -8.10
N PHE A 84 -8.59 1.56 -7.37
CA PHE A 84 -9.97 1.82 -6.98
C PHE A 84 -10.79 2.33 -8.16
N LYS A 85 -10.09 2.86 -9.17
CA LYS A 85 -10.75 3.38 -10.36
C LYS A 85 -10.83 2.33 -11.45
N THR A 86 -9.78 1.51 -11.56
CA THR A 86 -9.72 0.46 -12.55
C THR A 86 -10.18 -0.88 -11.98
N LYS A 87 -10.23 -0.96 -10.65
CA LYS A 87 -10.65 -2.18 -9.98
C LYS A 87 -9.74 -3.35 -10.35
N SER A 88 -8.44 -3.10 -10.41
CA SER A 88 -7.46 -4.12 -10.76
C SER A 88 -6.14 -3.89 -10.03
N PHE A 89 -5.28 -4.90 -10.06
CA PHE A 89 -3.98 -4.82 -9.40
C PHE A 89 -3.00 -4.02 -10.25
N VAL A 90 -2.80 -2.76 -9.90
CA VAL A 90 -1.88 -1.89 -10.63
C VAL A 90 -0.44 -2.10 -10.16
N PRO A 91 0.50 -2.15 -11.12
CA PRO A 91 1.93 -2.34 -10.83
C PRO A 91 2.54 -1.13 -10.15
N TRP A 92 3.78 -1.28 -9.69
CA TRP A 92 4.49 -0.20 -9.01
C TRP A 92 5.09 0.78 -10.03
N GLN A 93 5.09 2.06 -9.68
CA GLN A 93 5.63 3.09 -10.56
C GLN A 93 6.68 3.92 -9.84
N PRO A 94 7.59 4.53 -10.62
CA PRO A 94 8.66 5.37 -10.08
C PRO A 94 8.14 6.67 -9.50
N ARG A 95 6.87 6.96 -9.74
CA ARG A 95 6.25 8.19 -9.24
C ARG A 95 5.45 7.90 -7.98
N PHE A 96 5.14 6.64 -7.75
CA PHE A 96 4.38 6.24 -6.57
C PHE A 96 5.30 5.76 -5.45
N MET A 97 6.34 5.02 -5.83
CA MET A 97 7.29 4.51 -4.85
C MET A 97 8.18 5.62 -4.32
N ILE A 98 8.40 5.62 -3.01
CA ILE A 98 9.23 6.63 -2.38
C ILE A 98 10.57 6.05 -1.94
N HIS A 99 10.53 4.82 -1.44
CA HIS A 99 11.74 4.14 -0.97
C HIS A 99 11.65 2.64 -1.22
N MET A 100 12.45 2.15 -2.17
CA MET A 100 12.45 0.73 -2.51
C MET A 100 13.74 0.07 -2.02
N CYS A 101 13.61 -1.11 -1.44
CA CYS A 101 14.76 -1.85 -0.94
C CYS A 101 15.95 -1.75 -1.90
N PRO A 102 17.15 -2.04 -1.39
CA PRO A 102 18.37 -1.97 -2.19
C PRO A 102 18.45 -3.09 -3.24
N SER A 103 17.59 -4.09 -3.08
CA SER A 103 17.57 -5.21 -4.01
C SER A 103 16.54 -4.96 -5.11
N THR A 104 15.52 -4.18 -4.81
CA THR A 104 14.47 -3.87 -5.78
C THR A 104 14.79 -2.57 -6.52
N LYS A 105 15.19 -1.55 -5.78
CA LYS A 105 15.51 -0.26 -6.38
C LYS A 105 16.48 -0.43 -7.53
N GLU A 106 17.49 -1.28 -7.35
CA GLU A 106 18.48 -1.53 -8.37
C GLU A 106 17.82 -1.96 -9.69
N HIS A 107 16.83 -2.84 -9.58
CA HIS A 107 16.11 -3.33 -10.75
C HIS A 107 15.50 -2.18 -11.53
N PHE A 108 14.95 -1.20 -10.81
CA PHE A 108 14.34 -0.04 -11.44
C PHE A 108 15.38 0.83 -12.13
N ALA A 109 16.45 1.13 -11.41
CA ALA A 109 17.54 1.94 -11.95
C ALA A 109 17.94 1.48 -13.35
N ARG A 110 18.09 0.16 -13.50
CA ARG A 110 18.47 -0.41 -14.79
C ARG A 110 17.30 -0.39 -15.77
N GLU A 111 16.13 -0.80 -15.30
CA GLU A 111 14.94 -0.84 -16.14
C GLU A 111 14.89 0.39 -17.05
N TYR A 112 15.18 1.56 -16.49
CA TYR A 112 15.17 2.80 -17.25
C TYR A 112 15.64 2.56 -18.68
N ASP A 113 16.83 1.98 -18.81
CA ASP A 113 17.39 1.70 -20.13
C ASP A 113 16.58 0.62 -20.85
N GLY A 1 -20.09 -6.73 12.90
CA GLY A 1 -19.91 -5.41 13.47
C GLY A 1 -19.51 -4.36 12.44
N SER A 2 -20.41 -4.11 11.49
CA SER A 2 -20.15 -3.14 10.43
C SER A 2 -21.29 -2.14 10.32
N SER A 3 -20.95 -0.90 10.01
CA SER A 3 -21.94 0.16 9.87
C SER A 3 -22.73 0.00 8.59
N GLY A 4 -22.02 -0.05 7.46
CA GLY A 4 -22.67 -0.20 6.17
C GLY A 4 -23.07 -1.64 5.90
N SER A 5 -23.40 -1.93 4.64
CA SER A 5 -23.81 -3.27 4.25
C SER A 5 -22.60 -4.16 4.01
N SER A 6 -22.86 -5.45 3.80
CA SER A 6 -21.79 -6.42 3.57
C SER A 6 -21.70 -6.78 2.08
N GLY A 7 -20.55 -6.52 1.48
CA GLY A 7 -20.36 -6.84 0.07
C GLY A 7 -19.25 -6.03 -0.56
N LYS A 8 -18.04 -6.57 -0.55
CA LYS A 8 -16.89 -5.90 -1.14
C LYS A 8 -17.10 -5.64 -2.62
N ILE A 9 -16.61 -4.51 -3.10
CA ILE A 9 -16.74 -4.15 -4.51
C ILE A 9 -15.93 -5.09 -5.39
N SER A 10 -14.79 -5.55 -4.87
CA SER A 10 -13.93 -6.46 -5.61
C SER A 10 -12.92 -7.13 -4.69
N ASN A 11 -12.21 -8.12 -5.22
CA ASN A 11 -11.22 -8.85 -4.43
C ASN A 11 -9.90 -8.95 -5.19
N ILE A 12 -9.50 -7.85 -5.83
CA ILE A 12 -8.26 -7.81 -6.59
C ILE A 12 -7.05 -7.94 -5.66
N PHE A 13 -7.23 -7.55 -4.40
CA PHE A 13 -6.16 -7.63 -3.42
C PHE A 13 -6.29 -8.87 -2.55
N GLU A 14 -6.98 -9.89 -3.08
CA GLU A 14 -7.18 -11.13 -2.37
C GLU A 14 -5.85 -11.68 -1.85
N ASP A 15 -5.78 -11.92 -0.54
CA ASP A 15 -4.57 -12.44 0.07
C ASP A 15 -3.44 -11.41 0.02
N VAL A 16 -3.80 -10.15 0.18
CA VAL A 16 -2.82 -9.07 0.15
C VAL A 16 -2.99 -8.13 1.34
N GLU A 17 -1.94 -8.00 2.15
CA GLU A 17 -1.99 -7.13 3.32
C GLU A 17 -1.56 -5.71 2.96
N PHE A 18 -1.94 -4.76 3.80
CA PHE A 18 -1.59 -3.36 3.57
C PHE A 18 -1.50 -2.60 4.89
N CYS A 19 -0.43 -1.82 5.04
CA CYS A 19 -0.23 -1.04 6.26
C CYS A 19 -0.19 0.46 5.95
N VAL A 20 -1.30 1.13 6.20
CA VAL A 20 -1.40 2.57 5.95
C VAL A 20 -0.92 3.37 7.15
N MET A 21 0.00 4.29 6.91
CA MET A 21 0.55 5.13 7.97
C MET A 21 -0.10 6.51 7.96
N SER A 22 -0.23 7.09 6.77
CA SER A 22 -0.83 8.41 6.62
C SER A 22 -1.41 8.59 5.22
N GLY A 23 -2.30 9.56 5.08
CA GLY A 23 -2.92 9.82 3.80
C GLY A 23 -2.73 11.26 3.34
N THR A 24 -3.21 11.56 2.14
CA THR A 24 -3.08 12.90 1.58
C THR A 24 -4.36 13.70 1.78
N ASP A 25 -4.35 14.96 1.35
CA ASP A 25 -5.51 15.83 1.48
C ASP A 25 -6.74 15.17 0.87
N SER A 26 -6.72 14.95 -0.44
CA SER A 26 -7.84 14.35 -1.14
C SER A 26 -8.33 13.10 -0.39
N GLN A 27 -7.39 12.26 0.01
CA GLN A 27 -7.73 11.04 0.73
C GLN A 27 -6.90 10.91 2.01
N PRO A 28 -7.58 10.97 3.16
CA PRO A 28 -6.94 10.87 4.48
C PRO A 28 -6.41 9.46 4.75
N LYS A 29 -6.03 9.21 6.00
CA LYS A 29 -5.51 7.91 6.39
C LYS A 29 -6.62 6.87 6.46
N PRO A 30 -7.62 7.12 7.31
CA PRO A 30 -8.76 6.22 7.49
C PRO A 30 -9.68 6.20 6.26
N ASP A 31 -9.19 6.75 5.16
CA ASP A 31 -9.97 6.80 3.93
C ASP A 31 -9.63 5.61 3.03
N LEU A 32 -8.35 5.32 2.89
CA LEU A 32 -7.90 4.20 2.06
C LEU A 32 -8.22 2.87 2.72
N GLU A 33 -8.07 2.82 4.04
CA GLU A 33 -8.34 1.60 4.80
C GLU A 33 -9.67 0.99 4.38
N ASN A 34 -10.72 1.80 4.34
CA ASN A 34 -12.05 1.34 3.96
C ASN A 34 -12.03 0.78 2.54
N ARG A 35 -11.28 1.43 1.66
CA ARG A 35 -11.18 1.01 0.27
C ARG A 35 -10.50 -0.35 0.16
N ILE A 36 -9.21 -0.39 0.50
CA ILE A 36 -8.44 -1.62 0.44
C ILE A 36 -9.28 -2.81 0.90
N ALA A 37 -9.80 -2.73 2.12
CA ALA A 37 -10.62 -3.79 2.67
C ALA A 37 -11.80 -4.12 1.75
N GLU A 38 -12.29 -3.11 1.05
CA GLU A 38 -13.41 -3.30 0.13
C GLU A 38 -12.95 -3.94 -1.17
N PHE A 39 -11.63 -4.00 -1.36
CA PHE A 39 -11.06 -4.59 -2.56
C PHE A 39 -10.41 -5.93 -2.26
N GLY A 40 -10.87 -6.57 -1.19
CA GLY A 40 -10.34 -7.86 -0.80
C GLY A 40 -8.93 -7.76 -0.25
N GLY A 41 -8.70 -6.80 0.64
CA GLY A 41 -7.40 -6.61 1.24
C GLY A 41 -7.45 -6.48 2.74
N TYR A 42 -6.29 -6.60 3.38
CA TYR A 42 -6.21 -6.49 4.84
C TYR A 42 -5.53 -5.18 5.25
N ILE A 43 -5.93 -4.67 6.40
CA ILE A 43 -5.36 -3.43 6.92
C ILE A 43 -4.81 -3.60 8.33
N VAL A 44 -3.59 -3.13 8.56
CA VAL A 44 -2.96 -3.24 9.86
C VAL A 44 -2.27 -1.94 10.25
N GLN A 45 -2.39 -1.57 11.52
CA GLN A 45 -1.78 -0.34 12.02
C GLN A 45 -0.26 -0.47 12.08
N ASN A 46 0.21 -1.66 12.47
CA ASN A 46 1.64 -1.92 12.57
C ASN A 46 2.07 -2.99 11.58
N PRO A 47 3.15 -2.71 10.83
CA PRO A 47 3.68 -3.64 9.83
C PRO A 47 4.33 -4.87 10.47
N GLY A 48 4.38 -5.95 9.71
CA GLY A 48 4.98 -7.17 10.22
C GLY A 48 5.55 -8.05 9.12
N PRO A 49 5.78 -9.34 9.43
CA PRO A 49 6.34 -10.29 8.47
C PRO A 49 5.35 -10.62 7.35
N ASP A 50 4.07 -10.46 7.63
CA ASP A 50 3.03 -10.74 6.65
C ASP A 50 2.43 -9.45 6.09
N THR A 51 3.30 -8.48 5.80
CA THR A 51 2.87 -7.20 5.27
C THR A 51 3.39 -6.97 3.86
N TYR A 52 2.50 -6.66 2.94
CA TYR A 52 2.88 -6.42 1.55
C TYR A 52 3.74 -5.16 1.42
N CYS A 53 3.20 -4.05 1.92
CA CYS A 53 3.91 -2.77 1.86
C CYS A 53 3.27 -1.76 2.80
N VAL A 54 3.95 -0.64 2.99
CA VAL A 54 3.46 0.42 3.87
C VAL A 54 3.07 1.66 3.07
N ILE A 55 1.80 2.02 3.13
CA ILE A 55 1.30 3.18 2.41
C ILE A 55 1.52 4.46 3.22
N ALA A 56 2.19 5.43 2.60
CA ALA A 56 2.47 6.70 3.26
C ALA A 56 2.49 7.85 2.26
N GLY A 57 1.66 8.86 2.50
CA GLY A 57 1.60 10.00 1.60
C GLY A 57 2.80 10.92 1.76
N SER A 58 3.39 10.94 2.94
CA SER A 58 4.55 11.77 3.22
C SER A 58 5.42 11.17 4.32
N GLU A 59 6.64 11.67 4.44
CA GLU A 59 7.57 11.18 5.45
C GLU A 59 7.18 11.69 6.84
N ASN A 60 6.82 10.77 7.72
CA ASN A 60 6.42 11.13 9.08
C ASN A 60 7.19 10.30 10.11
N ILE A 61 6.95 10.59 11.38
CA ILE A 61 7.63 9.86 12.47
C ILE A 61 7.45 8.36 12.30
N ARG A 62 6.21 7.89 12.43
CA ARG A 62 5.90 6.48 12.31
C ARG A 62 6.63 5.87 11.11
N VAL A 63 6.31 6.36 9.92
CA VAL A 63 6.95 5.87 8.69
C VAL A 63 8.44 5.73 8.87
N LYS A 64 9.10 6.82 9.27
CA LYS A 64 10.54 6.82 9.47
C LYS A 64 11.00 5.53 10.14
N ASN A 65 10.50 5.30 11.36
CA ASN A 65 10.86 4.11 12.11
C ASN A 65 10.92 2.88 11.20
N ILE A 66 9.87 2.69 10.40
CA ILE A 66 9.81 1.57 9.48
C ILE A 66 10.97 1.61 8.49
N ILE A 67 11.27 2.80 7.98
CA ILE A 67 12.36 2.97 7.02
C ILE A 67 13.68 2.50 7.61
N LEU A 68 14.03 3.03 8.77
CA LEU A 68 15.27 2.67 9.44
C LEU A 68 15.50 1.16 9.38
N SER A 69 14.55 0.40 9.90
CA SER A 69 14.66 -1.05 9.90
C SER A 69 15.13 -1.57 8.55
N ASN A 70 14.80 -0.84 7.49
CA ASN A 70 15.20 -1.22 6.15
C ASN A 70 14.78 -2.65 5.84
N LYS A 71 13.51 -2.97 6.11
CA LYS A 71 12.99 -4.30 5.86
C LYS A 71 11.79 -4.25 4.92
N HIS A 72 10.96 -3.21 5.07
CA HIS A 72 9.79 -3.05 4.22
C HIS A 72 9.99 -1.89 3.25
N ASP A 73 8.97 -1.65 2.41
CA ASP A 73 9.04 -0.57 1.43
C ASP A 73 7.87 0.40 1.62
N VAL A 74 8.05 1.62 1.13
CA VAL A 74 7.03 2.65 1.24
C VAL A 74 6.38 2.92 -0.11
N VAL A 75 5.05 3.06 -0.12
CA VAL A 75 4.32 3.33 -1.35
C VAL A 75 3.35 4.48 -1.16
N LYS A 76 3.17 5.29 -2.21
CA LYS A 76 2.27 6.43 -2.16
C LYS A 76 0.82 5.98 -2.11
N PRO A 77 -0.01 6.72 -1.36
CA PRO A 77 -1.44 6.41 -1.22
C PRO A 77 -2.21 6.67 -2.50
N ALA A 78 -1.50 7.09 -3.54
CA ALA A 78 -2.14 7.37 -4.83
C ALA A 78 -2.26 6.10 -5.66
N TRP A 79 -1.19 5.32 -5.72
CA TRP A 79 -1.19 4.08 -6.48
C TRP A 79 -2.45 3.27 -6.22
N LEU A 80 -2.97 3.38 -5.00
CA LEU A 80 -4.18 2.66 -4.61
C LEU A 80 -5.39 3.18 -5.37
N LEU A 81 -5.43 4.49 -5.58
CA LEU A 81 -6.53 5.13 -6.30
C LEU A 81 -6.70 4.52 -7.69
N GLU A 82 -5.60 4.46 -8.43
CA GLU A 82 -5.62 3.91 -9.78
C GLU A 82 -6.43 2.61 -9.82
N CYS A 83 -6.32 1.83 -8.76
CA CYS A 83 -7.04 0.56 -8.66
C CYS A 83 -8.51 0.80 -8.34
N PHE A 84 -8.78 1.80 -7.51
CA PHE A 84 -10.15 2.11 -7.13
C PHE A 84 -10.94 2.65 -8.31
N LYS A 85 -10.22 3.20 -9.30
CA LYS A 85 -10.86 3.75 -10.49
C LYS A 85 -10.94 2.71 -11.60
N THR A 86 -9.87 1.93 -11.75
CA THR A 86 -9.81 0.89 -12.77
C THR A 86 -10.21 -0.46 -12.20
N LYS A 87 -10.57 -0.47 -10.92
CA LYS A 87 -10.97 -1.71 -10.24
C LYS A 87 -10.17 -2.90 -10.77
N SER A 88 -8.87 -2.69 -10.94
CA SER A 88 -7.99 -3.75 -11.43
C SER A 88 -6.65 -3.72 -10.72
N PHE A 89 -5.94 -4.84 -10.75
CA PHE A 89 -4.63 -4.94 -10.10
C PHE A 89 -3.59 -4.13 -10.86
N VAL A 90 -3.27 -2.95 -10.35
CA VAL A 90 -2.29 -2.08 -10.97
C VAL A 90 -0.88 -2.40 -10.49
N PRO A 91 0.06 -2.54 -11.44
CA PRO A 91 1.46 -2.84 -11.13
C PRO A 91 2.18 -1.69 -10.45
N TRP A 92 3.29 -1.98 -9.81
CA TRP A 92 4.07 -0.96 -9.12
C TRP A 92 4.82 -0.07 -10.11
N GLN A 93 4.86 1.22 -9.83
CA GLN A 93 5.53 2.16 -10.71
C GLN A 93 6.63 2.91 -9.95
N PRO A 94 7.66 3.36 -10.69
CA PRO A 94 8.79 4.09 -10.12
C PRO A 94 8.41 5.48 -9.64
N ARG A 95 7.19 5.91 -9.99
CA ARG A 95 6.69 7.22 -9.59
C ARG A 95 5.78 7.11 -8.38
N PHE A 96 5.29 5.90 -8.12
CA PHE A 96 4.39 5.66 -6.99
C PHE A 96 5.19 5.30 -5.74
N MET A 97 6.21 4.48 -5.92
CA MET A 97 7.05 4.06 -4.80
C MET A 97 7.85 5.24 -4.24
N ILE A 98 8.19 5.16 -2.96
CA ILE A 98 8.94 6.22 -2.31
C ILE A 98 10.26 5.68 -1.76
N HIS A 99 10.22 4.47 -1.21
CA HIS A 99 11.42 3.85 -0.65
C HIS A 99 11.36 2.33 -0.80
N MET A 100 12.49 1.73 -1.13
CA MET A 100 12.56 0.27 -1.30
C MET A 100 13.86 -0.27 -0.71
N CYS A 101 13.90 -1.58 -0.52
CA CYS A 101 15.08 -2.24 0.04
C CYS A 101 16.17 -2.38 -1.02
N PRO A 102 17.42 -2.59 -0.56
CA PRO A 102 18.57 -2.76 -1.44
C PRO A 102 18.53 -4.07 -2.21
N SER A 103 17.67 -4.99 -1.77
CA SER A 103 17.53 -6.28 -2.41
C SER A 103 16.40 -6.27 -3.43
N THR A 104 15.55 -5.25 -3.36
CA THR A 104 14.42 -5.11 -4.28
C THR A 104 14.73 -4.11 -5.38
N LYS A 105 15.44 -3.04 -5.01
CA LYS A 105 15.80 -2.00 -5.98
C LYS A 105 16.46 -2.60 -7.21
N GLU A 106 17.24 -3.66 -7.01
CA GLU A 106 17.93 -4.33 -8.09
C GLU A 106 16.95 -4.68 -9.22
N HIS A 107 15.80 -5.21 -8.84
CA HIS A 107 14.78 -5.59 -9.82
C HIS A 107 14.32 -4.38 -10.62
N PHE A 108 14.33 -3.20 -9.99
CA PHE A 108 13.91 -1.98 -10.65
C PHE A 108 15.02 -1.44 -11.55
N ALA A 109 16.26 -1.70 -11.17
CA ALA A 109 17.41 -1.24 -11.94
C ALA A 109 17.41 -1.88 -13.33
N ARG A 110 17.02 -3.14 -13.41
CA ARG A 110 16.99 -3.86 -14.68
C ARG A 110 15.72 -3.51 -15.46
N GLU A 111 14.60 -3.42 -14.75
CA GLU A 111 13.32 -3.11 -15.37
C GLU A 111 13.47 -1.93 -16.34
N TYR A 112 13.98 -0.81 -15.83
CA TYR A 112 14.17 0.38 -16.64
C TYR A 112 14.82 0.03 -17.98
N ASP A 113 15.93 -0.70 -17.91
CA ASP A 113 16.65 -1.10 -19.12
C ASP A 113 16.30 -2.53 -19.51
N GLY A 1 -13.64 -12.71 8.50
CA GLY A 1 -12.38 -12.09 8.84
C GLY A 1 -12.45 -10.58 8.81
N SER A 2 -13.08 -10.00 9.83
CA SER A 2 -13.23 -8.55 9.92
C SER A 2 -13.46 -7.93 8.54
N SER A 3 -14.30 -8.60 7.75
CA SER A 3 -14.61 -8.13 6.40
C SER A 3 -15.24 -6.75 6.44
N GLY A 4 -16.25 -6.59 7.30
CA GLY A 4 -16.93 -5.32 7.43
C GLY A 4 -18.38 -5.38 6.99
N SER A 5 -18.59 -5.52 5.68
CA SER A 5 -19.93 -5.59 5.13
C SER A 5 -19.96 -6.45 3.87
N SER A 6 -21.13 -7.03 3.58
CA SER A 6 -21.28 -7.88 2.41
C SER A 6 -21.54 -7.05 1.15
N GLY A 7 -20.62 -7.16 0.19
CA GLY A 7 -20.76 -6.42 -1.04
C GLY A 7 -19.44 -5.84 -1.52
N LYS A 8 -18.43 -6.70 -1.68
CA LYS A 8 -17.11 -6.26 -2.13
C LYS A 8 -17.14 -5.91 -3.62
N ILE A 9 -16.37 -4.89 -3.98
CA ILE A 9 -16.30 -4.46 -5.38
C ILE A 9 -15.49 -5.44 -6.22
N SER A 10 -14.42 -5.97 -5.65
CA SER A 10 -13.57 -6.92 -6.35
C SER A 10 -12.64 -7.64 -5.37
N ASN A 11 -11.93 -8.65 -5.87
CA ASN A 11 -11.01 -9.42 -5.04
C ASN A 11 -9.59 -9.36 -5.60
N ILE A 12 -9.20 -8.18 -6.07
CA ILE A 12 -7.87 -7.97 -6.62
C ILE A 12 -6.79 -8.13 -5.55
N PHE A 13 -7.09 -7.64 -4.35
CA PHE A 13 -6.15 -7.71 -3.24
C PHE A 13 -6.45 -8.92 -2.36
N GLU A 14 -7.11 -9.92 -2.94
CA GLU A 14 -7.45 -11.13 -2.20
C GLU A 14 -6.23 -11.71 -1.50
N ASP A 15 -6.35 -11.92 -0.19
CA ASP A 15 -5.25 -12.47 0.59
C ASP A 15 -4.03 -11.54 0.57
N VAL A 16 -4.30 -10.23 0.59
CA VAL A 16 -3.23 -9.24 0.57
C VAL A 16 -3.37 -8.27 1.73
N GLU A 17 -2.31 -8.16 2.53
CA GLU A 17 -2.31 -7.26 3.68
C GLU A 17 -1.85 -5.87 3.29
N PHE A 18 -2.25 -4.88 4.07
CA PHE A 18 -1.89 -3.48 3.81
C PHE A 18 -1.62 -2.73 5.10
N CYS A 19 -0.77 -1.71 5.03
CA CYS A 19 -0.43 -0.90 6.19
C CYS A 19 -0.35 0.57 5.83
N VAL A 20 -1.26 1.36 6.38
CA VAL A 20 -1.29 2.80 6.11
C VAL A 20 -0.71 3.58 7.29
N MET A 21 0.15 4.54 6.99
CA MET A 21 0.78 5.36 8.01
C MET A 21 0.14 6.75 8.06
N SER A 22 -0.19 7.27 6.88
CA SER A 22 -0.81 8.59 6.79
C SER A 22 -1.24 8.89 5.36
N GLY A 23 -2.27 9.71 5.21
CA GLY A 23 -2.78 10.06 3.90
C GLY A 23 -2.69 11.54 3.60
N THR A 24 -3.24 11.96 2.48
CA THR A 24 -3.22 13.37 2.09
C THR A 24 -4.51 14.07 2.50
N ASP A 25 -4.59 15.36 2.21
CA ASP A 25 -5.77 16.15 2.56
C ASP A 25 -7.04 15.49 2.02
N SER A 26 -7.17 15.44 0.70
CA SER A 26 -8.34 14.84 0.07
C SER A 26 -8.49 13.39 0.49
N GLN A 27 -7.38 12.66 0.51
CA GLN A 27 -7.39 11.25 0.89
C GLN A 27 -6.63 11.03 2.20
N PRO A 28 -7.37 11.05 3.32
CA PRO A 28 -6.77 10.86 4.64
C PRO A 28 -6.29 9.43 4.87
N LYS A 29 -5.94 9.11 6.10
CA LYS A 29 -5.46 7.78 6.45
C LYS A 29 -6.61 6.77 6.47
N PRO A 30 -7.61 7.03 7.31
CA PRO A 30 -8.79 6.17 7.45
C PRO A 30 -9.69 6.22 6.22
N ASP A 31 -9.14 6.71 5.12
CA ASP A 31 -9.89 6.82 3.87
C ASP A 31 -9.63 5.61 2.97
N LEU A 32 -8.35 5.30 2.78
CA LEU A 32 -7.96 4.17 1.94
C LEU A 32 -8.17 2.84 2.66
N GLU A 33 -7.90 2.84 3.96
CA GLU A 33 -8.06 1.64 4.78
C GLU A 33 -9.40 0.98 4.50
N ASN A 34 -10.46 1.77 4.49
CA ASN A 34 -11.81 1.26 4.24
C ASN A 34 -11.91 0.69 2.82
N ARG A 35 -11.54 1.50 1.83
CA ARG A 35 -11.60 1.07 0.44
C ARG A 35 -10.88 -0.26 0.25
N ILE A 36 -9.56 -0.25 0.45
CA ILE A 36 -8.76 -1.45 0.31
C ILE A 36 -9.53 -2.69 0.75
N ALA A 37 -9.98 -2.69 1.99
CA ALA A 37 -10.74 -3.81 2.53
C ALA A 37 -11.87 -4.22 1.59
N GLU A 38 -12.58 -3.22 1.06
CA GLU A 38 -13.68 -3.47 0.14
C GLU A 38 -13.21 -4.24 -1.08
N PHE A 39 -11.92 -4.13 -1.37
CA PHE A 39 -11.34 -4.82 -2.52
C PHE A 39 -10.77 -6.17 -2.13
N GLY A 40 -11.22 -6.68 -0.97
CA GLY A 40 -10.74 -7.96 -0.50
C GLY A 40 -9.33 -7.89 0.04
N GLY A 41 -9.03 -6.84 0.80
CA GLY A 41 -7.70 -6.69 1.36
C GLY A 41 -7.72 -6.54 2.87
N TYR A 42 -6.58 -6.76 3.50
CA TYR A 42 -6.48 -6.66 4.95
C TYR A 42 -5.75 -5.38 5.35
N ILE A 43 -6.19 -4.78 6.45
CA ILE A 43 -5.59 -3.54 6.95
C ILE A 43 -5.09 -3.71 8.38
N VAL A 44 -3.85 -3.32 8.62
CA VAL A 44 -3.26 -3.43 9.96
C VAL A 44 -2.75 -2.07 10.44
N GLN A 45 -2.11 -2.06 11.60
CA GLN A 45 -1.57 -0.84 12.17
C GLN A 45 -0.05 -0.76 11.99
N ASN A 46 0.63 -1.86 12.30
CA ASN A 46 2.08 -1.91 12.17
C ASN A 46 2.49 -2.98 11.16
N PRO A 47 3.47 -2.63 10.31
CA PRO A 47 3.97 -3.55 9.28
C PRO A 47 4.77 -4.71 9.87
N GLY A 48 4.37 -5.93 9.50
CA GLY A 48 5.06 -7.10 10.01
C GLY A 48 5.49 -8.05 8.90
N PRO A 49 5.69 -9.32 9.25
CA PRO A 49 6.11 -10.35 8.29
C PRO A 49 5.00 -10.70 7.29
N ASP A 50 3.76 -10.51 7.72
CA ASP A 50 2.61 -10.81 6.87
C ASP A 50 2.01 -9.53 6.30
N THR A 51 2.88 -8.61 5.89
CA THR A 51 2.45 -7.34 5.32
C THR A 51 2.98 -7.15 3.91
N TYR A 52 2.11 -6.71 3.01
CA TYR A 52 2.49 -6.49 1.62
C TYR A 52 3.43 -5.30 1.49
N CYS A 53 2.94 -4.13 1.86
CA CYS A 53 3.73 -2.90 1.79
C CYS A 53 3.14 -1.80 2.67
N VAL A 54 3.80 -0.66 2.71
CA VAL A 54 3.32 0.47 3.51
C VAL A 54 2.82 1.60 2.63
N ILE A 55 1.82 2.33 3.12
CA ILE A 55 1.24 3.44 2.37
C ILE A 55 1.43 4.76 3.12
N ALA A 56 2.32 5.60 2.62
CA ALA A 56 2.60 6.89 3.24
C ALA A 56 2.66 7.99 2.19
N GLY A 57 1.75 8.96 2.30
CA GLY A 57 1.73 10.06 1.35
C GLY A 57 2.88 11.03 1.55
N SER A 58 3.37 11.11 2.79
CA SER A 58 4.47 12.01 3.11
C SER A 58 5.45 11.34 4.09
N GLU A 59 6.58 11.99 4.32
CA GLU A 59 7.59 11.48 5.23
C GLU A 59 7.39 12.01 6.63
N ASN A 60 6.95 11.15 7.54
CA ASN A 60 6.73 11.54 8.92
C ASN A 60 7.45 10.60 9.89
N ILE A 61 7.32 10.86 11.18
CA ILE A 61 7.96 10.04 12.20
C ILE A 61 7.70 8.56 11.96
N ARG A 62 6.43 8.17 12.07
CA ARG A 62 6.05 6.77 11.86
C ARG A 62 6.78 6.19 10.66
N VAL A 63 6.53 6.76 9.48
CA VAL A 63 7.17 6.28 8.26
C VAL A 63 8.65 6.00 8.48
N LYS A 64 9.31 6.88 9.21
CA LYS A 64 10.74 6.73 9.49
C LYS A 64 11.02 5.36 10.09
N ASN A 65 10.40 5.07 11.22
CA ASN A 65 10.58 3.79 11.89
C ASN A 65 10.63 2.65 10.89
N ILE A 66 9.65 2.64 9.98
CA ILE A 66 9.58 1.60 8.96
C ILE A 66 10.78 1.67 8.02
N ILE A 67 11.22 2.88 7.72
CA ILE A 67 12.37 3.07 6.84
C ILE A 67 13.65 2.55 7.47
N LEU A 68 13.90 2.94 8.71
CA LEU A 68 15.09 2.51 9.43
C LEU A 68 15.26 0.99 9.33
N SER A 69 14.25 0.26 9.77
CA SER A 69 14.29 -1.20 9.73
C SER A 69 14.78 -1.69 8.38
N ASN A 70 14.32 -1.04 7.31
CA ASN A 70 14.71 -1.41 5.96
C ASN A 70 14.25 -2.82 5.63
N LYS A 71 12.96 -3.08 5.84
CA LYS A 71 12.39 -4.40 5.57
C LYS A 71 11.28 -4.30 4.52
N HIS A 72 10.45 -3.27 4.66
CA HIS A 72 9.35 -3.06 3.72
C HIS A 72 9.55 -1.79 2.92
N ASP A 73 8.92 -1.73 1.75
CA ASP A 73 9.04 -0.56 0.88
C ASP A 73 7.87 0.40 1.10
N VAL A 74 8.13 1.70 0.91
CA VAL A 74 7.10 2.70 1.09
C VAL A 74 6.46 3.08 -0.24
N VAL A 75 5.13 3.12 -0.25
CA VAL A 75 4.39 3.47 -1.46
C VAL A 75 3.44 4.63 -1.21
N LYS A 76 3.17 5.41 -2.26
CA LYS A 76 2.27 6.55 -2.15
C LYS A 76 0.82 6.09 -2.14
N PRO A 77 -0.04 6.84 -1.44
CA PRO A 77 -1.47 6.54 -1.33
C PRO A 77 -2.20 6.79 -2.65
N ALA A 78 -1.46 7.21 -3.67
CA ALA A 78 -2.04 7.47 -4.98
C ALA A 78 -2.11 6.20 -5.82
N TRP A 79 -1.07 5.39 -5.73
CA TRP A 79 -1.01 4.14 -6.48
C TRP A 79 -2.26 3.30 -6.25
N LEU A 80 -2.83 3.41 -5.05
CA LEU A 80 -4.03 2.66 -4.71
C LEU A 80 -5.21 3.09 -5.58
N LEU A 81 -5.39 4.40 -5.73
CA LEU A 81 -6.47 4.94 -6.53
C LEU A 81 -6.53 4.24 -7.89
N GLU A 82 -5.39 4.14 -8.56
CA GLU A 82 -5.32 3.50 -9.87
C GLU A 82 -6.12 2.20 -9.87
N CYS A 83 -6.13 1.51 -8.74
CA CYS A 83 -6.86 0.25 -8.61
C CYS A 83 -8.32 0.50 -8.28
N PHE A 84 -8.60 1.63 -7.64
CA PHE A 84 -9.96 1.99 -7.26
C PHE A 84 -10.74 2.51 -8.46
N LYS A 85 -10.02 2.99 -9.47
CA LYS A 85 -10.63 3.52 -10.68
C LYS A 85 -10.63 2.48 -11.79
N THR A 86 -9.68 1.56 -11.74
CA THR A 86 -9.57 0.51 -12.74
C THR A 86 -10.01 -0.84 -12.17
N LYS A 87 -10.24 -0.88 -10.86
CA LYS A 87 -10.66 -2.10 -10.20
C LYS A 87 -9.81 -3.29 -10.63
N SER A 88 -8.52 -3.04 -10.80
CA SER A 88 -7.59 -4.09 -11.21
C SER A 88 -6.25 -3.94 -10.49
N PHE A 89 -5.53 -5.05 -10.39
CA PHE A 89 -4.23 -5.05 -9.71
C PHE A 89 -3.21 -4.26 -10.50
N VAL A 90 -2.99 -3.01 -10.09
CA VAL A 90 -2.04 -2.13 -10.76
C VAL A 90 -0.62 -2.43 -10.29
N PRO A 91 0.33 -2.45 -11.26
CA PRO A 91 1.74 -2.71 -10.97
C PRO A 91 2.41 -1.56 -10.21
N TRP A 92 3.65 -1.77 -9.80
CA TRP A 92 4.38 -0.75 -9.07
C TRP A 92 5.19 0.12 -10.02
N GLN A 93 5.16 1.43 -9.78
CA GLN A 93 5.88 2.38 -10.63
C GLN A 93 6.91 3.16 -9.82
N PRO A 94 7.93 3.69 -10.50
CA PRO A 94 9.00 4.46 -9.87
C PRO A 94 8.52 5.81 -9.36
N ARG A 95 7.29 6.18 -9.72
CA ARG A 95 6.71 7.44 -9.29
C ARG A 95 5.84 7.25 -8.06
N PHE A 96 5.39 6.02 -7.84
CA PHE A 96 4.54 5.70 -6.70
C PHE A 96 5.39 5.34 -5.48
N MET A 97 6.40 4.51 -5.70
CA MET A 97 7.29 4.08 -4.62
C MET A 97 8.11 5.25 -4.10
N ILE A 98 8.39 5.23 -2.79
CA ILE A 98 9.16 6.29 -2.16
C ILE A 98 10.48 5.76 -1.61
N HIS A 99 10.44 4.57 -1.03
CA HIS A 99 11.63 3.94 -0.47
C HIS A 99 11.59 2.43 -0.65
N MET A 100 12.69 1.87 -1.14
CA MET A 100 12.78 0.44 -1.37
C MET A 100 14.16 -0.09 -0.99
N CYS A 101 14.19 -1.15 -0.18
CA CYS A 101 15.45 -1.75 0.25
C CYS A 101 16.46 -1.78 -0.88
N PRO A 102 17.75 -1.89 -0.53
CA PRO A 102 18.84 -1.93 -1.50
C PRO A 102 18.86 -3.23 -2.30
N SER A 103 18.12 -4.22 -1.82
CA SER A 103 18.04 -5.52 -2.49
C SER A 103 16.91 -5.54 -3.51
N THR A 104 15.88 -4.74 -3.26
CA THR A 104 14.74 -4.68 -4.16
C THR A 104 14.99 -3.69 -5.30
N LYS A 105 15.57 -2.54 -4.96
CA LYS A 105 15.87 -1.53 -5.96
C LYS A 105 16.53 -2.14 -7.19
N GLU A 106 17.41 -3.11 -6.97
CA GLU A 106 18.11 -3.77 -8.06
C GLU A 106 17.13 -4.14 -9.18
N HIS A 107 15.95 -4.59 -8.80
CA HIS A 107 14.93 -4.98 -9.77
C HIS A 107 14.45 -3.76 -10.57
N PHE A 108 14.39 -2.61 -9.91
CA PHE A 108 13.96 -1.38 -10.56
C PHE A 108 15.09 -0.77 -11.39
N ALA A 109 16.33 -1.01 -10.95
CA ALA A 109 17.50 -0.49 -11.66
C ALA A 109 17.53 -0.98 -13.10
N ARG A 110 17.11 -2.22 -13.31
CA ARG A 110 17.10 -2.81 -14.65
C ARG A 110 15.93 -2.28 -15.46
N GLU A 111 14.82 -2.00 -14.78
CA GLU A 111 13.63 -1.49 -15.46
C GLU A 111 13.93 -0.20 -16.21
N TYR A 112 14.62 0.72 -15.53
CA TYR A 112 14.97 2.00 -16.13
C TYR A 112 15.45 1.82 -17.57
N ASP A 113 16.36 0.86 -17.76
CA ASP A 113 16.90 0.58 -19.09
C ASP A 113 15.92 -0.27 -19.90
N GLY A 1 -17.30 -20.51 9.80
CA GLY A 1 -18.27 -19.80 8.99
C GLY A 1 -17.65 -19.18 7.75
N SER A 2 -18.45 -18.40 7.02
CA SER A 2 -17.98 -17.75 5.81
C SER A 2 -18.00 -16.23 5.96
N SER A 3 -17.31 -15.54 5.05
CA SER A 3 -17.24 -14.08 5.09
C SER A 3 -18.20 -13.46 4.08
N GLY A 4 -18.84 -14.32 3.28
CA GLY A 4 -19.79 -13.84 2.29
C GLY A 4 -19.12 -13.56 0.96
N SER A 5 -19.92 -13.22 -0.05
CA SER A 5 -19.41 -12.93 -1.38
C SER A 5 -19.96 -11.60 -1.90
N SER A 6 -21.22 -11.33 -1.60
CA SER A 6 -21.86 -10.11 -2.05
C SER A 6 -21.52 -8.95 -1.13
N GLY A 7 -21.12 -7.83 -1.71
CA GLY A 7 -20.76 -6.65 -0.93
C GLY A 7 -19.50 -5.99 -1.43
N LYS A 8 -18.36 -6.65 -1.26
CA LYS A 8 -17.09 -6.10 -1.70
C LYS A 8 -17.12 -5.78 -3.20
N ILE A 9 -16.50 -4.68 -3.56
CA ILE A 9 -16.45 -4.25 -4.96
C ILE A 9 -15.72 -5.27 -5.82
N SER A 10 -14.64 -5.83 -5.28
CA SER A 10 -13.86 -6.82 -6.00
C SER A 10 -12.91 -7.56 -5.06
N ASN A 11 -12.12 -8.47 -5.61
CA ASN A 11 -11.16 -9.24 -4.81
C ASN A 11 -9.77 -9.14 -5.40
N ILE A 12 -9.49 -8.04 -6.09
CA ILE A 12 -8.19 -7.83 -6.70
C ILE A 12 -7.07 -7.87 -5.66
N PHE A 13 -7.41 -7.45 -4.44
CA PHE A 13 -6.43 -7.43 -3.35
C PHE A 13 -6.61 -8.66 -2.45
N GLU A 14 -7.30 -9.68 -2.97
CA GLU A 14 -7.54 -10.90 -2.22
C GLU A 14 -6.22 -11.50 -1.73
N ASP A 15 -6.14 -11.73 -0.42
CA ASP A 15 -4.94 -12.31 0.17
C ASP A 15 -3.79 -11.31 0.13
N VAL A 16 -4.11 -10.04 0.31
CA VAL A 16 -3.10 -8.99 0.30
C VAL A 16 -3.19 -8.12 1.55
N GLU A 17 -2.07 -7.91 2.22
CA GLU A 17 -2.03 -7.10 3.42
C GLU A 17 -1.52 -5.69 3.11
N PHE A 18 -2.07 -4.70 3.82
CA PHE A 18 -1.67 -3.31 3.62
C PHE A 18 -1.55 -2.58 4.96
N CYS A 19 -0.53 -1.75 5.07
CA CYS A 19 -0.29 -0.98 6.30
C CYS A 19 -0.14 0.50 6.00
N VAL A 20 -1.22 1.25 6.18
CA VAL A 20 -1.21 2.68 5.93
C VAL A 20 -0.69 3.45 7.14
N MET A 21 0.06 4.52 6.87
CA MET A 21 0.62 5.34 7.94
C MET A 21 0.03 6.75 7.91
N SER A 22 -0.27 7.24 6.72
CA SER A 22 -0.83 8.57 6.54
C SER A 22 -1.36 8.77 5.13
N GLY A 23 -2.17 9.80 4.94
CA GLY A 23 -2.74 10.08 3.63
C GLY A 23 -2.60 11.54 3.24
N THR A 24 -3.35 11.94 2.22
CA THR A 24 -3.30 13.32 1.75
C THR A 24 -4.63 14.03 1.99
N ASP A 25 -4.69 15.31 1.67
CA ASP A 25 -5.89 16.11 1.85
C ASP A 25 -7.10 15.40 1.24
N SER A 26 -7.08 15.26 -0.08
CA SER A 26 -8.19 14.61 -0.79
C SER A 26 -8.51 13.25 -0.17
N GLN A 27 -7.48 12.44 0.02
CA GLN A 27 -7.65 11.11 0.61
C GLN A 27 -7.00 11.04 1.98
N PRO A 28 -7.84 10.95 3.03
CA PRO A 28 -7.36 10.87 4.42
C PRO A 28 -6.69 9.55 4.72
N LYS A 29 -6.03 9.47 5.87
CA LYS A 29 -5.33 8.26 6.28
C LYS A 29 -6.25 7.05 6.19
N PRO A 30 -7.37 7.10 6.94
CA PRO A 30 -8.36 6.02 6.96
C PRO A 30 -9.11 5.91 5.64
N ASP A 31 -8.61 6.57 4.61
CA ASP A 31 -9.24 6.53 3.29
C ASP A 31 -8.96 5.21 2.59
N LEU A 32 -7.70 4.84 2.52
CA LEU A 32 -7.29 3.60 1.87
C LEU A 32 -7.69 2.39 2.71
N GLU A 33 -7.44 2.48 4.01
CA GLU A 33 -7.78 1.39 4.93
C GLU A 33 -9.16 0.82 4.62
N ASN A 34 -10.16 1.71 4.55
CA ASN A 34 -11.52 1.30 4.26
C ASN A 34 -11.63 0.69 2.86
N ARG A 35 -11.50 1.53 1.84
CA ARG A 35 -11.58 1.08 0.46
C ARG A 35 -10.88 -0.26 0.29
N ILE A 36 -9.59 -0.29 0.61
CA ILE A 36 -8.80 -1.52 0.50
C ILE A 36 -9.56 -2.71 1.06
N ALA A 37 -9.99 -2.59 2.31
CA ALA A 37 -10.73 -3.67 2.97
C ALA A 37 -11.96 -4.06 2.16
N GLU A 38 -12.49 -3.10 1.40
CA GLU A 38 -13.67 -3.35 0.58
C GLU A 38 -13.30 -4.04 -0.73
N PHE A 39 -12.03 -3.89 -1.13
CA PHE A 39 -11.55 -4.49 -2.36
C PHE A 39 -10.95 -5.86 -2.09
N GLY A 40 -11.21 -6.40 -0.91
CA GLY A 40 -10.68 -7.70 -0.54
C GLY A 40 -9.25 -7.64 -0.06
N GLY A 41 -8.95 -6.62 0.74
CA GLY A 41 -7.60 -6.46 1.27
C GLY A 41 -7.57 -6.38 2.78
N TYR A 42 -6.40 -6.63 3.36
CA TYR A 42 -6.24 -6.59 4.82
C TYR A 42 -5.58 -5.29 5.26
N ILE A 43 -5.89 -4.87 6.48
CA ILE A 43 -5.32 -3.64 7.02
C ILE A 43 -4.91 -3.82 8.48
N VAL A 44 -3.66 -3.51 8.78
CA VAL A 44 -3.13 -3.62 10.14
C VAL A 44 -2.62 -2.29 10.65
N GLN A 45 -2.07 -2.30 11.86
CA GLN A 45 -1.54 -1.08 12.47
C GLN A 45 -0.03 -1.01 12.29
N ASN A 46 0.66 -2.08 12.65
CA ASN A 46 2.11 -2.13 12.53
C ASN A 46 2.54 -3.17 11.50
N PRO A 47 3.51 -2.79 10.65
CA PRO A 47 4.03 -3.68 9.60
C PRO A 47 4.85 -4.83 10.17
N GLY A 48 4.65 -6.02 9.60
CA GLY A 48 5.38 -7.19 10.06
C GLY A 48 5.80 -8.10 8.92
N PRO A 49 6.06 -9.38 9.25
CA PRO A 49 6.47 -10.38 8.26
C PRO A 49 5.35 -10.75 7.30
N ASP A 50 4.11 -10.61 7.76
CA ASP A 50 2.95 -10.92 6.94
C ASP A 50 2.34 -9.66 6.33
N THR A 51 3.21 -8.74 5.91
CA THR A 51 2.76 -7.49 5.32
C THR A 51 3.33 -7.30 3.91
N TYR A 52 2.46 -6.94 2.97
CA TYR A 52 2.89 -6.74 1.59
C TYR A 52 3.76 -5.48 1.47
N CYS A 53 3.26 -4.38 2.00
CA CYS A 53 3.99 -3.11 1.94
C CYS A 53 3.31 -2.06 2.83
N VAL A 54 3.99 -0.93 2.99
CA VAL A 54 3.46 0.15 3.81
C VAL A 54 3.13 1.38 2.96
N ILE A 55 1.97 1.97 3.20
CA ILE A 55 1.54 3.14 2.45
C ILE A 55 1.72 4.41 3.29
N ALA A 56 2.32 5.43 2.67
CA ALA A 56 2.54 6.70 3.35
C ALA A 56 2.56 7.86 2.36
N GLY A 57 1.61 8.77 2.53
CA GLY A 57 1.52 9.92 1.64
C GLY A 57 2.73 10.84 1.75
N SER A 58 3.30 10.91 2.95
CA SER A 58 4.46 11.76 3.18
C SER A 58 5.31 11.21 4.33
N GLU A 59 6.58 11.60 4.35
CA GLU A 59 7.49 11.15 5.39
C GLU A 59 7.06 11.65 6.76
N ASN A 60 6.51 10.74 7.57
CA ASN A 60 6.06 11.09 8.91
C ASN A 60 6.78 10.28 9.96
N ILE A 61 6.75 10.75 11.20
CA ILE A 61 7.41 10.07 12.31
C ILE A 61 7.25 8.56 12.19
N ARG A 62 6.00 8.09 12.30
CA ARG A 62 5.71 6.67 12.21
C ARG A 62 6.43 6.04 11.02
N VAL A 63 6.12 6.53 9.82
CA VAL A 63 6.74 6.02 8.60
C VAL A 63 8.25 5.88 8.76
N LYS A 64 8.86 6.88 9.37
CA LYS A 64 10.31 6.88 9.60
C LYS A 64 10.75 5.58 10.26
N ASN A 65 10.13 5.26 11.40
CA ASN A 65 10.46 4.05 12.13
C ASN A 65 10.55 2.85 11.19
N ILE A 66 9.60 2.75 10.26
CA ILE A 66 9.58 1.66 9.30
C ILE A 66 10.76 1.76 8.33
N ILE A 67 11.05 2.98 7.91
CA ILE A 67 12.15 3.22 6.97
C ILE A 67 13.47 2.74 7.55
N LEU A 68 13.72 3.08 8.81
CA LEU A 68 14.95 2.69 9.49
C LEU A 68 15.16 1.18 9.40
N SER A 69 14.23 0.42 9.96
CA SER A 69 14.30 -1.03 9.94
C SER A 69 14.83 -1.54 8.60
N ASN A 70 14.57 -0.78 7.55
CA ASN A 70 15.02 -1.15 6.21
C ASN A 70 14.62 -2.59 5.88
N LYS A 71 13.39 -2.94 6.18
CA LYS A 71 12.88 -4.28 5.91
C LYS A 71 11.64 -4.23 5.02
N HIS A 72 10.92 -3.13 5.08
CA HIS A 72 9.71 -2.95 4.27
C HIS A 72 9.87 -1.79 3.30
N ASP A 73 9.01 -1.76 2.28
CA ASP A 73 9.06 -0.71 1.27
C ASP A 73 7.89 0.26 1.46
N VAL A 74 8.09 1.50 1.04
CA VAL A 74 7.06 2.53 1.16
C VAL A 74 6.44 2.84 -0.19
N VAL A 75 5.11 2.90 -0.23
CA VAL A 75 4.39 3.19 -1.48
C VAL A 75 3.44 4.37 -1.29
N LYS A 76 3.29 5.16 -2.34
CA LYS A 76 2.40 6.32 -2.30
C LYS A 76 0.94 5.89 -2.30
N PRO A 77 0.10 6.62 -1.57
CA PRO A 77 -1.33 6.34 -1.48
C PRO A 77 -2.07 6.63 -2.78
N ALA A 78 -1.34 7.12 -3.77
CA ALA A 78 -1.92 7.43 -5.06
C ALA A 78 -2.08 6.17 -5.91
N TRP A 79 -1.06 5.33 -5.90
CA TRP A 79 -1.09 4.08 -6.67
C TRP A 79 -2.35 3.28 -6.36
N LEU A 80 -2.77 3.30 -5.10
CA LEU A 80 -3.96 2.58 -4.67
C LEU A 80 -5.20 3.07 -5.40
N LEU A 81 -5.31 4.39 -5.54
CA LEU A 81 -6.45 4.99 -6.22
C LEU A 81 -6.63 4.39 -7.61
N GLU A 82 -5.55 4.33 -8.38
CA GLU A 82 -5.60 3.78 -9.73
C GLU A 82 -6.42 2.50 -9.74
N CYS A 83 -6.37 1.75 -8.65
CA CYS A 83 -7.11 0.50 -8.54
C CYS A 83 -8.57 0.75 -8.19
N PHE A 84 -8.82 1.82 -7.44
CA PHE A 84 -10.18 2.17 -7.05
C PHE A 84 -10.94 2.81 -8.20
N LYS A 85 -10.20 3.31 -9.19
CA LYS A 85 -10.81 3.93 -10.36
C LYS A 85 -10.90 2.95 -11.52
N THR A 86 -9.92 2.07 -11.62
CA THR A 86 -9.88 1.07 -12.69
C THR A 86 -10.35 -0.28 -12.19
N LYS A 87 -10.57 -0.39 -10.88
CA LYS A 87 -11.03 -1.63 -10.28
C LYS A 87 -10.20 -2.81 -10.76
N SER A 88 -8.88 -2.62 -10.83
CA SER A 88 -7.97 -3.66 -11.28
C SER A 88 -6.64 -3.59 -10.53
N PHE A 89 -5.83 -4.63 -10.68
CA PHE A 89 -4.53 -4.67 -10.01
C PHE A 89 -3.47 -3.94 -10.83
N VAL A 90 -3.21 -2.69 -10.47
CA VAL A 90 -2.22 -1.88 -11.17
C VAL A 90 -0.81 -2.26 -10.75
N PRO A 91 0.09 -2.36 -11.74
CA PRO A 91 1.50 -2.71 -11.50
C PRO A 91 2.26 -1.60 -10.79
N TRP A 92 3.27 -2.00 -10.02
CA TRP A 92 4.08 -1.04 -9.27
C TRP A 92 4.92 -0.19 -10.22
N GLN A 93 4.96 1.12 -9.97
CA GLN A 93 5.73 2.04 -10.80
C GLN A 93 6.81 2.75 -9.98
N PRO A 94 7.88 3.18 -10.65
CA PRO A 94 8.99 3.87 -10.01
C PRO A 94 8.60 5.27 -9.55
N ARG A 95 7.41 5.71 -9.93
CA ARG A 95 6.93 7.03 -9.56
C ARG A 95 5.97 6.94 -8.37
N PHE A 96 5.54 5.73 -8.06
CA PHE A 96 4.62 5.52 -6.94
C PHE A 96 5.39 5.17 -5.67
N MET A 97 6.58 4.60 -5.83
CA MET A 97 7.42 4.22 -4.69
C MET A 97 8.06 5.45 -4.08
N ILE A 98 8.42 5.35 -2.80
CA ILE A 98 9.07 6.45 -2.09
C ILE A 98 10.43 6.03 -1.54
N HIS A 99 10.52 4.77 -1.11
CA HIS A 99 11.76 4.25 -0.55
C HIS A 99 11.77 2.73 -0.58
N MET A 100 12.63 2.15 -1.41
CA MET A 100 12.74 0.71 -1.53
C MET A 100 14.09 0.22 -1.03
N CYS A 101 14.13 -1.02 -0.56
CA CYS A 101 15.37 -1.61 -0.05
C CYS A 101 16.40 -1.74 -1.17
N PRO A 102 17.68 -1.89 -0.78
CA PRO A 102 18.79 -2.02 -1.72
C PRO A 102 18.76 -3.37 -2.45
N SER A 103 17.88 -4.25 -2.01
CA SER A 103 17.75 -5.57 -2.61
C SER A 103 16.65 -5.59 -3.67
N THR A 104 15.74 -4.62 -3.57
CA THR A 104 14.63 -4.52 -4.51
C THR A 104 14.92 -3.48 -5.60
N LYS A 105 15.66 -2.45 -5.23
CA LYS A 105 16.02 -1.38 -6.17
C LYS A 105 16.72 -1.95 -7.39
N GLU A 106 17.68 -2.84 -7.16
CA GLU A 106 18.43 -3.46 -8.25
C GLU A 106 17.48 -4.07 -9.28
N HIS A 107 16.36 -4.60 -8.80
CA HIS A 107 15.38 -5.22 -9.69
C HIS A 107 14.79 -4.20 -10.65
N PHE A 108 14.40 -3.04 -10.11
CA PHE A 108 13.83 -1.98 -10.93
C PHE A 108 14.84 -1.45 -11.93
N ALA A 109 16.09 -1.31 -11.49
CA ALA A 109 17.15 -0.82 -12.35
C ALA A 109 17.24 -1.63 -13.63
N ARG A 110 16.85 -2.90 -13.55
CA ARG A 110 16.90 -3.80 -14.70
C ARG A 110 15.77 -3.47 -15.68
N GLU A 111 14.55 -3.36 -15.16
CA GLU A 111 13.40 -3.05 -15.99
C GLU A 111 13.66 -1.83 -16.86
N TYR A 112 14.05 -0.73 -16.24
CA TYR A 112 14.33 0.50 -16.95
C TYR A 112 14.96 0.21 -18.32
N ASP A 113 16.03 -0.56 -18.32
CA ASP A 113 16.72 -0.92 -19.55
C ASP A 113 15.82 -1.75 -20.45
N GLY A 1 -10.83 -8.98 18.11
CA GLY A 1 -11.23 -9.34 16.77
C GLY A 1 -12.54 -8.68 16.36
N SER A 2 -12.51 -7.95 15.26
CA SER A 2 -13.70 -7.27 14.76
C SER A 2 -13.72 -7.24 13.24
N SER A 3 -14.78 -7.77 12.65
CA SER A 3 -14.92 -7.81 11.20
C SER A 3 -16.40 -7.80 10.80
N GLY A 4 -16.74 -6.87 9.90
CA GLY A 4 -18.11 -6.76 9.44
C GLY A 4 -18.22 -6.13 8.07
N SER A 5 -18.12 -6.96 7.04
CA SER A 5 -18.20 -6.48 5.67
C SER A 5 -18.73 -7.57 4.73
N SER A 6 -19.35 -7.15 3.64
CA SER A 6 -19.91 -8.09 2.67
C SER A 6 -20.06 -7.43 1.30
N GLY A 7 -19.90 -8.23 0.25
CA GLY A 7 -20.02 -7.72 -1.10
C GLY A 7 -18.86 -6.84 -1.49
N LYS A 8 -17.69 -7.45 -1.68
CA LYS A 8 -16.49 -6.71 -2.06
C LYS A 8 -16.54 -6.33 -3.53
N ILE A 9 -16.09 -5.11 -3.82
CA ILE A 9 -16.07 -4.61 -5.20
C ILE A 9 -15.24 -5.52 -6.10
N SER A 10 -14.08 -5.92 -5.61
CA SER A 10 -13.18 -6.80 -6.37
C SER A 10 -12.20 -7.51 -5.45
N ASN A 11 -11.72 -8.67 -5.89
CA ASN A 11 -10.77 -9.45 -5.10
C ASN A 11 -9.36 -9.30 -5.66
N ILE A 12 -9.00 -8.08 -6.04
CA ILE A 12 -7.67 -7.82 -6.59
C ILE A 12 -6.61 -7.85 -5.49
N PHE A 13 -6.99 -7.44 -4.29
CA PHE A 13 -6.07 -7.42 -3.16
C PHE A 13 -6.27 -8.65 -2.28
N GLU A 14 -6.91 -9.68 -2.83
CA GLU A 14 -7.16 -10.91 -2.10
C GLU A 14 -5.86 -11.50 -1.57
N ASP A 15 -5.88 -11.91 -0.31
CA ASP A 15 -4.70 -12.48 0.33
C ASP A 15 -3.55 -11.49 0.34
N VAL A 16 -3.87 -10.22 0.50
CA VAL A 16 -2.86 -9.16 0.53
C VAL A 16 -3.07 -8.24 1.72
N GLU A 17 -1.99 -7.95 2.43
CA GLU A 17 -2.03 -7.07 3.60
C GLU A 17 -1.76 -5.63 3.21
N PHE A 18 -2.24 -4.69 4.04
CA PHE A 18 -2.04 -3.28 3.78
C PHE A 18 -1.94 -2.49 5.09
N CYS A 19 -0.91 -1.67 5.20
CA CYS A 19 -0.70 -0.86 6.40
C CYS A 19 -0.45 0.59 6.04
N VAL A 20 -1.51 1.40 6.14
CA VAL A 20 -1.41 2.83 5.82
C VAL A 20 -0.92 3.62 7.03
N MET A 21 0.01 4.53 6.79
CA MET A 21 0.56 5.36 7.86
C MET A 21 0.00 6.78 7.78
N SER A 22 -0.21 7.26 6.56
CA SER A 22 -0.74 8.60 6.34
C SER A 22 -1.43 8.71 5.00
N GLY A 23 -2.22 9.76 4.82
CA GLY A 23 -2.94 9.96 3.57
C GLY A 23 -2.67 11.32 2.96
N THR A 24 -3.47 11.70 1.97
CA THR A 24 -3.31 12.97 1.30
C THR A 24 -4.43 13.95 1.68
N ASP A 25 -4.34 15.17 1.17
CA ASP A 25 -5.34 16.18 1.44
C ASP A 25 -6.73 15.72 1.02
N SER A 26 -6.86 15.34 -0.26
CA SER A 26 -8.13 14.88 -0.79
C SER A 26 -8.64 13.67 -0.02
N GLN A 27 -7.79 12.66 0.11
CA GLN A 27 -8.15 11.44 0.84
C GLN A 27 -7.34 11.30 2.12
N PRO A 28 -8.05 11.20 3.25
CA PRO A 28 -7.41 11.07 4.57
C PRO A 28 -6.74 9.71 4.75
N LYS A 29 -5.88 9.61 5.76
CA LYS A 29 -5.18 8.36 6.04
C LYS A 29 -6.14 7.18 6.04
N PRO A 30 -7.14 7.23 6.93
CA PRO A 30 -8.15 6.18 7.06
C PRO A 30 -9.09 6.13 5.85
N ASP A 31 -8.67 6.76 4.76
CA ASP A 31 -9.48 6.78 3.54
C ASP A 31 -9.32 5.48 2.76
N LEU A 32 -8.08 5.11 2.50
CA LEU A 32 -7.78 3.89 1.77
C LEU A 32 -8.06 2.66 2.61
N GLU A 33 -7.73 2.74 3.91
CA GLU A 33 -7.94 1.63 4.82
C GLU A 33 -9.32 1.00 4.59
N ASN A 34 -10.33 1.84 4.46
CA ASN A 34 -11.70 1.36 4.24
C ASN A 34 -11.84 0.74 2.85
N ARG A 35 -11.39 1.48 1.84
CA ARG A 35 -11.48 0.99 0.46
C ARG A 35 -10.79 -0.36 0.32
N ILE A 36 -9.47 -0.38 0.55
CA ILE A 36 -8.70 -1.61 0.44
C ILE A 36 -9.53 -2.82 0.90
N ALA A 37 -9.96 -2.78 2.16
CA ALA A 37 -10.76 -3.87 2.71
C ALA A 37 -11.91 -4.25 1.79
N GLU A 38 -12.57 -3.23 1.24
CA GLU A 38 -13.69 -3.46 0.33
C GLU A 38 -13.24 -4.22 -0.91
N PHE A 39 -11.95 -4.11 -1.22
CA PHE A 39 -11.39 -4.79 -2.39
C PHE A 39 -10.79 -6.13 -2.00
N GLY A 40 -11.25 -6.69 -0.89
CA GLY A 40 -10.75 -7.96 -0.42
C GLY A 40 -9.32 -7.88 0.07
N GLY A 41 -9.03 -6.87 0.88
CA GLY A 41 -7.68 -6.69 1.40
C GLY A 41 -7.66 -6.61 2.91
N TYR A 42 -6.50 -6.90 3.50
CA TYR A 42 -6.34 -6.85 4.95
C TYR A 42 -5.70 -5.54 5.38
N ILE A 43 -6.19 -4.97 6.47
CA ILE A 43 -5.66 -3.72 7.00
C ILE A 43 -5.12 -3.89 8.42
N VAL A 44 -3.85 -3.57 8.60
CA VAL A 44 -3.21 -3.71 9.91
C VAL A 44 -2.76 -2.34 10.44
N GLN A 45 -2.17 -2.33 11.62
CA GLN A 45 -1.69 -1.10 12.24
C GLN A 45 -0.19 -0.93 12.01
N ASN A 46 0.56 -1.99 12.29
CA ASN A 46 2.02 -1.94 12.13
C ASN A 46 2.48 -3.06 11.18
N PRO A 47 3.42 -2.71 10.30
CA PRO A 47 3.98 -3.65 9.32
C PRO A 47 4.84 -4.72 9.98
N GLY A 48 4.63 -5.98 9.58
CA GLY A 48 5.40 -7.07 10.14
C GLY A 48 5.75 -8.12 9.11
N PRO A 49 6.03 -9.35 9.58
CA PRO A 49 6.39 -10.46 8.69
C PRO A 49 5.21 -10.95 7.86
N ASP A 50 4.01 -10.50 8.22
CA ASP A 50 2.80 -10.88 7.50
C ASP A 50 2.12 -9.65 6.89
N THR A 51 2.90 -8.84 6.20
CA THR A 51 2.39 -7.64 5.56
C THR A 51 2.94 -7.48 4.15
N TYR A 52 2.18 -6.78 3.30
CA TYR A 52 2.59 -6.55 1.92
C TYR A 52 3.51 -5.33 1.81
N CYS A 53 2.96 -4.16 2.12
CA CYS A 53 3.72 -2.93 2.06
C CYS A 53 3.06 -1.84 2.89
N VAL A 54 3.73 -0.68 3.00
CA VAL A 54 3.20 0.44 3.76
C VAL A 54 2.83 1.60 2.85
N ILE A 55 1.75 2.29 3.19
CA ILE A 55 1.29 3.43 2.39
C ILE A 55 1.46 4.74 3.16
N ALA A 56 2.40 5.56 2.71
CA ALA A 56 2.67 6.83 3.36
C ALA A 56 2.67 7.98 2.33
N GLY A 57 1.75 8.91 2.51
CA GLY A 57 1.67 10.04 1.59
C GLY A 57 2.81 11.03 1.77
N SER A 58 3.23 11.21 3.02
CA SER A 58 4.32 12.13 3.31
C SER A 58 5.26 11.55 4.36
N GLU A 59 6.44 12.15 4.50
CA GLU A 59 7.43 11.68 5.46
C GLU A 59 7.05 12.09 6.88
N ASN A 60 7.13 11.15 7.81
CA ASN A 60 6.80 11.42 9.21
C ASN A 60 7.45 10.40 10.13
N ILE A 61 7.48 10.71 11.42
CA ILE A 61 8.07 9.81 12.40
C ILE A 61 7.73 8.35 12.10
N ARG A 62 6.45 8.02 12.20
CA ARG A 62 5.99 6.66 11.93
C ARG A 62 6.68 6.09 10.71
N VAL A 63 6.44 6.70 9.55
CA VAL A 63 7.04 6.25 8.31
C VAL A 63 8.51 5.90 8.50
N LYS A 64 9.18 6.65 9.36
CA LYS A 64 10.60 6.42 9.63
C LYS A 64 10.82 5.02 10.20
N ASN A 65 10.20 4.74 11.34
CA ASN A 65 10.32 3.44 11.98
C ASN A 65 10.32 2.32 10.94
N ILE A 66 9.49 2.47 9.92
CA ILE A 66 9.39 1.48 8.86
C ILE A 66 10.61 1.51 7.95
N ILE A 67 11.12 2.71 7.71
CA ILE A 67 12.30 2.89 6.86
C ILE A 67 13.55 2.38 7.55
N LEU A 68 13.72 2.75 8.81
CA LEU A 68 14.89 2.33 9.59
C LEU A 68 15.09 0.82 9.49
N SER A 69 14.06 0.07 9.87
CA SER A 69 14.11 -1.38 9.83
C SER A 69 14.73 -1.87 8.53
N ASN A 70 14.40 -1.20 7.43
CA ASN A 70 14.92 -1.56 6.12
C ASN A 70 14.52 -2.98 5.75
N LYS A 71 13.22 -3.27 5.83
CA LYS A 71 12.70 -4.59 5.50
C LYS A 71 11.55 -4.49 4.51
N HIS A 72 10.74 -3.45 4.66
CA HIS A 72 9.60 -3.25 3.77
C HIS A 72 9.82 -2.02 2.88
N ASP A 73 8.90 -1.80 1.95
CA ASP A 73 9.00 -0.67 1.03
C ASP A 73 7.84 0.30 1.24
N VAL A 74 8.08 1.57 0.97
CA VAL A 74 7.04 2.59 1.13
C VAL A 74 6.39 2.92 -0.21
N VAL A 75 5.07 3.03 -0.21
CA VAL A 75 4.32 3.35 -1.42
C VAL A 75 3.37 4.52 -1.20
N LYS A 76 3.18 5.32 -2.23
CA LYS A 76 2.29 6.47 -2.15
C LYS A 76 0.83 6.03 -2.09
N PRO A 77 0.01 6.80 -1.36
CA PRO A 77 -1.42 6.51 -1.21
C PRO A 77 -2.20 6.75 -2.49
N ALA A 78 -1.53 7.31 -3.48
CA ALA A 78 -2.16 7.58 -4.77
C ALA A 78 -2.25 6.32 -5.63
N TRP A 79 -1.18 5.53 -5.62
CA TRP A 79 -1.15 4.30 -6.39
C TRP A 79 -2.38 3.45 -6.12
N LEU A 80 -2.81 3.43 -4.86
CA LEU A 80 -3.99 2.65 -4.47
C LEU A 80 -5.21 3.08 -5.28
N LEU A 81 -5.38 4.38 -5.44
CA LEU A 81 -6.52 4.91 -6.19
C LEU A 81 -6.61 4.26 -7.57
N GLU A 82 -5.51 4.29 -8.32
CA GLU A 82 -5.48 3.70 -9.64
C GLU A 82 -6.21 2.36 -9.66
N CYS A 83 -6.19 1.67 -8.53
CA CYS A 83 -6.85 0.36 -8.42
C CYS A 83 -8.33 0.54 -8.13
N PHE A 84 -8.66 1.57 -7.36
CA PHE A 84 -10.06 1.84 -7.01
C PHE A 84 -10.82 2.42 -8.21
N LYS A 85 -10.08 2.96 -9.16
CA LYS A 85 -10.68 3.54 -10.35
C LYS A 85 -10.80 2.51 -11.46
N THR A 86 -9.71 1.80 -11.73
CA THR A 86 -9.69 0.77 -12.77
C THR A 86 -10.11 -0.58 -12.21
N LYS A 87 -10.38 -0.62 -10.91
CA LYS A 87 -10.80 -1.85 -10.25
C LYS A 87 -9.92 -3.03 -10.68
N SER A 88 -8.61 -2.78 -10.76
CA SER A 88 -7.67 -3.82 -11.16
C SER A 88 -6.31 -3.61 -10.47
N PHE A 89 -5.62 -4.71 -10.20
CA PHE A 89 -4.32 -4.66 -9.55
C PHE A 89 -3.33 -3.86 -10.39
N VAL A 90 -3.18 -2.59 -10.07
CA VAL A 90 -2.26 -1.71 -10.79
C VAL A 90 -0.81 -2.06 -10.47
N PRO A 91 0.04 -2.08 -11.51
CA PRO A 91 1.46 -2.40 -11.36
C PRO A 91 2.23 -1.29 -10.63
N TRP A 92 3.31 -1.67 -9.97
CA TRP A 92 4.14 -0.71 -9.24
C TRP A 92 4.94 0.16 -10.19
N GLN A 93 4.95 1.47 -9.93
CA GLN A 93 5.69 2.40 -10.77
C GLN A 93 6.75 3.15 -9.95
N PRO A 94 7.77 3.65 -10.64
CA PRO A 94 8.87 4.40 -10.01
C PRO A 94 8.42 5.76 -9.49
N ARG A 95 7.19 6.14 -9.82
CA ARG A 95 6.64 7.42 -9.38
C ARG A 95 5.78 7.24 -8.14
N PHE A 96 5.30 6.02 -7.92
CA PHE A 96 4.46 5.73 -6.76
C PHE A 96 5.32 5.39 -5.54
N MET A 97 6.31 4.53 -5.75
CA MET A 97 7.21 4.12 -4.67
C MET A 97 7.98 5.31 -4.12
N ILE A 98 8.31 5.25 -2.83
CA ILE A 98 9.05 6.32 -2.19
C ILE A 98 10.39 5.83 -1.65
N HIS A 99 10.40 4.60 -1.15
CA HIS A 99 11.62 4.00 -0.61
C HIS A 99 11.69 2.51 -0.95
N MET A 100 12.60 2.16 -1.85
CA MET A 100 12.77 0.77 -2.26
C MET A 100 14.08 0.21 -1.72
N CYS A 101 14.00 -1.00 -1.17
CA CYS A 101 15.18 -1.66 -0.60
C CYS A 101 16.24 -1.88 -1.67
N PRO A 102 17.50 -2.06 -1.24
CA PRO A 102 18.63 -2.28 -2.15
C PRO A 102 18.57 -3.65 -2.82
N SER A 103 17.63 -4.49 -2.37
CA SER A 103 17.47 -5.82 -2.93
C SER A 103 16.42 -5.83 -4.04
N THR A 104 15.51 -4.85 -3.99
CA THR A 104 14.46 -4.75 -4.99
C THR A 104 14.90 -3.89 -6.17
N LYS A 105 15.47 -2.73 -5.87
CA LYS A 105 15.94 -1.81 -6.90
C LYS A 105 16.52 -2.58 -8.08
N GLU A 106 17.19 -3.69 -7.78
CA GLU A 106 17.80 -4.51 -8.83
C GLU A 106 16.73 -5.05 -9.79
N HIS A 107 15.69 -5.65 -9.22
CA HIS A 107 14.60 -6.20 -10.01
C HIS A 107 14.06 -5.18 -11.00
N PHE A 108 13.77 -3.98 -10.50
CA PHE A 108 13.24 -2.91 -11.33
C PHE A 108 14.22 -2.57 -12.46
N ALA A 109 15.51 -2.55 -12.13
CA ALA A 109 16.54 -2.24 -13.10
C ALA A 109 16.57 -3.28 -14.22
N ARG A 110 16.48 -4.55 -13.83
CA ARG A 110 16.50 -5.65 -14.79
C ARG A 110 15.43 -5.46 -15.85
N GLU A 111 14.24 -5.04 -15.43
CA GLU A 111 13.13 -4.82 -16.35
C GLU A 111 13.42 -3.64 -17.27
N TYR A 112 13.84 -2.52 -16.68
CA TYR A 112 14.14 -1.32 -17.46
C TYR A 112 14.93 -1.67 -18.72
N ASP A 113 16.02 -2.39 -18.54
CA ASP A 113 16.86 -2.79 -19.67
C ASP A 113 16.13 -3.79 -20.56
N GLY A 1 -20.36 -7.31 17.21
CA GLY A 1 -19.87 -6.46 16.15
C GLY A 1 -20.86 -6.31 15.02
N SER A 2 -20.96 -7.33 14.17
CA SER A 2 -21.87 -7.31 13.03
C SER A 2 -22.37 -8.71 12.72
N SER A 3 -23.62 -8.80 12.27
CA SER A 3 -24.23 -10.08 11.94
C SER A 3 -23.66 -10.62 10.63
N GLY A 4 -23.55 -9.74 9.63
CA GLY A 4 -23.02 -10.15 8.34
C GLY A 4 -23.59 -9.34 7.20
N SER A 5 -22.74 -9.04 6.21
CA SER A 5 -23.17 -8.25 5.06
C SER A 5 -22.14 -8.36 3.93
N SER A 6 -22.64 -8.57 2.71
CA SER A 6 -21.76 -8.69 1.55
C SER A 6 -21.95 -7.50 0.61
N GLY A 7 -20.87 -7.11 -0.06
CA GLY A 7 -20.93 -5.99 -0.98
C GLY A 7 -19.56 -5.50 -1.38
N LYS A 8 -18.70 -6.41 -1.82
CA LYS A 8 -17.34 -6.05 -2.23
C LYS A 8 -17.29 -5.76 -3.72
N ILE A 9 -16.56 -4.70 -4.08
CA ILE A 9 -16.43 -4.32 -5.49
C ILE A 9 -15.68 -5.38 -6.28
N SER A 10 -14.60 -5.89 -5.71
CA SER A 10 -13.79 -6.91 -6.37
C SER A 10 -12.86 -7.60 -5.38
N ASN A 11 -12.16 -8.62 -5.84
CA ASN A 11 -11.25 -9.38 -5.00
C ASN A 11 -9.82 -9.29 -5.54
N ILE A 12 -9.46 -8.12 -6.05
CA ILE A 12 -8.12 -7.91 -6.60
C ILE A 12 -7.05 -8.05 -5.52
N PHE A 13 -7.36 -7.56 -4.33
CA PHE A 13 -6.43 -7.63 -3.21
C PHE A 13 -6.72 -8.84 -2.33
N GLU A 14 -7.31 -9.87 -2.93
CA GLU A 14 -7.65 -11.09 -2.20
C GLU A 14 -6.42 -11.69 -1.54
N ASP A 15 -6.50 -11.90 -0.23
CA ASP A 15 -5.39 -12.48 0.52
C ASP A 15 -4.16 -11.56 0.47
N VAL A 16 -4.41 -10.27 0.59
CA VAL A 16 -3.33 -9.28 0.55
C VAL A 16 -3.40 -8.34 1.74
N GLU A 17 -2.32 -8.25 2.50
CA GLU A 17 -2.26 -7.38 3.67
C GLU A 17 -1.93 -5.95 3.27
N PHE A 18 -2.38 -4.99 4.08
CA PHE A 18 -2.14 -3.58 3.81
C PHE A 18 -1.91 -2.81 5.10
N CYS A 19 -0.99 -1.85 5.06
CA CYS A 19 -0.68 -1.04 6.23
C CYS A 19 -0.47 0.42 5.83
N VAL A 20 -1.44 1.26 6.14
CA VAL A 20 -1.36 2.68 5.82
C VAL A 20 -0.87 3.49 7.01
N MET A 21 0.17 4.29 6.80
CA MET A 21 0.73 5.11 7.86
C MET A 21 0.12 6.52 7.84
N SER A 22 -0.10 7.04 6.65
CA SER A 22 -0.69 8.37 6.50
C SER A 22 -1.23 8.57 5.09
N GLY A 23 -2.04 9.62 4.92
CA GLY A 23 -2.62 9.90 3.62
C GLY A 23 -2.30 11.30 3.14
N THR A 24 -3.22 11.87 2.35
CA THR A 24 -3.03 13.22 1.83
C THR A 24 -4.19 14.13 2.19
N ASP A 25 -4.05 15.42 1.93
CA ASP A 25 -5.09 16.39 2.23
C ASP A 25 -6.41 15.98 1.56
N SER A 26 -6.34 15.63 0.29
CA SER A 26 -7.53 15.23 -0.46
C SER A 26 -8.12 13.94 0.11
N GLN A 27 -7.26 12.99 0.42
CA GLN A 27 -7.69 11.71 0.98
C GLN A 27 -7.03 11.44 2.32
N PRO A 28 -7.86 11.33 3.38
CA PRO A 28 -7.37 11.08 4.73
C PRO A 28 -6.82 9.68 4.90
N LYS A 29 -5.91 9.52 5.86
CA LYS A 29 -5.30 8.22 6.12
C LYS A 29 -6.33 7.10 6.06
N PRO A 30 -7.39 7.22 6.89
CA PRO A 30 -8.47 6.23 6.94
C PRO A 30 -9.32 6.25 5.68
N ASP A 31 -8.79 6.81 4.61
CA ASP A 31 -9.51 6.88 3.34
C ASP A 31 -9.31 5.61 2.53
N LEU A 32 -8.06 5.27 2.26
CA LEU A 32 -7.73 4.08 1.49
C LEU A 32 -8.05 2.81 2.28
N GLU A 33 -7.75 2.83 3.58
CA GLU A 33 -8.00 1.69 4.45
C GLU A 33 -9.40 1.12 4.18
N ASN A 34 -10.39 1.99 4.13
CA ASN A 34 -11.77 1.56 3.89
C ASN A 34 -11.90 0.91 2.52
N ARG A 35 -11.49 1.64 1.48
CA ARG A 35 -11.56 1.12 0.11
C ARG A 35 -10.90 -0.25 0.02
N ILE A 36 -9.63 -0.32 0.39
CA ILE A 36 -8.88 -1.57 0.35
C ILE A 36 -9.74 -2.73 0.81
N ALA A 37 -10.18 -2.68 2.06
CA ALA A 37 -11.02 -3.74 2.62
C ALA A 37 -12.15 -4.10 1.67
N GLU A 38 -12.80 -3.10 1.10
CA GLU A 38 -13.90 -3.31 0.17
C GLU A 38 -13.44 -4.14 -1.03
N PHE A 39 -12.17 -4.01 -1.38
CA PHE A 39 -11.61 -4.74 -2.51
C PHE A 39 -10.99 -6.05 -2.06
N GLY A 40 -11.46 -6.55 -0.92
CA GLY A 40 -10.95 -7.80 -0.39
C GLY A 40 -9.51 -7.69 0.08
N GLY A 41 -9.24 -6.66 0.88
CA GLY A 41 -7.89 -6.45 1.38
C GLY A 41 -7.85 -6.37 2.90
N TYR A 42 -6.74 -6.81 3.48
CA TYR A 42 -6.57 -6.79 4.93
C TYR A 42 -5.79 -5.56 5.37
N ILE A 43 -6.34 -4.83 6.34
CA ILE A 43 -5.69 -3.64 6.86
C ILE A 43 -5.18 -3.86 8.29
N VAL A 44 -3.87 -3.70 8.47
CA VAL A 44 -3.26 -3.88 9.78
C VAL A 44 -2.82 -2.54 10.37
N GLN A 45 -2.16 -2.60 11.52
CA GLN A 45 -1.68 -1.39 12.18
C GLN A 45 -0.17 -1.25 12.05
N ASN A 46 0.54 -2.35 12.31
CA ASN A 46 2.01 -2.34 12.22
C ASN A 46 2.48 -3.35 11.17
N PRO A 47 3.43 -2.91 10.33
CA PRO A 47 3.99 -3.76 9.27
C PRO A 47 4.86 -4.88 9.83
N GLY A 48 4.63 -6.10 9.33
CA GLY A 48 5.40 -7.24 9.79
C GLY A 48 5.84 -8.13 8.65
N PRO A 49 6.16 -9.40 8.97
CA PRO A 49 6.61 -10.38 7.97
C PRO A 49 5.50 -10.79 7.02
N ASP A 50 4.25 -10.61 7.46
CA ASP A 50 3.10 -10.98 6.64
C ASP A 50 2.42 -9.72 6.10
N THR A 51 3.21 -8.77 5.64
CA THR A 51 2.69 -7.53 5.08
C THR A 51 3.14 -7.33 3.64
N TYR A 52 2.26 -6.77 2.82
CA TYR A 52 2.56 -6.52 1.42
C TYR A 52 3.47 -5.30 1.26
N CYS A 53 2.99 -4.16 1.76
CA CYS A 53 3.75 -2.91 1.67
C CYS A 53 3.15 -1.84 2.58
N VAL A 54 3.93 -0.81 2.87
CA VAL A 54 3.48 0.28 3.73
C VAL A 54 3.05 1.48 2.90
N ILE A 55 1.79 1.87 3.06
CA ILE A 55 1.25 3.01 2.33
C ILE A 55 1.43 4.31 3.13
N ALA A 56 2.37 5.14 2.68
CA ALA A 56 2.64 6.41 3.35
C ALA A 56 2.59 7.56 2.35
N GLY A 57 1.65 8.48 2.57
CA GLY A 57 1.51 9.63 1.69
C GLY A 57 2.62 10.65 1.88
N SER A 58 3.07 10.80 3.12
CA SER A 58 4.13 11.75 3.44
C SER A 58 5.07 11.18 4.50
N GLU A 59 6.35 11.54 4.40
CA GLU A 59 7.35 11.07 5.35
C GLU A 59 7.14 11.69 6.73
N ASN A 60 6.61 10.90 7.66
CA ASN A 60 6.35 11.38 9.01
C ASN A 60 7.09 10.52 10.04
N ILE A 61 7.06 10.96 11.29
CA ILE A 61 7.75 10.24 12.36
C ILE A 61 7.51 8.74 12.24
N ARG A 62 6.26 8.33 12.24
CA ARG A 62 5.90 6.91 12.13
C ARG A 62 6.61 6.28 10.95
N VAL A 63 6.41 6.87 9.77
CA VAL A 63 7.03 6.35 8.55
C VAL A 63 8.52 6.12 8.74
N LYS A 64 9.21 7.13 9.28
CA LYS A 64 10.64 7.03 9.52
C LYS A 64 11.00 5.71 10.18
N ASN A 65 10.49 5.51 11.40
CA ASN A 65 10.75 4.29 12.15
C ASN A 65 10.81 3.07 11.21
N ILE A 66 9.76 2.91 10.41
CA ILE A 66 9.69 1.80 9.47
C ILE A 66 10.82 1.87 8.45
N ILE A 67 11.15 3.10 8.03
CA ILE A 67 12.21 3.31 7.06
C ILE A 67 13.57 2.91 7.62
N LEU A 68 13.89 3.43 8.80
CA LEU A 68 15.15 3.14 9.46
C LEU A 68 15.46 1.64 9.39
N SER A 69 14.57 0.83 9.96
CA SER A 69 14.74 -0.62 9.97
C SER A 69 15.21 -1.12 8.61
N ASN A 70 14.88 -0.36 7.56
CA ASN A 70 15.26 -0.73 6.20
C ASN A 70 14.94 -2.20 5.92
N LYS A 71 13.71 -2.60 6.22
CA LYS A 71 13.27 -3.97 6.00
C LYS A 71 12.19 -4.03 4.92
N HIS A 72 11.25 -3.10 4.98
CA HIS A 72 10.16 -3.05 4.01
C HIS A 72 10.31 -1.84 3.10
N ASP A 73 9.32 -1.63 2.23
CA ASP A 73 9.33 -0.51 1.30
C ASP A 73 8.20 0.47 1.62
N VAL A 74 8.24 1.64 0.97
CA VAL A 74 7.22 2.65 1.18
C VAL A 74 6.50 2.98 -0.12
N VAL A 75 5.23 2.63 -0.20
CA VAL A 75 4.43 2.89 -1.40
C VAL A 75 3.49 4.08 -1.19
N LYS A 76 3.22 4.81 -2.26
CA LYS A 76 2.34 5.97 -2.20
C LYS A 76 0.88 5.54 -2.15
N PRO A 77 0.05 6.30 -1.42
CA PRO A 77 -1.38 6.03 -1.28
C PRO A 77 -2.14 6.27 -2.58
N ALA A 78 -1.50 6.94 -3.52
CA ALA A 78 -2.12 7.24 -4.81
C ALA A 78 -2.21 5.99 -5.67
N TRP A 79 -1.12 5.24 -5.74
CA TRP A 79 -1.09 4.01 -6.53
C TRP A 79 -2.36 3.19 -6.33
N LEU A 80 -2.81 3.10 -5.08
CA LEU A 80 -4.01 2.35 -4.75
C LEU A 80 -5.21 2.87 -5.53
N LEU A 81 -5.40 4.19 -5.49
CA LEU A 81 -6.51 4.82 -6.20
C LEU A 81 -6.66 4.23 -7.61
N GLU A 82 -5.56 4.18 -8.34
CA GLU A 82 -5.57 3.64 -9.70
C GLU A 82 -6.35 2.34 -9.76
N CYS A 83 -6.28 1.56 -8.69
CA CYS A 83 -6.98 0.28 -8.62
C CYS A 83 -8.43 0.48 -8.21
N PHE A 84 -8.68 1.49 -7.37
CA PHE A 84 -10.02 1.78 -6.90
C PHE A 84 -10.86 2.42 -8.00
N LYS A 85 -10.18 3.03 -8.97
CA LYS A 85 -10.86 3.68 -10.08
C LYS A 85 -11.05 2.71 -11.25
N THR A 86 -10.03 1.90 -11.51
CA THR A 86 -10.08 0.93 -12.60
C THR A 86 -10.55 -0.43 -12.10
N LYS A 87 -10.54 -0.59 -10.78
CA LYS A 87 -10.96 -1.86 -10.17
C LYS A 87 -10.09 -3.01 -10.64
N SER A 88 -8.79 -2.75 -10.78
CA SER A 88 -7.85 -3.77 -11.21
C SER A 88 -6.52 -3.63 -10.48
N PHE A 89 -5.80 -4.74 -10.35
CA PHE A 89 -4.51 -4.75 -9.67
C PHE A 89 -3.45 -4.04 -10.51
N VAL A 90 -3.12 -2.81 -10.11
CA VAL A 90 -2.11 -2.02 -10.82
C VAL A 90 -0.71 -2.35 -10.34
N PRO A 91 0.22 -2.50 -11.28
CA PRO A 91 1.63 -2.82 -10.97
C PRO A 91 2.34 -1.64 -10.30
N TRP A 92 3.49 -1.94 -9.69
CA TRP A 92 4.27 -0.91 -9.01
C TRP A 92 4.97 -0.01 -10.02
N GLN A 93 5.09 1.27 -9.68
CA GLN A 93 5.75 2.23 -10.56
C GLN A 93 6.84 2.99 -9.82
N PRO A 94 7.83 3.48 -10.58
CA PRO A 94 8.96 4.24 -10.02
C PRO A 94 8.54 5.60 -9.48
N ARG A 95 7.31 6.01 -9.79
CA ARG A 95 6.79 7.28 -9.35
C ARG A 95 5.96 7.13 -8.08
N PHE A 96 5.43 5.92 -7.87
CA PHE A 96 4.62 5.64 -6.69
C PHE A 96 5.49 5.31 -5.49
N MET A 97 6.51 4.48 -5.71
CA MET A 97 7.42 4.09 -4.65
C MET A 97 8.20 5.29 -4.12
N ILE A 98 8.41 5.33 -2.81
CA ILE A 98 9.13 6.43 -2.18
C ILE A 98 10.47 5.94 -1.61
N HIS A 99 10.47 4.75 -1.05
CA HIS A 99 11.68 4.18 -0.47
C HIS A 99 11.75 2.67 -0.74
N MET A 100 12.80 2.25 -1.42
CA MET A 100 12.99 0.84 -1.75
C MET A 100 14.27 0.31 -1.12
N CYS A 101 14.15 -0.73 -0.32
CA CYS A 101 15.30 -1.33 0.34
C CYS A 101 16.43 -1.59 -0.65
N PRO A 102 17.66 -1.75 -0.14
CA PRO A 102 18.84 -2.01 -0.97
C PRO A 102 18.82 -3.39 -1.60
N SER A 103 17.85 -4.22 -1.18
CA SER A 103 17.72 -5.57 -1.70
C SER A 103 16.74 -5.62 -2.86
N THR A 104 15.75 -4.72 -2.83
CA THR A 104 14.74 -4.66 -3.88
C THR A 104 15.15 -3.70 -4.98
N LYS A 105 15.73 -2.57 -4.59
CA LYS A 105 16.18 -1.56 -5.55
C LYS A 105 16.83 -2.22 -6.77
N GLU A 106 17.72 -3.17 -6.51
CA GLU A 106 18.40 -3.87 -7.60
C GLU A 106 17.42 -4.36 -8.64
N HIS A 107 16.31 -4.95 -8.18
CA HIS A 107 15.29 -5.46 -9.09
C HIS A 107 14.83 -4.37 -10.06
N PHE A 108 14.70 -3.15 -9.55
CA PHE A 108 14.28 -2.02 -10.37
C PHE A 108 15.43 -1.50 -11.23
N ALA A 109 16.52 -1.14 -10.58
CA ALA A 109 17.69 -0.63 -11.27
C ALA A 109 17.92 -1.36 -12.58
N ARG A 110 17.77 -2.68 -12.54
CA ARG A 110 17.97 -3.52 -13.73
C ARG A 110 16.98 -3.14 -14.82
N GLU A 111 15.69 -3.11 -14.46
CA GLU A 111 14.64 -2.76 -15.41
C GLU A 111 15.00 -1.49 -16.19
N TYR A 112 15.41 -0.46 -15.46
CA TYR A 112 15.78 0.81 -16.08
C TYR A 112 16.69 0.57 -17.29
N ASP A 113 17.79 -0.14 -17.07
CA ASP A 113 18.74 -0.43 -18.13
C ASP A 113 18.50 -1.83 -18.70
N GLY A 1 -20.70 -15.57 8.31
CA GLY A 1 -21.92 -14.89 8.68
C GLY A 1 -22.12 -13.59 7.93
N SER A 2 -23.36 -13.34 7.52
CA SER A 2 -23.68 -12.12 6.77
C SER A 2 -23.86 -10.94 7.72
N SER A 3 -23.37 -9.78 7.30
CA SER A 3 -23.47 -8.57 8.11
C SER A 3 -24.59 -7.66 7.60
N GLY A 4 -25.32 -8.15 6.60
CA GLY A 4 -26.41 -7.38 6.04
C GLY A 4 -26.03 -6.70 4.73
N SER A 5 -25.12 -5.75 4.81
CA SER A 5 -24.66 -5.02 3.63
C SER A 5 -23.26 -5.45 3.23
N SER A 6 -23.18 -6.51 2.43
CA SER A 6 -21.89 -7.03 1.97
C SER A 6 -21.85 -7.10 0.45
N GLY A 7 -20.84 -6.45 -0.13
CA GLY A 7 -20.71 -6.45 -1.58
C GLY A 7 -19.35 -5.93 -2.02
N LYS A 8 -18.32 -6.74 -1.83
CA LYS A 8 -16.96 -6.36 -2.23
C LYS A 8 -16.92 -5.92 -3.69
N ILE A 9 -16.12 -4.90 -3.97
CA ILE A 9 -15.99 -4.39 -5.33
C ILE A 9 -15.19 -5.34 -6.20
N SER A 10 -14.15 -5.94 -5.61
CA SER A 10 -13.30 -6.88 -6.34
C SER A 10 -12.39 -7.64 -5.39
N ASN A 11 -11.80 -8.72 -5.87
CA ASN A 11 -10.90 -9.54 -5.07
C ASN A 11 -9.47 -9.44 -5.57
N ILE A 12 -9.07 -8.24 -5.97
CA ILE A 12 -7.73 -8.01 -6.47
C ILE A 12 -6.70 -8.03 -5.34
N PHE A 13 -7.11 -7.56 -4.17
CA PHE A 13 -6.23 -7.53 -3.00
C PHE A 13 -6.49 -8.74 -2.11
N GLU A 14 -7.18 -9.73 -2.65
CA GLU A 14 -7.50 -10.94 -1.90
C GLU A 14 -6.22 -11.62 -1.41
N ASP A 15 -6.20 -11.99 -0.14
CA ASP A 15 -5.04 -12.66 0.45
C ASP A 15 -3.84 -11.72 0.49
N VAL A 16 -4.12 -10.42 0.57
CA VAL A 16 -3.06 -9.42 0.62
C VAL A 16 -3.26 -8.46 1.79
N GLU A 17 -2.18 -8.20 2.53
CA GLU A 17 -2.24 -7.31 3.69
C GLU A 17 -1.75 -5.91 3.31
N PHE A 18 -2.26 -4.90 4.01
CA PHE A 18 -1.87 -3.52 3.75
C PHE A 18 -1.77 -2.73 5.06
N CYS A 19 -0.84 -1.78 5.09
CA CYS A 19 -0.64 -0.96 6.28
C CYS A 19 -0.46 0.51 5.90
N VAL A 20 -1.44 1.33 6.26
CA VAL A 20 -1.40 2.76 5.96
C VAL A 20 -0.85 3.55 7.13
N MET A 21 0.19 4.35 6.88
CA MET A 21 0.80 5.16 7.91
C MET A 21 0.30 6.60 7.85
N SER A 22 0.02 7.07 6.64
CA SER A 22 -0.47 8.43 6.45
C SER A 22 -1.05 8.60 5.04
N GLY A 23 -1.98 9.55 4.90
CA GLY A 23 -2.60 9.80 3.62
C GLY A 23 -2.33 11.20 3.11
N THR A 24 -3.28 11.75 2.36
CA THR A 24 -3.15 13.09 1.81
C THR A 24 -4.33 13.97 2.20
N ASP A 25 -4.34 15.20 1.70
CA ASP A 25 -5.40 16.15 2.00
C ASP A 25 -6.74 15.62 1.47
N SER A 26 -6.84 15.50 0.16
CA SER A 26 -8.07 15.03 -0.47
C SER A 26 -8.56 13.74 0.20
N GLN A 27 -7.63 12.82 0.44
CA GLN A 27 -7.97 11.54 1.07
C GLN A 27 -7.13 11.33 2.32
N PRO A 28 -7.82 11.19 3.47
CA PRO A 28 -7.16 10.97 4.76
C PRO A 28 -6.51 9.59 4.85
N LYS A 29 -5.68 9.41 5.87
CA LYS A 29 -4.98 8.14 6.08
C LYS A 29 -5.97 6.97 6.04
N PRO A 30 -6.97 7.00 6.94
CA PRO A 30 -7.98 5.96 7.03
C PRO A 30 -8.94 5.98 5.83
N ASP A 31 -8.56 6.71 4.80
CA ASP A 31 -9.38 6.81 3.59
C ASP A 31 -9.29 5.54 2.76
N LEU A 32 -8.06 5.11 2.49
CA LEU A 32 -7.82 3.90 1.70
C LEU A 32 -8.10 2.65 2.53
N GLU A 33 -7.79 2.72 3.82
CA GLU A 33 -8.01 1.59 4.72
C GLU A 33 -9.41 1.01 4.53
N ASN A 34 -10.40 1.89 4.44
CA ASN A 34 -11.79 1.47 4.27
C ASN A 34 -12.01 0.86 2.89
N ARG A 35 -11.46 1.52 1.88
CA ARG A 35 -11.59 1.05 0.50
C ARG A 35 -10.93 -0.31 0.32
N ILE A 36 -9.61 -0.36 0.53
CA ILE A 36 -8.86 -1.59 0.40
C ILE A 36 -9.66 -2.78 0.90
N ALA A 37 -10.07 -2.72 2.17
CA ALA A 37 -10.85 -3.79 2.78
C ALA A 37 -11.99 -4.22 1.86
N GLU A 38 -12.74 -3.25 1.37
CA GLU A 38 -13.87 -3.53 0.48
C GLU A 38 -13.41 -4.27 -0.77
N PHE A 39 -12.14 -4.08 -1.13
CA PHE A 39 -11.57 -4.72 -2.30
C PHE A 39 -10.95 -6.07 -1.94
N GLY A 40 -11.29 -6.57 -0.76
CA GLY A 40 -10.77 -7.85 -0.31
C GLY A 40 -9.34 -7.75 0.18
N GLY A 41 -9.06 -6.72 0.98
CA GLY A 41 -7.72 -6.53 1.50
C GLY A 41 -7.69 -6.46 3.01
N TYR A 42 -6.54 -6.80 3.60
CA TYR A 42 -6.39 -6.77 5.04
C TYR A 42 -5.72 -5.48 5.50
N ILE A 43 -6.19 -4.93 6.61
CA ILE A 43 -5.63 -3.70 7.15
C ILE A 43 -5.24 -3.86 8.62
N VAL A 44 -4.05 -3.38 8.97
CA VAL A 44 -3.58 -3.48 10.34
C VAL A 44 -3.01 -2.14 10.82
N GLN A 45 -2.46 -2.14 12.04
CA GLN A 45 -1.89 -0.93 12.61
C GLN A 45 -0.37 -0.93 12.50
N ASN A 46 0.24 -2.03 12.94
CA ASN A 46 1.69 -2.15 12.90
C ASN A 46 2.12 -3.09 11.76
N PRO A 47 3.04 -2.60 10.91
CA PRO A 47 3.55 -3.36 9.78
C PRO A 47 4.42 -4.54 10.21
N GLY A 48 4.10 -5.72 9.72
CA GLY A 48 4.86 -6.90 10.06
C GLY A 48 5.34 -7.67 8.84
N PRO A 49 5.49 -9.00 9.00
CA PRO A 49 5.93 -9.87 7.91
C PRO A 49 4.88 -10.02 6.81
N ASP A 50 3.65 -10.33 7.21
CA ASP A 50 2.56 -10.50 6.26
C ASP A 50 2.42 -9.26 5.38
N THR A 51 2.36 -8.10 6.00
CA THR A 51 2.23 -6.85 5.27
C THR A 51 2.96 -6.90 3.93
N TYR A 52 2.26 -6.54 2.86
CA TYR A 52 2.85 -6.55 1.52
C TYR A 52 3.66 -5.29 1.28
N CYS A 53 3.11 -4.15 1.69
CA CYS A 53 3.79 -2.87 1.51
C CYS A 53 3.15 -1.79 2.39
N VAL A 54 3.91 -0.74 2.68
CA VAL A 54 3.42 0.35 3.51
C VAL A 54 2.95 1.52 2.66
N ILE A 55 1.86 2.15 3.08
CA ILE A 55 1.30 3.28 2.35
C ILE A 55 1.41 4.56 3.17
N ALA A 56 2.31 5.44 2.76
CA ALA A 56 2.51 6.71 3.46
C ALA A 56 2.71 7.85 2.46
N GLY A 57 1.79 8.80 2.47
CA GLY A 57 1.88 9.94 1.57
C GLY A 57 2.97 10.91 1.98
N SER A 58 3.21 11.03 3.28
CA SER A 58 4.23 11.94 3.79
C SER A 58 5.17 11.22 4.75
N GLU A 59 6.46 11.50 4.63
CA GLU A 59 7.46 10.87 5.49
C GLU A 59 7.39 11.43 6.90
N ASN A 60 6.62 10.76 7.76
CA ASN A 60 6.46 11.20 9.14
C ASN A 60 7.25 10.30 10.09
N ILE A 61 7.27 10.67 11.36
CA ILE A 61 7.99 9.89 12.37
C ILE A 61 7.75 8.40 12.19
N ARG A 62 6.49 7.98 12.41
CA ARG A 62 6.12 6.58 12.27
C ARG A 62 6.73 5.98 11.01
N VAL A 63 6.35 6.52 9.85
CA VAL A 63 6.85 6.03 8.58
C VAL A 63 8.37 5.86 8.62
N LYS A 64 9.05 6.81 9.23
CA LYS A 64 10.51 6.77 9.35
C LYS A 64 10.96 5.44 9.95
N ASN A 65 10.51 5.17 11.18
CA ASN A 65 10.88 3.94 11.87
C ASN A 65 10.90 2.76 10.91
N ILE A 66 9.81 2.60 10.15
CA ILE A 66 9.70 1.51 9.19
C ILE A 66 10.83 1.57 8.16
N ILE A 67 11.03 2.77 7.59
CA ILE A 67 12.07 2.96 6.60
C ILE A 67 13.41 2.41 7.08
N LEU A 68 13.84 2.86 8.25
CA LEU A 68 15.10 2.40 8.83
C LEU A 68 15.25 0.89 8.69
N SER A 69 14.30 0.16 9.27
CA SER A 69 14.33 -1.30 9.22
C SER A 69 14.60 -1.79 7.79
N ASN A 70 14.20 -0.98 6.82
CA ASN A 70 14.40 -1.32 5.41
C ASN A 70 13.85 -2.72 5.11
N LYS A 71 12.60 -2.94 5.49
CA LYS A 71 11.95 -4.23 5.26
C LYS A 71 10.60 -4.05 4.57
N HIS A 72 9.86 -3.04 5.00
CA HIS A 72 8.54 -2.75 4.43
C HIS A 72 8.60 -1.52 3.54
N ASP A 73 8.92 -1.73 2.27
CA ASP A 73 9.01 -0.63 1.30
C ASP A 73 7.88 0.37 1.52
N VAL A 74 8.09 1.61 1.08
CA VAL A 74 7.09 2.66 1.24
C VAL A 74 6.47 3.01 -0.11
N VAL A 75 5.15 3.11 -0.14
CA VAL A 75 4.43 3.45 -1.37
C VAL A 75 3.44 4.58 -1.13
N LYS A 76 3.22 5.40 -2.16
CA LYS A 76 2.30 6.52 -2.05
C LYS A 76 0.85 6.03 -2.01
N PRO A 77 0.00 6.77 -1.28
CA PRO A 77 -1.42 6.43 -1.14
C PRO A 77 -2.20 6.63 -2.44
N ALA A 78 -1.52 7.18 -3.45
CA ALA A 78 -2.14 7.41 -4.74
C ALA A 78 -2.20 6.13 -5.57
N TRP A 79 -1.07 5.45 -5.68
CA TRP A 79 -0.99 4.20 -6.45
C TRP A 79 -2.19 3.31 -6.14
N LEU A 80 -2.66 3.35 -4.90
CA LEU A 80 -3.81 2.55 -4.50
C LEU A 80 -5.07 2.96 -5.25
N LEU A 81 -5.25 4.27 -5.41
CA LEU A 81 -6.41 4.80 -6.11
C LEU A 81 -6.47 4.27 -7.54
N GLU A 82 -5.31 4.16 -8.17
CA GLU A 82 -5.24 3.67 -9.55
C GLU A 82 -5.95 2.32 -9.68
N CYS A 83 -6.04 1.60 -8.57
CA CYS A 83 -6.69 0.29 -8.57
C CYS A 83 -8.19 0.44 -8.31
N PHE A 84 -8.56 1.45 -7.53
CA PHE A 84 -9.96 1.70 -7.21
C PHE A 84 -10.70 2.29 -8.40
N LYS A 85 -9.94 2.87 -9.32
CA LYS A 85 -10.52 3.47 -10.52
C LYS A 85 -10.52 2.48 -11.68
N THR A 86 -9.52 1.60 -11.70
CA THR A 86 -9.40 0.61 -12.75
C THR A 86 -9.84 -0.77 -12.27
N LYS A 87 -10.06 -0.89 -10.96
CA LYS A 87 -10.49 -2.15 -10.36
C LYS A 87 -9.56 -3.29 -10.80
N SER A 88 -8.27 -3.03 -10.81
CA SER A 88 -7.28 -4.03 -11.20
C SER A 88 -5.99 -3.86 -10.42
N PHE A 89 -5.16 -4.90 -10.43
CA PHE A 89 -3.89 -4.87 -9.71
C PHE A 89 -2.85 -4.08 -10.50
N VAL A 90 -2.78 -2.77 -10.22
CA VAL A 90 -1.82 -1.90 -10.89
C VAL A 90 -0.40 -2.23 -10.51
N PRO A 91 0.48 -2.35 -11.51
CA PRO A 91 1.90 -2.67 -11.29
C PRO A 91 2.65 -1.53 -10.63
N TRP A 92 3.58 -1.87 -9.74
CA TRP A 92 4.38 -0.87 -9.05
C TRP A 92 5.19 -0.03 -10.03
N GLN A 93 5.22 1.28 -9.80
CA GLN A 93 5.95 2.20 -10.66
C GLN A 93 6.98 2.99 -9.87
N PRO A 94 8.03 3.45 -10.57
CA PRO A 94 9.12 4.23 -9.96
C PRO A 94 8.65 5.62 -9.52
N ARG A 95 7.43 5.98 -9.88
CA ARG A 95 6.88 7.27 -9.52
C ARG A 95 5.96 7.16 -8.31
N PHE A 96 5.47 5.95 -8.06
CA PHE A 96 4.58 5.71 -6.92
C PHE A 96 5.38 5.42 -5.66
N MET A 97 6.39 4.56 -5.78
CA MET A 97 7.23 4.21 -4.65
C MET A 97 7.96 5.43 -4.11
N ILE A 98 8.17 5.46 -2.80
CA ILE A 98 8.85 6.58 -2.16
C ILE A 98 10.25 6.17 -1.69
N HIS A 99 10.36 4.96 -1.16
CA HIS A 99 11.64 4.44 -0.68
C HIS A 99 11.86 3.01 -1.15
N MET A 100 12.24 2.84 -2.41
CA MET A 100 12.47 1.52 -2.97
C MET A 100 13.85 1.00 -2.58
N CYS A 101 13.88 -0.03 -1.76
CA CYS A 101 15.13 -0.63 -1.31
C CYS A 101 16.12 -0.74 -2.46
N PRO A 102 17.41 -0.89 -2.12
CA PRO A 102 18.48 -1.03 -3.11
C PRO A 102 18.42 -2.35 -3.86
N SER A 103 17.60 -3.27 -3.36
CA SER A 103 17.45 -4.58 -3.97
C SER A 103 16.31 -4.58 -4.99
N THR A 104 15.48 -3.55 -4.94
CA THR A 104 14.36 -3.43 -5.85
C THR A 104 14.72 -2.60 -7.07
N LYS A 105 15.39 -1.48 -6.83
CA LYS A 105 15.80 -0.59 -7.92
C LYS A 105 16.50 -1.37 -9.03
N GLU A 106 17.24 -2.41 -8.64
CA GLU A 106 17.95 -3.23 -9.61
C GLU A 106 16.98 -3.82 -10.64
N HIS A 107 15.94 -4.50 -10.16
CA HIS A 107 14.95 -5.10 -11.03
C HIS A 107 14.40 -4.08 -12.02
N PHE A 108 14.04 -2.91 -11.52
CA PHE A 108 13.50 -1.85 -12.36
C PHE A 108 14.54 -1.37 -13.37
N ALA A 109 15.80 -1.32 -12.94
CA ALA A 109 16.88 -0.89 -13.82
C ALA A 109 17.03 -1.83 -15.01
N ARG A 110 16.89 -3.12 -14.76
CA ARG A 110 17.01 -4.12 -15.81
C ARG A 110 15.99 -3.88 -16.91
N GLU A 111 14.77 -3.51 -16.51
CA GLU A 111 13.70 -3.25 -17.47
C GLU A 111 14.07 -2.11 -18.40
N TYR A 112 14.32 -0.93 -17.83
CA TYR A 112 14.68 0.24 -18.61
C TYR A 112 15.63 -0.13 -19.75
N ASP A 113 16.72 -0.80 -19.41
CA ASP A 113 17.70 -1.22 -20.41
C ASP A 113 17.01 -1.94 -21.57
N GLY A 1 -20.35 -10.14 7.91
CA GLY A 1 -21.03 -11.30 8.45
C GLY A 1 -20.99 -12.50 7.53
N SER A 2 -21.01 -13.69 8.10
CA SER A 2 -20.95 -14.92 7.32
C SER A 2 -22.10 -14.98 6.32
N SER A 3 -23.31 -14.72 6.80
CA SER A 3 -24.50 -14.75 5.95
C SER A 3 -24.66 -13.43 5.21
N GLY A 4 -25.50 -13.43 4.18
CA GLY A 4 -25.73 -12.22 3.41
C GLY A 4 -24.63 -11.95 2.40
N SER A 5 -24.00 -10.79 2.53
CA SER A 5 -22.92 -10.40 1.63
C SER A 5 -22.17 -9.19 2.16
N SER A 6 -20.94 -9.01 1.68
CA SER A 6 -20.11 -7.89 2.12
C SER A 6 -20.04 -6.81 1.05
N GLY A 7 -20.87 -6.96 0.01
CA GLY A 7 -20.88 -5.99 -1.08
C GLY A 7 -19.49 -5.57 -1.50
N LYS A 8 -18.67 -6.55 -1.89
CA LYS A 8 -17.31 -6.27 -2.32
C LYS A 8 -17.28 -5.89 -3.80
N ILE A 9 -16.41 -4.95 -4.14
CA ILE A 9 -16.26 -4.50 -5.51
C ILE A 9 -15.37 -5.43 -6.31
N SER A 10 -14.39 -6.02 -5.64
CA SER A 10 -13.45 -6.93 -6.29
C SER A 10 -12.62 -7.68 -5.25
N ASN A 11 -11.78 -8.60 -5.73
CA ASN A 11 -10.93 -9.39 -4.83
C ASN A 11 -9.48 -9.33 -5.30
N ILE A 12 -9.13 -8.28 -6.02
CA ILE A 12 -7.77 -8.11 -6.52
C ILE A 12 -6.76 -8.18 -5.38
N PHE A 13 -7.17 -7.72 -4.20
CA PHE A 13 -6.30 -7.73 -3.03
C PHE A 13 -6.57 -8.95 -2.17
N GLU A 14 -7.13 -9.99 -2.77
CA GLU A 14 -7.44 -11.22 -2.05
C GLU A 14 -6.21 -11.77 -1.34
N ASP A 15 -6.33 -11.99 -0.04
CA ASP A 15 -5.22 -12.53 0.75
C ASP A 15 -4.03 -11.56 0.72
N VAL A 16 -4.32 -10.27 0.77
CA VAL A 16 -3.28 -9.25 0.76
C VAL A 16 -3.42 -8.29 1.92
N GLU A 17 -2.36 -8.15 2.71
CA GLU A 17 -2.37 -7.27 3.86
C GLU A 17 -1.96 -5.85 3.47
N PHE A 18 -2.42 -4.86 4.23
CA PHE A 18 -2.10 -3.46 3.96
C PHE A 18 -1.92 -2.69 5.25
N CYS A 19 -0.97 -1.76 5.25
CA CYS A 19 -0.69 -0.95 6.43
C CYS A 19 -0.54 0.52 6.05
N VAL A 20 -1.55 1.32 6.37
CA VAL A 20 -1.53 2.74 6.06
C VAL A 20 -1.03 3.55 7.26
N MET A 21 -0.08 4.45 7.00
CA MET A 21 0.47 5.30 8.06
C MET A 21 -0.14 6.70 8.01
N SER A 22 -0.35 7.21 6.81
CA SER A 22 -0.92 8.54 6.63
C SER A 22 -1.51 8.70 5.23
N GLY A 23 -2.44 9.65 5.09
CA GLY A 23 -3.05 9.89 3.80
C GLY A 23 -2.77 11.28 3.27
N THR A 24 -3.71 11.82 2.49
CA THR A 24 -3.56 13.14 1.92
C THR A 24 -4.82 13.98 2.12
N ASP A 25 -4.78 15.21 1.64
CA ASP A 25 -5.93 16.12 1.76
C ASP A 25 -7.17 15.51 1.11
N SER A 26 -7.06 15.21 -0.18
CA SER A 26 -8.17 14.64 -0.93
C SER A 26 -8.71 13.40 -0.23
N GLN A 27 -7.81 12.48 0.11
CA GLN A 27 -8.21 11.24 0.79
C GLN A 27 -7.58 11.17 2.17
N PRO A 28 -8.42 11.06 3.20
CA PRO A 28 -7.98 10.97 4.60
C PRO A 28 -7.29 9.65 4.90
N LYS A 29 -6.55 9.60 6.01
CA LYS A 29 -5.85 8.39 6.41
C LYS A 29 -6.75 7.17 6.30
N PRO A 30 -7.88 7.20 7.03
CA PRO A 30 -8.85 6.10 7.03
C PRO A 30 -9.60 5.99 5.71
N ASP A 31 -9.04 6.60 4.67
CA ASP A 31 -9.66 6.57 3.35
C ASP A 31 -9.26 5.31 2.59
N LEU A 32 -7.96 5.02 2.58
CA LEU A 32 -7.45 3.84 1.89
C LEU A 32 -7.77 2.57 2.67
N GLU A 33 -7.90 2.70 3.99
CA GLU A 33 -8.21 1.57 4.85
C GLU A 33 -9.60 1.02 4.54
N ASN A 34 -10.58 1.92 4.44
CA ASN A 34 -11.95 1.53 4.15
C ASN A 34 -12.07 0.93 2.75
N ARG A 35 -11.63 1.70 1.76
CA ARG A 35 -11.69 1.26 0.37
C ARG A 35 -11.03 -0.12 0.21
N ILE A 36 -9.72 -0.16 0.41
CA ILE A 36 -8.97 -1.41 0.28
C ILE A 36 -9.79 -2.59 0.77
N ALA A 37 -10.17 -2.55 2.05
CA ALA A 37 -10.98 -3.62 2.65
C ALA A 37 -12.08 -4.06 1.70
N GLU A 38 -12.75 -3.09 1.08
CA GLU A 38 -13.84 -3.39 0.15
C GLU A 38 -13.34 -4.19 -1.04
N PHE A 39 -12.09 -3.93 -1.44
CA PHE A 39 -11.48 -4.64 -2.57
C PHE A 39 -10.93 -5.99 -2.14
N GLY A 40 -11.36 -6.45 -0.97
CA GLY A 40 -10.90 -7.73 -0.46
C GLY A 40 -9.47 -7.66 0.06
N GLY A 41 -9.21 -6.69 0.94
CA GLY A 41 -7.88 -6.54 1.49
C GLY A 41 -7.90 -6.37 3.01
N TYR A 42 -6.78 -6.67 3.65
CA TYR A 42 -6.67 -6.56 5.09
C TYR A 42 -5.93 -5.29 5.49
N ILE A 43 -6.43 -4.62 6.52
CA ILE A 43 -5.81 -3.39 7.00
C ILE A 43 -5.35 -3.53 8.43
N VAL A 44 -4.07 -3.24 8.68
CA VAL A 44 -3.49 -3.33 10.01
C VAL A 44 -3.00 -1.97 10.49
N GLN A 45 -2.40 -1.95 11.68
CA GLN A 45 -1.89 -0.72 12.26
C GLN A 45 -0.38 -0.63 12.08
N ASN A 46 0.31 -1.75 12.30
CA ASN A 46 1.76 -1.79 12.17
C ASN A 46 2.19 -2.94 11.27
N PRO A 47 3.20 -2.69 10.43
CA PRO A 47 3.73 -3.69 9.49
C PRO A 47 4.48 -4.81 10.21
N GLY A 48 4.31 -6.03 9.73
CA GLY A 48 4.97 -7.17 10.33
C GLY A 48 5.49 -8.17 9.30
N PRO A 49 5.69 -9.42 9.74
CA PRO A 49 6.18 -10.49 8.87
C PRO A 49 5.13 -10.92 7.84
N ASP A 50 3.87 -10.68 8.15
CA ASP A 50 2.77 -11.03 7.25
C ASP A 50 2.15 -9.79 6.64
N THR A 51 2.99 -8.88 6.15
CA THR A 51 2.52 -7.64 5.54
C THR A 51 3.07 -7.48 4.13
N TYR A 52 2.35 -6.75 3.29
CA TYR A 52 2.76 -6.52 1.92
C TYR A 52 3.69 -5.31 1.82
N CYS A 53 3.16 -4.14 2.14
CA CYS A 53 3.94 -2.91 2.09
C CYS A 53 3.23 -1.77 2.82
N VAL A 54 3.97 -0.73 3.16
CA VAL A 54 3.41 0.41 3.86
C VAL A 54 2.98 1.51 2.89
N ILE A 55 1.90 2.20 3.23
CA ILE A 55 1.38 3.27 2.38
C ILE A 55 1.36 4.60 3.13
N ALA A 56 2.33 5.46 2.83
CA ALA A 56 2.42 6.77 3.46
C ALA A 56 2.56 7.88 2.43
N GLY A 57 1.73 8.91 2.55
CA GLY A 57 1.78 10.02 1.62
C GLY A 57 2.87 11.01 1.97
N SER A 58 3.25 11.06 3.25
CA SER A 58 4.27 11.98 3.71
C SER A 58 5.34 11.25 4.51
N GLU A 59 6.50 11.89 4.67
CA GLU A 59 7.60 11.29 5.41
C GLU A 59 7.59 11.76 6.87
N ASN A 60 6.93 10.98 7.72
CA ASN A 60 6.85 11.31 9.15
C ASN A 60 7.65 10.32 9.98
N ILE A 61 7.66 10.53 11.29
CA ILE A 61 8.38 9.67 12.21
C ILE A 61 8.01 8.20 11.98
N ARG A 62 6.76 7.86 12.25
CA ARG A 62 6.28 6.49 12.08
C ARG A 62 6.89 5.86 10.83
N VAL A 63 6.58 6.43 9.67
CA VAL A 63 7.09 5.92 8.41
C VAL A 63 8.58 5.63 8.49
N LYS A 64 9.33 6.58 9.04
CA LYS A 64 10.77 6.44 9.18
C LYS A 64 11.13 5.09 9.79
N ASN A 65 10.68 4.86 11.03
CA ASN A 65 10.94 3.61 11.72
C ASN A 65 10.87 2.43 10.76
N ILE A 66 9.85 2.43 9.91
CA ILE A 66 9.67 1.35 8.94
C ILE A 66 10.77 1.38 7.88
N ILE A 67 11.15 2.59 7.47
CA ILE A 67 12.20 2.75 6.46
C ILE A 67 13.54 2.27 6.99
N LEU A 68 13.84 2.60 8.24
CA LEU A 68 15.10 2.21 8.87
C LEU A 68 15.31 0.71 8.74
N SER A 69 14.31 -0.07 9.15
CA SER A 69 14.39 -1.52 9.09
C SER A 69 15.03 -1.98 7.78
N ASN A 70 14.71 -1.27 6.70
CA ASN A 70 15.25 -1.60 5.38
C ASN A 70 14.77 -2.98 4.93
N LYS A 71 13.48 -3.25 5.16
CA LYS A 71 12.91 -4.53 4.77
C LYS A 71 11.68 -4.32 3.89
N HIS A 72 10.85 -3.36 4.25
CA HIS A 72 9.64 -3.05 3.49
C HIS A 72 9.88 -1.89 2.53
N ASP A 73 8.82 -1.46 1.85
CA ASP A 73 8.92 -0.35 0.90
C ASP A 73 7.81 0.67 1.16
N VAL A 74 8.15 1.95 0.99
CA VAL A 74 7.19 3.02 1.20
C VAL A 74 6.52 3.41 -0.11
N VAL A 75 5.20 3.20 -0.19
CA VAL A 75 4.44 3.53 -1.39
C VAL A 75 3.44 4.65 -1.10
N LYS A 76 3.31 5.56 -2.06
CA LYS A 76 2.39 6.69 -1.92
C LYS A 76 0.94 6.22 -1.96
N PRO A 77 0.07 6.92 -1.24
CA PRO A 77 -1.36 6.60 -1.18
C PRO A 77 -2.07 6.88 -2.49
N ALA A 78 -1.32 7.31 -3.50
CA ALA A 78 -1.88 7.61 -4.80
C ALA A 78 -2.04 6.34 -5.64
N TRP A 79 -1.02 5.49 -5.62
CA TRP A 79 -1.05 4.24 -6.37
C TRP A 79 -2.31 3.44 -6.05
N LEU A 80 -2.70 3.43 -4.78
CA LEU A 80 -3.87 2.71 -4.34
C LEU A 80 -5.10 3.13 -5.14
N LEU A 81 -5.19 4.42 -5.44
CA LEU A 81 -6.30 4.96 -6.21
C LEU A 81 -6.41 4.29 -7.57
N GLU A 82 -5.26 4.13 -8.23
CA GLU A 82 -5.23 3.50 -9.55
C GLU A 82 -5.99 2.17 -9.54
N CYS A 83 -5.97 1.49 -8.40
CA CYS A 83 -6.67 0.22 -8.26
C CYS A 83 -8.16 0.43 -8.02
N PHE A 84 -8.51 1.61 -7.52
CA PHE A 84 -9.90 1.94 -7.24
C PHE A 84 -10.59 2.48 -8.48
N LYS A 85 -9.80 3.03 -9.40
CA LYS A 85 -10.33 3.59 -10.64
C LYS A 85 -10.35 2.53 -11.74
N THR A 86 -9.28 1.75 -11.83
CA THR A 86 -9.18 0.71 -12.84
C THR A 86 -9.74 -0.61 -12.34
N LYS A 87 -9.82 -0.74 -11.02
CA LYS A 87 -10.35 -1.96 -10.41
C LYS A 87 -9.50 -3.17 -10.76
N SER A 88 -8.18 -2.96 -10.85
CA SER A 88 -7.26 -4.02 -11.19
C SER A 88 -6.02 -3.99 -10.29
N PHE A 89 -5.07 -4.87 -10.57
CA PHE A 89 -3.84 -4.94 -9.79
C PHE A 89 -2.71 -4.19 -10.48
N VAL A 90 -2.75 -2.86 -10.41
CA VAL A 90 -1.72 -2.03 -11.02
C VAL A 90 -0.36 -2.29 -10.41
N PRO A 91 0.65 -2.50 -11.28
CA PRO A 91 2.03 -2.76 -10.84
C PRO A 91 2.68 -1.53 -10.23
N TRP A 92 3.75 -1.75 -9.47
CA TRP A 92 4.48 -0.66 -8.82
C TRP A 92 5.16 0.22 -9.84
N GLN A 93 5.14 1.53 -9.59
CA GLN A 93 5.77 2.48 -10.50
C GLN A 93 6.84 3.30 -9.78
N PRO A 94 7.77 3.88 -10.56
CA PRO A 94 8.86 4.69 -10.01
C PRO A 94 8.37 6.02 -9.46
N ARG A 95 7.10 6.32 -9.69
CA ARG A 95 6.51 7.56 -9.22
C ARG A 95 5.72 7.34 -7.94
N PHE A 96 5.34 6.09 -7.69
CA PHE A 96 4.58 5.73 -6.50
C PHE A 96 5.51 5.26 -5.38
N MET A 97 6.60 4.60 -5.76
CA MET A 97 7.57 4.10 -4.79
C MET A 97 8.37 5.25 -4.18
N ILE A 98 8.06 5.59 -2.94
CA ILE A 98 8.75 6.66 -2.23
C ILE A 98 10.19 6.28 -1.94
N HIS A 99 10.40 5.04 -1.51
CA HIS A 99 11.74 4.55 -1.20
C HIS A 99 11.82 3.04 -1.39
N MET A 100 12.91 2.58 -2.01
CA MET A 100 13.11 1.16 -2.25
C MET A 100 14.53 0.75 -1.90
N CYS A 101 14.68 -0.47 -1.35
CA CYS A 101 15.98 -0.97 -0.97
C CYS A 101 16.96 -0.90 -2.14
N PRO A 102 18.27 -0.97 -1.84
CA PRO A 102 19.32 -0.92 -2.86
C PRO A 102 19.36 -2.17 -3.72
N SER A 103 18.58 -3.18 -3.34
CA SER A 103 18.53 -4.43 -4.08
C SER A 103 17.41 -4.40 -5.11
N THR A 104 16.39 -3.60 -4.84
CA THR A 104 15.25 -3.48 -5.75
C THR A 104 15.40 -2.26 -6.66
N LYS A 105 16.12 -1.26 -6.18
CA LYS A 105 16.33 -0.03 -6.94
C LYS A 105 17.11 -0.33 -8.22
N GLU A 106 18.27 -0.98 -8.07
CA GLU A 106 19.11 -1.32 -9.21
C GLU A 106 18.26 -1.75 -10.41
N HIS A 107 17.33 -2.68 -10.15
CA HIS A 107 16.45 -3.18 -11.21
C HIS A 107 15.79 -2.02 -11.96
N PHE A 108 15.32 -1.02 -11.21
CA PHE A 108 14.67 0.13 -11.79
C PHE A 108 15.67 0.97 -12.60
N ALA A 109 16.86 1.15 -12.05
CA ALA A 109 17.89 1.93 -12.71
C ALA A 109 17.97 1.61 -14.20
N ARG A 110 17.60 0.38 -14.55
CA ARG A 110 17.62 -0.06 -15.93
C ARG A 110 16.45 0.53 -16.71
N GLU A 111 15.30 0.60 -16.06
CA GLU A 111 14.09 1.15 -16.68
C GLU A 111 14.28 2.63 -17.02
N TYR A 112 14.78 3.39 -16.06
CA TYR A 112 15.00 4.81 -16.26
C TYR A 112 15.48 5.10 -17.67
N ASP A 113 16.40 4.27 -18.16
CA ASP A 113 16.94 4.43 -19.50
C ASP A 113 16.32 3.42 -20.47
N GLY A 1 -26.35 -2.70 14.43
CA GLY A 1 -26.03 -2.36 13.05
C GLY A 1 -25.75 -3.58 12.19
N SER A 2 -26.80 -4.15 11.62
CA SER A 2 -26.66 -5.34 10.79
C SER A 2 -26.17 -4.96 9.39
N SER A 3 -25.37 -5.84 8.79
CA SER A 3 -24.82 -5.60 7.46
C SER A 3 -25.64 -6.32 6.40
N GLY A 4 -25.61 -5.79 5.18
CA GLY A 4 -26.36 -6.39 4.09
C GLY A 4 -25.46 -6.92 2.98
N SER A 5 -25.79 -6.59 1.75
CA SER A 5 -25.00 -7.03 0.60
C SER A 5 -23.63 -6.36 0.59
N SER A 6 -22.70 -6.92 1.34
CA SER A 6 -21.35 -6.37 1.42
C SER A 6 -20.46 -6.98 0.34
N GLY A 7 -20.99 -7.07 -0.88
CA GLY A 7 -20.23 -7.62 -1.99
C GLY A 7 -19.03 -6.77 -2.35
N LYS A 8 -17.84 -7.28 -2.09
CA LYS A 8 -16.61 -6.56 -2.40
C LYS A 8 -16.63 -6.04 -3.84
N ILE A 9 -16.16 -4.81 -4.02
CA ILE A 9 -16.11 -4.20 -5.35
C ILE A 9 -15.29 -5.03 -6.31
N SER A 10 -14.14 -5.52 -5.85
CA SER A 10 -13.25 -6.33 -6.67
C SER A 10 -12.22 -7.05 -5.80
N ASN A 11 -12.24 -8.37 -5.86
CA ASN A 11 -11.30 -9.19 -5.09
C ASN A 11 -9.94 -9.22 -5.76
N ILE A 12 -9.33 -8.06 -5.95
CA ILE A 12 -8.02 -7.96 -6.58
C ILE A 12 -6.91 -8.09 -5.55
N PHE A 13 -7.20 -7.67 -4.32
CA PHE A 13 -6.22 -7.73 -3.24
C PHE A 13 -6.44 -8.98 -2.38
N GLU A 14 -7.28 -9.88 -2.87
CA GLU A 14 -7.58 -11.12 -2.15
C GLU A 14 -6.32 -11.74 -1.57
N ASP A 15 -6.29 -11.89 -0.25
CA ASP A 15 -5.13 -12.47 0.42
C ASP A 15 -3.95 -11.50 0.40
N VAL A 16 -4.24 -10.22 0.48
CA VAL A 16 -3.20 -9.19 0.47
C VAL A 16 -3.37 -8.21 1.63
N GLU A 17 -2.32 -8.07 2.43
CA GLU A 17 -2.36 -7.16 3.58
C GLU A 17 -1.86 -5.78 3.19
N PHE A 18 -2.22 -4.78 4.00
CA PHE A 18 -1.81 -3.40 3.74
C PHE A 18 -1.68 -2.62 5.05
N CYS A 19 -0.69 -1.74 5.10
CA CYS A 19 -0.45 -0.92 6.29
C CYS A 19 -0.36 0.55 5.94
N VAL A 20 -1.41 1.30 6.27
CA VAL A 20 -1.46 2.73 5.98
C VAL A 20 -0.94 3.54 7.17
N MET A 21 -0.11 4.54 6.87
CA MET A 21 0.46 5.40 7.91
C MET A 21 -0.24 6.76 7.94
N SER A 22 -0.52 7.30 6.75
CA SER A 22 -1.18 8.60 6.65
C SER A 22 -1.64 8.85 5.22
N GLY A 23 -2.70 9.65 5.07
CA GLY A 23 -3.21 9.96 3.76
C GLY A 23 -2.95 11.40 3.35
N THR A 24 -3.50 11.81 2.21
CA THR A 24 -3.32 13.16 1.72
C THR A 24 -4.59 13.99 1.93
N ASP A 25 -4.58 15.23 1.43
CA ASP A 25 -5.72 16.12 1.56
C ASP A 25 -6.99 15.45 1.04
N SER A 26 -7.06 15.26 -0.27
CA SER A 26 -8.21 14.64 -0.90
C SER A 26 -8.57 13.33 -0.20
N GLN A 27 -7.58 12.45 -0.08
CA GLN A 27 -7.79 11.15 0.57
C GLN A 27 -7.10 11.11 1.93
N PRO A 28 -7.91 11.01 3.00
CA PRO A 28 -7.40 10.96 4.38
C PRO A 28 -6.68 9.65 4.68
N LYS A 29 -6.18 9.53 5.89
CA LYS A 29 -5.46 8.33 6.30
C LYS A 29 -6.35 7.09 6.18
N PRO A 30 -7.47 7.10 6.92
CA PRO A 30 -8.44 5.99 6.90
C PRO A 30 -9.18 5.88 5.57
N ASP A 31 -8.69 6.60 4.56
CA ASP A 31 -9.30 6.58 3.24
C ASP A 31 -9.00 5.27 2.52
N LEU A 32 -7.74 4.87 2.55
CA LEU A 32 -7.31 3.63 1.89
C LEU A 32 -7.73 2.42 2.72
N GLU A 33 -7.49 2.48 4.02
CA GLU A 33 -7.84 1.39 4.92
C GLU A 33 -9.21 0.80 4.57
N ASN A 34 -10.19 1.68 4.44
CA ASN A 34 -11.56 1.26 4.10
C ASN A 34 -11.60 0.65 2.70
N ARG A 35 -11.42 1.49 1.69
CA ARG A 35 -11.46 1.04 0.31
C ARG A 35 -10.82 -0.34 0.17
N ILE A 36 -9.56 -0.44 0.56
CA ILE A 36 -8.83 -1.71 0.49
C ILE A 36 -9.68 -2.86 1.03
N ALA A 37 -10.14 -2.72 2.27
CA ALA A 37 -10.96 -3.73 2.89
C ALA A 37 -12.14 -4.12 2.01
N GLU A 38 -12.55 -3.19 1.15
CA GLU A 38 -13.67 -3.43 0.24
C GLU A 38 -13.20 -4.14 -1.02
N PHE A 39 -11.93 -3.98 -1.34
CA PHE A 39 -11.34 -4.61 -2.52
C PHE A 39 -10.77 -5.98 -2.19
N GLY A 40 -10.98 -6.42 -0.96
CA GLY A 40 -10.46 -7.72 -0.54
C GLY A 40 -9.03 -7.64 -0.05
N GLY A 41 -8.79 -6.75 0.91
CA GLY A 41 -7.44 -6.60 1.46
C GLY A 41 -7.44 -6.45 2.96
N TYR A 42 -6.39 -6.93 3.60
CA TYR A 42 -6.26 -6.84 5.06
C TYR A 42 -5.58 -5.54 5.47
N ILE A 43 -6.08 -4.94 6.54
CA ILE A 43 -5.52 -3.68 7.04
C ILE A 43 -5.06 -3.83 8.48
N VAL A 44 -3.82 -3.44 8.75
CA VAL A 44 -3.26 -3.53 10.09
C VAL A 44 -2.75 -2.17 10.56
N GLN A 45 -2.28 -2.12 11.80
CA GLN A 45 -1.77 -0.88 12.37
C GLN A 45 -0.25 -0.76 12.17
N ASN A 46 0.45 -1.86 12.41
CA ASN A 46 1.90 -1.89 12.25
C ASN A 46 2.32 -2.97 11.28
N PRO A 47 3.30 -2.65 10.41
CA PRO A 47 3.81 -3.58 9.40
C PRO A 47 4.62 -4.70 10.03
N GLY A 48 4.44 -5.91 9.50
CA GLY A 48 5.16 -7.07 10.03
C GLY A 48 5.61 -8.02 8.93
N PRO A 49 5.86 -9.28 9.30
CA PRO A 49 6.30 -10.30 8.35
C PRO A 49 5.19 -10.71 7.38
N ASP A 50 3.94 -10.51 7.80
CA ASP A 50 2.80 -10.85 6.97
C ASP A 50 2.15 -9.59 6.39
N THR A 51 2.98 -8.67 5.90
CA THR A 51 2.49 -7.43 5.33
C THR A 51 3.05 -7.21 3.93
N TYR A 52 2.22 -6.68 3.04
CA TYR A 52 2.64 -6.43 1.66
C TYR A 52 3.60 -5.24 1.60
N CYS A 53 3.16 -4.09 2.10
CA CYS A 53 3.98 -2.89 2.10
C CYS A 53 3.30 -1.76 2.87
N VAL A 54 4.05 -0.70 3.15
CA VAL A 54 3.51 0.44 3.88
C VAL A 54 3.06 1.54 2.93
N ILE A 55 1.96 2.20 3.26
CA ILE A 55 1.43 3.28 2.44
C ILE A 55 1.51 4.61 3.17
N ALA A 56 2.33 5.52 2.64
CA ALA A 56 2.50 6.83 3.23
C ALA A 56 2.64 7.91 2.16
N GLY A 57 1.79 8.93 2.23
CA GLY A 57 1.83 10.00 1.25
C GLY A 57 2.83 11.08 1.62
N SER A 58 3.22 11.11 2.89
CA SER A 58 4.18 12.10 3.38
C SER A 58 5.08 11.50 4.45
N GLU A 59 6.34 11.92 4.45
CA GLU A 59 7.31 11.43 5.43
C GLU A 59 6.96 11.90 6.83
N ASN A 60 6.96 10.97 7.78
CA ASN A 60 6.63 11.29 9.17
C ASN A 60 7.47 10.45 10.13
N ILE A 61 7.25 10.66 11.43
CA ILE A 61 7.99 9.92 12.45
C ILE A 61 7.75 8.43 12.32
N ARG A 62 6.48 8.02 12.38
CA ARG A 62 6.12 6.61 12.27
C ARG A 62 6.73 5.98 11.02
N VAL A 63 6.40 6.56 9.87
CA VAL A 63 6.91 6.07 8.60
C VAL A 63 8.42 5.81 8.67
N LYS A 64 9.13 6.73 9.31
CA LYS A 64 10.58 6.60 9.45
C LYS A 64 10.95 5.25 10.06
N ASN A 65 10.45 4.98 11.26
CA ASN A 65 10.73 3.72 11.94
C ASN A 65 10.69 2.55 10.96
N ILE A 66 9.66 2.53 10.14
CA ILE A 66 9.51 1.45 9.15
C ILE A 66 10.63 1.49 8.12
N ILE A 67 11.03 2.69 7.72
CA ILE A 67 12.10 2.85 6.76
C ILE A 67 13.44 2.37 7.33
N LEU A 68 13.77 2.84 8.52
CA LEU A 68 15.01 2.46 9.19
C LEU A 68 15.22 0.94 9.13
N SER A 69 14.31 0.21 9.77
CA SER A 69 14.38 -1.25 9.79
C SER A 69 14.86 -1.79 8.45
N ASN A 70 14.44 -1.14 7.37
CA ASN A 70 14.81 -1.55 6.03
C ASN A 70 14.27 -2.94 5.71
N LYS A 71 13.02 -3.19 6.10
CA LYS A 71 12.38 -4.48 5.85
C LYS A 71 11.29 -4.36 4.79
N HIS A 72 10.49 -3.30 4.89
CA HIS A 72 9.41 -3.08 3.94
C HIS A 72 9.65 -1.79 3.15
N ASP A 73 9.01 -1.67 1.99
CA ASP A 73 9.15 -0.49 1.15
C ASP A 73 7.99 0.48 1.37
N VAL A 74 8.26 1.76 1.16
CA VAL A 74 7.24 2.78 1.34
C VAL A 74 6.57 3.14 0.01
N VAL A 75 5.25 3.03 -0.03
CA VAL A 75 4.50 3.33 -1.25
C VAL A 75 3.54 4.49 -1.01
N LYS A 76 3.29 5.27 -2.05
CA LYS A 76 2.38 6.41 -1.97
C LYS A 76 0.93 5.95 -1.95
N PRO A 77 0.09 6.69 -1.21
CA PRO A 77 -1.34 6.37 -1.09
C PRO A 77 -2.10 6.63 -2.40
N ALA A 78 -1.38 7.12 -3.41
CA ALA A 78 -1.99 7.40 -4.70
C ALA A 78 -2.09 6.14 -5.55
N TRP A 79 -0.99 5.40 -5.62
CA TRP A 79 -0.95 4.16 -6.40
C TRP A 79 -2.19 3.31 -6.14
N LEU A 80 -2.70 3.37 -4.91
CA LEU A 80 -3.88 2.61 -4.53
C LEU A 80 -5.11 3.12 -5.28
N LEU A 81 -5.22 4.43 -5.41
CA LEU A 81 -6.34 5.04 -6.12
C LEU A 81 -6.52 4.42 -7.50
N GLU A 82 -5.44 4.32 -8.25
CA GLU A 82 -5.48 3.75 -9.59
C GLU A 82 -6.24 2.43 -9.59
N CYS A 83 -6.25 1.76 -8.45
CA CYS A 83 -6.93 0.47 -8.31
C CYS A 83 -8.40 0.68 -7.97
N PHE A 84 -8.67 1.68 -7.15
CA PHE A 84 -10.04 1.98 -6.73
C PHE A 84 -10.84 2.58 -7.88
N LYS A 85 -10.13 3.06 -8.91
CA LYS A 85 -10.76 3.65 -10.06
C LYS A 85 -10.89 2.64 -11.20
N THR A 86 -9.79 1.94 -11.48
CA THR A 86 -9.78 0.94 -12.55
C THR A 86 -10.23 -0.42 -12.02
N LYS A 87 -10.35 -0.54 -10.70
CA LYS A 87 -10.78 -1.78 -10.07
C LYS A 87 -9.94 -2.95 -10.57
N SER A 88 -8.62 -2.74 -10.65
CA SER A 88 -7.71 -3.78 -11.10
C SER A 88 -6.36 -3.67 -10.40
N PHE A 89 -5.61 -4.76 -10.40
CA PHE A 89 -4.30 -4.79 -9.75
C PHE A 89 -3.26 -4.06 -10.61
N VAL A 90 -2.93 -2.84 -10.19
CA VAL A 90 -1.95 -2.02 -10.91
C VAL A 90 -0.52 -2.35 -10.45
N PRO A 91 0.39 -2.50 -11.42
CA PRO A 91 1.79 -2.81 -11.15
C PRO A 91 2.53 -1.64 -10.50
N TRP A 92 3.56 -1.95 -9.72
CA TRP A 92 4.34 -0.93 -9.04
C TRP A 92 5.08 -0.05 -10.05
N GLN A 93 5.05 1.25 -9.83
CA GLN A 93 5.72 2.20 -10.71
C GLN A 93 6.80 2.98 -9.97
N PRO A 94 7.80 3.46 -10.72
CA PRO A 94 8.92 4.22 -10.15
C PRO A 94 8.48 5.61 -9.67
N ARG A 95 7.24 5.98 -10.00
CA ARG A 95 6.70 7.27 -9.61
C ARG A 95 5.83 7.15 -8.37
N PHE A 96 5.36 5.93 -8.10
CA PHE A 96 4.52 5.67 -6.94
C PHE A 96 5.36 5.32 -5.71
N MET A 97 6.43 4.56 -5.94
CA MET A 97 7.31 4.17 -4.85
C MET A 97 8.16 5.35 -4.37
N ILE A 98 8.28 5.49 -3.06
CA ILE A 98 9.06 6.58 -2.48
C ILE A 98 10.43 6.09 -2.05
N HIS A 99 10.47 4.92 -1.42
CA HIS A 99 11.73 4.34 -0.96
C HIS A 99 11.76 2.83 -1.23
N MET A 100 12.76 2.40 -2.01
CA MET A 100 12.91 0.99 -2.34
C MET A 100 14.28 0.47 -1.91
N CYS A 101 14.27 -0.61 -1.13
CA CYS A 101 15.51 -1.20 -0.65
C CYS A 101 16.48 -1.44 -1.79
N PRO A 102 17.78 -1.53 -1.46
CA PRO A 102 18.83 -1.77 -2.45
C PRO A 102 18.79 -3.17 -3.03
N SER A 103 17.92 -4.01 -2.47
CA SER A 103 17.78 -5.39 -2.92
C SER A 103 16.65 -5.52 -3.94
N THR A 104 15.78 -4.51 -3.98
CA THR A 104 14.66 -4.51 -4.91
C THR A 104 14.96 -3.68 -6.14
N LYS A 105 15.64 -2.55 -5.93
CA LYS A 105 16.00 -1.66 -7.03
C LYS A 105 16.62 -2.44 -8.18
N GLU A 106 17.28 -3.55 -7.86
CA GLU A 106 17.93 -4.39 -8.86
C GLU A 106 16.92 -4.81 -9.93
N HIS A 107 15.76 -5.29 -9.49
CA HIS A 107 14.71 -5.74 -10.42
C HIS A 107 14.27 -4.60 -11.32
N PHE A 108 14.13 -3.41 -10.74
CA PHE A 108 13.71 -2.23 -11.49
C PHE A 108 14.75 -1.85 -12.55
N ALA A 109 16.00 -1.72 -12.12
CA ALA A 109 17.08 -1.36 -13.03
C ALA A 109 16.97 -2.12 -14.34
N ARG A 110 16.38 -3.32 -14.28
CA ARG A 110 16.21 -4.14 -15.47
C ARG A 110 15.08 -3.61 -16.35
N GLU A 111 13.94 -3.32 -15.74
CA GLU A 111 12.80 -2.79 -16.47
C GLU A 111 13.20 -1.62 -17.36
N TYR A 112 14.00 -0.71 -16.81
CA TYR A 112 14.46 0.44 -17.56
C TYR A 112 14.99 0.04 -18.94
N ASP A 113 15.79 -1.01 -18.96
CA ASP A 113 16.36 -1.51 -20.21
C ASP A 113 15.83 -2.90 -20.54
#